data_2LYH
#
_entry.id   2LYH
#
_cell.length_a   1.000
_cell.length_b   1.000
_cell.length_c   1.000
_cell.angle_alpha   90.00
_cell.angle_beta   90.00
_cell.angle_gamma   90.00
#
_symmetry.space_group_name_H-M   'P 1'
#
_entity_poly.entity_id   1
_entity_poly.type   'polypeptide(L)'
_entity_poly.pdbx_seq_one_letter_code
;MGSSHHHHHHSSHMLVPRGSLEPSKNPLLGKKRALLLSEPSLLRTVQQIPGVGKVKAPLLLQKFPSIQQLSNASIGELEQ
VVGQAVAQQIHAFFTQPR
;
_entity_poly.pdbx_strand_id   A
#
# COMPACT_ATOMS: atom_id res chain seq x y z
N SER A 24 30.70 0.49 -31.55
CA SER A 24 30.56 0.96 -30.20
C SER A 24 29.19 0.52 -29.68
N LYS A 25 29.20 -0.29 -28.67
CA LYS A 25 28.00 -0.83 -28.10
C LYS A 25 28.05 -0.71 -26.61
N ASN A 26 26.92 -0.86 -25.98
CA ASN A 26 26.86 -0.96 -24.55
C ASN A 26 27.28 -2.38 -24.23
N PRO A 27 28.31 -2.56 -23.39
CA PRO A 27 28.86 -3.89 -23.10
C PRO A 27 27.83 -4.85 -22.53
N LEU A 28 27.46 -5.80 -23.35
CA LEU A 28 26.54 -6.84 -22.94
C LEU A 28 27.34 -8.00 -22.38
N LEU A 29 28.65 -7.85 -22.45
CA LEU A 29 29.57 -8.81 -21.93
C LEU A 29 29.71 -8.61 -20.44
N GLY A 30 29.10 -9.48 -19.68
CA GLY A 30 29.19 -9.39 -18.26
C GLY A 30 27.84 -9.41 -17.59
N LYS A 31 27.84 -9.73 -16.32
CA LYS A 31 26.64 -9.76 -15.52
C LYS A 31 26.42 -8.37 -14.92
N LYS A 32 25.25 -7.83 -15.10
CA LYS A 32 24.97 -6.48 -14.63
C LYS A 32 23.78 -6.50 -13.67
N ARG A 33 23.97 -5.91 -12.52
CA ARG A 33 22.89 -5.73 -11.56
C ARG A 33 22.49 -4.28 -11.59
N ALA A 34 21.23 -4.00 -11.72
CA ALA A 34 20.78 -2.64 -11.81
C ALA A 34 19.61 -2.41 -10.89
N LEU A 35 19.88 -1.82 -9.77
CA LEU A 35 18.85 -1.47 -8.84
C LEU A 35 18.19 -0.20 -9.35
N LEU A 36 17.00 -0.34 -9.86
CA LEU A 36 16.34 0.73 -10.52
C LEU A 36 15.31 1.37 -9.62
N LEU A 37 15.30 2.66 -9.59
CA LEU A 37 14.32 3.39 -8.84
C LEU A 37 13.12 3.59 -9.74
N SER A 38 12.27 2.62 -9.75
CA SER A 38 11.09 2.66 -10.54
C SER A 38 9.92 2.16 -9.72
N GLU A 39 9.07 3.09 -9.34
CA GLU A 39 7.92 2.82 -8.53
C GLU A 39 6.85 2.21 -9.46
N PRO A 40 6.47 0.94 -9.23
CA PRO A 40 5.54 0.19 -10.12
C PRO A 40 4.08 0.51 -9.89
N SER A 41 3.83 1.66 -9.30
CA SER A 41 2.52 2.10 -8.93
C SER A 41 1.92 1.14 -7.91
N LEU A 42 2.61 1.04 -6.82
CA LEU A 42 2.23 0.17 -5.73
C LEU A 42 1.10 0.84 -4.95
N LEU A 43 1.09 2.16 -4.95
CA LEU A 43 0.09 2.96 -4.23
C LEU A 43 -1.34 2.66 -4.70
N ARG A 44 -1.50 2.29 -5.94
CA ARG A 44 -2.81 1.99 -6.47
C ARG A 44 -3.27 0.59 -6.03
N THR A 45 -2.32 -0.27 -5.78
CA THR A 45 -2.61 -1.59 -5.30
C THR A 45 -2.74 -1.58 -3.78
N VAL A 46 -2.05 -0.65 -3.15
CA VAL A 46 -2.00 -0.52 -1.71
C VAL A 46 -3.39 -0.12 -1.13
N GLN A 47 -4.18 0.52 -1.96
CA GLN A 47 -5.53 0.92 -1.57
C GLN A 47 -6.52 -0.25 -1.81
N GLN A 48 -6.03 -1.31 -2.44
CA GLN A 48 -6.85 -2.47 -2.76
C GLN A 48 -6.68 -3.55 -1.68
N ILE A 49 -5.88 -3.24 -0.69
CA ILE A 49 -5.60 -4.18 0.38
C ILE A 49 -6.80 -4.31 1.31
N PRO A 50 -7.22 -5.55 1.62
CA PRO A 50 -8.30 -5.78 2.57
C PRO A 50 -7.88 -5.34 3.98
N GLY A 51 -8.69 -4.54 4.59
CA GLY A 51 -8.38 -4.04 5.90
C GLY A 51 -8.20 -2.55 5.88
N VAL A 52 -7.86 -2.01 4.73
CA VAL A 52 -7.69 -0.57 4.58
C VAL A 52 -9.07 0.07 4.54
N GLY A 53 -9.86 -0.35 3.59
CA GLY A 53 -11.20 0.13 3.47
C GLY A 53 -11.33 1.36 2.62
N LYS A 54 -11.88 1.19 1.43
CA LYS A 54 -12.09 2.31 0.51
C LYS A 54 -13.16 3.27 1.04
N VAL A 55 -13.98 2.79 1.92
CA VAL A 55 -15.02 3.59 2.53
C VAL A 55 -14.42 4.38 3.68
N LYS A 56 -13.43 3.81 4.30
CA LYS A 56 -12.73 4.43 5.41
C LYS A 56 -11.66 5.36 4.92
N ALA A 57 -11.38 5.29 3.63
CA ALA A 57 -10.36 6.10 2.99
C ALA A 57 -10.48 7.60 3.29
N PRO A 58 -11.66 8.28 3.06
CA PRO A 58 -11.80 9.73 3.35
C PRO A 58 -11.62 10.06 4.85
N LEU A 59 -11.91 9.10 5.71
CA LEU A 59 -11.76 9.27 7.14
C LEU A 59 -10.29 9.16 7.50
N LEU A 60 -9.65 8.18 6.95
CA LEU A 60 -8.23 7.95 7.17
C LEU A 60 -7.40 9.01 6.45
N LEU A 61 -7.98 9.59 5.40
CA LEU A 61 -7.35 10.66 4.60
C LEU A 61 -7.21 11.94 5.45
N GLN A 62 -7.86 11.95 6.59
CA GLN A 62 -7.73 13.05 7.52
C GLN A 62 -6.40 12.95 8.26
N LYS A 63 -5.84 11.74 8.25
CA LYS A 63 -4.57 11.47 8.88
C LYS A 63 -3.48 11.31 7.85
N PHE A 64 -3.79 10.61 6.80
CA PHE A 64 -2.82 10.29 5.80
C PHE A 64 -3.01 11.14 4.56
N PRO A 65 -1.90 11.77 4.06
CA PRO A 65 -1.95 12.69 2.92
C PRO A 65 -2.60 12.11 1.67
N SER A 66 -2.29 10.87 1.37
CA SER A 66 -2.87 10.16 0.24
C SER A 66 -2.73 8.67 0.49
N ILE A 67 -3.24 7.84 -0.43
CA ILE A 67 -3.25 6.39 -0.25
C ILE A 67 -1.85 5.78 -0.09
N GLN A 68 -0.85 6.42 -0.67
CA GLN A 68 0.50 5.91 -0.63
C GLN A 68 1.08 5.99 0.80
N GLN A 69 0.77 7.06 1.51
CA GLN A 69 1.19 7.19 2.90
C GLN A 69 0.24 6.38 3.76
N LEU A 70 -1.00 6.34 3.32
CA LEU A 70 -2.11 5.69 4.02
C LEU A 70 -1.83 4.26 4.39
N SER A 71 -1.73 3.41 3.42
CA SER A 71 -1.53 2.01 3.69
C SER A 71 -0.10 1.73 4.15
N ASN A 72 0.83 2.60 3.76
CA ASN A 72 2.25 2.45 4.13
C ASN A 72 2.52 3.16 5.46
N ALA A 73 1.46 3.54 6.14
CA ALA A 73 1.53 4.08 7.47
C ALA A 73 2.05 3.03 8.45
N SER A 74 2.61 3.51 9.52
CA SER A 74 3.16 2.66 10.53
C SER A 74 2.04 1.82 11.17
N ILE A 75 2.43 0.67 11.71
CA ILE A 75 1.50 -0.28 12.34
C ILE A 75 0.64 0.42 13.39
N GLY A 76 1.25 1.32 14.12
CA GLY A 76 0.55 2.05 15.16
C GLY A 76 -0.62 2.85 14.63
N GLU A 77 -0.44 3.44 13.46
CA GLU A 77 -1.47 4.29 12.87
C GLU A 77 -2.55 3.45 12.26
N LEU A 78 -2.14 2.37 11.65
CA LEU A 78 -3.06 1.42 11.03
C LEU A 78 -3.87 0.67 12.11
N GLU A 79 -3.25 0.45 13.25
CA GLU A 79 -3.87 -0.26 14.37
C GLU A 79 -5.02 0.57 14.93
N GLN A 80 -4.86 1.87 14.80
CA GLN A 80 -5.84 2.84 15.24
C GLN A 80 -7.18 2.66 14.55
N VAL A 81 -7.15 2.25 13.32
CA VAL A 81 -8.37 2.16 12.55
C VAL A 81 -8.88 0.74 12.40
N VAL A 82 -8.00 -0.19 12.46
CA VAL A 82 -8.37 -1.60 12.43
C VAL A 82 -7.86 -2.36 13.63
N GLY A 83 -6.64 -2.79 13.59
CA GLY A 83 -6.07 -3.57 14.62
C GLY A 83 -4.65 -3.83 14.32
N GLN A 84 -3.92 -4.32 15.28
CA GLN A 84 -2.48 -4.55 15.16
C GLN A 84 -2.19 -5.60 14.08
N ALA A 85 -2.90 -6.71 14.13
CA ALA A 85 -2.66 -7.81 13.20
C ALA A 85 -3.14 -7.47 11.81
N VAL A 86 -4.20 -6.66 11.74
CA VAL A 86 -4.75 -6.24 10.46
C VAL A 86 -3.75 -5.30 9.82
N ALA A 87 -3.18 -4.48 10.66
CA ALA A 87 -2.16 -3.54 10.24
C ALA A 87 -0.96 -4.28 9.67
N GLN A 88 -0.60 -5.36 10.34
CA GLN A 88 0.49 -6.21 9.96
C GLN A 88 0.26 -6.82 8.59
N GLN A 89 -0.95 -7.33 8.30
CA GLN A 89 -1.20 -7.94 6.98
C GLN A 89 -1.14 -6.90 5.86
N ILE A 90 -1.58 -5.68 6.17
CA ILE A 90 -1.54 -4.58 5.23
C ILE A 90 -0.11 -4.16 4.99
N HIS A 91 0.59 -3.92 6.07
CA HIS A 91 1.94 -3.43 6.02
C HIS A 91 2.88 -4.49 5.43
N ALA A 92 2.63 -5.75 5.75
CA ALA A 92 3.42 -6.85 5.20
C ALA A 92 3.17 -7.01 3.70
N PHE A 93 1.94 -6.71 3.27
CA PHE A 93 1.49 -6.91 1.90
C PHE A 93 2.39 -6.22 0.87
N PHE A 94 2.64 -4.94 1.08
CA PHE A 94 3.46 -4.21 0.15
C PHE A 94 4.93 -4.43 0.38
N THR A 95 5.29 -4.82 1.60
CA THR A 95 6.67 -5.11 1.90
C THR A 95 7.12 -6.33 1.10
N GLN A 96 6.33 -7.39 1.20
CA GLN A 96 6.57 -8.59 0.47
C GLN A 96 5.23 -9.14 0.01
N PRO A 97 4.93 -9.09 -1.28
CA PRO A 97 3.70 -9.65 -1.82
C PRO A 97 3.91 -10.93 -2.64
N ARG A 98 2.84 -11.64 -2.84
CA ARG A 98 2.77 -12.79 -3.67
C ARG A 98 1.32 -13.17 -3.82
N SER A 24 7.93 2.99 22.24
CA SER A 24 7.86 1.56 22.23
C SER A 24 7.75 1.04 20.82
N LYS A 25 8.79 0.33 20.39
CA LYS A 25 8.86 -0.32 19.09
C LYS A 25 8.77 0.68 17.95
N ASN A 26 9.88 1.24 17.63
CA ASN A 26 10.01 2.22 16.57
C ASN A 26 10.47 1.51 15.30
N PRO A 27 10.22 2.11 14.10
CA PRO A 27 10.63 1.56 12.79
C PRO A 27 12.00 0.91 12.80
N LEU A 28 12.99 1.65 13.22
CA LEU A 28 14.32 1.14 13.28
C LEU A 28 15.11 1.96 14.30
N LEU A 29 15.52 1.31 15.36
CA LEU A 29 16.28 1.95 16.41
C LEU A 29 17.68 2.29 15.91
N GLY A 30 17.90 3.55 15.67
CA GLY A 30 19.16 4.00 15.24
C GLY A 30 19.03 4.92 14.07
N LYS A 31 20.00 4.89 13.23
CA LYS A 31 20.03 5.71 12.05
C LYS A 31 19.80 4.82 10.85
N LYS A 32 18.58 4.85 10.33
CA LYS A 32 18.23 4.01 9.21
C LYS A 32 18.80 4.60 7.91
N ARG A 33 18.75 3.83 6.89
CA ARG A 33 19.22 4.27 5.61
C ARG A 33 18.06 4.72 4.78
N ALA A 34 18.20 5.89 4.18
CA ALA A 34 17.25 6.36 3.23
C ALA A 34 17.51 5.56 1.99
N LEU A 35 16.70 4.58 1.80
CA LEU A 35 16.88 3.62 0.78
C LEU A 35 16.11 4.03 -0.44
N LEU A 36 16.83 4.18 -1.53
CA LEU A 36 16.22 4.55 -2.77
C LEU A 36 15.53 3.40 -3.42
N LEU A 37 14.34 3.19 -3.00
CA LEU A 37 13.46 2.30 -3.62
C LEU A 37 12.42 3.16 -4.31
N SER A 38 12.34 3.03 -5.58
CA SER A 38 11.45 3.84 -6.34
C SER A 38 10.07 3.24 -6.25
N GLU A 39 9.24 3.91 -5.51
CA GLU A 39 7.88 3.48 -5.22
C GLU A 39 7.02 3.67 -6.46
N PRO A 40 6.53 2.57 -7.06
CA PRO A 40 5.72 2.64 -8.27
C PRO A 40 4.26 2.98 -7.96
N SER A 41 3.39 2.76 -8.94
CA SER A 41 1.97 3.11 -8.82
C SER A 41 1.19 2.09 -7.94
N LEU A 42 1.92 1.34 -7.13
CA LEU A 42 1.39 0.33 -6.25
C LEU A 42 0.40 0.95 -5.25
N LEU A 43 0.51 2.28 -5.02
CA LEU A 43 -0.41 2.99 -4.11
C LEU A 43 -1.87 2.87 -4.57
N ARG A 44 -2.08 2.60 -5.84
CA ARG A 44 -3.41 2.43 -6.38
C ARG A 44 -3.98 1.09 -5.90
N THR A 45 -3.10 0.10 -5.80
CA THR A 45 -3.43 -1.24 -5.39
C THR A 45 -3.38 -1.40 -3.86
N VAL A 46 -2.53 -0.61 -3.20
CA VAL A 46 -2.34 -0.72 -1.74
C VAL A 46 -3.63 -0.36 -0.99
N GLN A 47 -4.45 0.47 -1.61
CA GLN A 47 -5.71 0.88 -1.02
C GLN A 47 -6.78 -0.19 -1.30
N GLN A 48 -6.44 -1.15 -2.15
CA GLN A 48 -7.35 -2.22 -2.55
C GLN A 48 -7.08 -3.46 -1.73
N ILE A 49 -6.13 -3.37 -0.83
CA ILE A 49 -5.80 -4.47 0.05
C ILE A 49 -6.94 -4.70 1.02
N PRO A 50 -7.40 -5.94 1.20
CA PRO A 50 -8.46 -6.25 2.14
C PRO A 50 -8.00 -5.90 3.55
N GLY A 51 -8.79 -5.15 4.25
CA GLY A 51 -8.43 -4.73 5.56
C GLY A 51 -8.26 -3.24 5.64
N VAL A 52 -7.86 -2.63 4.53
CA VAL A 52 -7.69 -1.17 4.47
C VAL A 52 -9.05 -0.50 4.63
N GLY A 53 -9.93 -0.76 3.69
CA GLY A 53 -11.25 -0.21 3.75
C GLY A 53 -11.42 0.95 2.81
N LYS A 54 -12.12 0.72 1.73
CA LYS A 54 -12.34 1.73 0.71
C LYS A 54 -13.46 2.68 1.07
N VAL A 55 -14.28 2.27 2.00
CA VAL A 55 -15.39 3.09 2.45
C VAL A 55 -14.91 4.06 3.52
N LYS A 56 -14.02 3.59 4.36
CA LYS A 56 -13.47 4.43 5.42
C LYS A 56 -12.24 5.18 4.93
N ALA A 57 -11.84 4.87 3.71
CA ALA A 57 -10.67 5.47 3.07
C ALA A 57 -10.69 7.00 3.04
N PRO A 58 -11.82 7.68 2.61
CA PRO A 58 -11.89 9.16 2.62
C PRO A 58 -11.65 9.73 4.01
N LEU A 59 -12.13 9.02 5.02
CA LEU A 59 -11.99 9.42 6.41
C LEU A 59 -10.53 9.30 6.82
N LEU A 60 -9.89 8.24 6.40
CA LEU A 60 -8.51 7.99 6.71
C LEU A 60 -7.63 8.98 5.95
N LEU A 61 -8.11 9.40 4.80
CA LEU A 61 -7.44 10.36 3.94
C LEU A 61 -7.46 11.77 4.57
N GLN A 62 -8.27 11.94 5.59
CA GLN A 62 -8.31 13.21 6.30
C GLN A 62 -7.27 13.19 7.41
N LYS A 63 -6.76 12.00 7.70
CA LYS A 63 -5.78 11.83 8.75
C LYS A 63 -4.40 11.75 8.11
N PHE A 64 -4.28 10.89 7.13
CA PHE A 64 -3.06 10.68 6.39
C PHE A 64 -3.08 11.55 5.14
N PRO A 65 -1.92 12.01 4.66
CA PRO A 65 -1.86 12.93 3.52
C PRO A 65 -2.27 12.29 2.19
N SER A 66 -2.00 11.01 2.06
CA SER A 66 -2.32 10.25 0.87
C SER A 66 -2.38 8.78 1.23
N ILE A 67 -3.02 7.97 0.39
CA ILE A 67 -3.14 6.53 0.64
C ILE A 67 -1.77 5.84 0.68
N GLN A 68 -0.82 6.39 -0.05
CA GLN A 68 0.52 5.85 -0.08
C GLN A 68 1.16 5.92 1.30
N GLN A 69 1.06 7.07 1.96
CA GLN A 69 1.66 7.23 3.28
C GLN A 69 0.78 6.48 4.28
N LEU A 70 -0.51 6.42 3.98
CA LEU A 70 -1.50 5.79 4.82
C LEU A 70 -1.13 4.33 5.04
N SER A 71 -1.04 3.58 3.97
CA SER A 71 -0.73 2.17 4.07
C SER A 71 0.75 1.93 4.41
N ASN A 72 1.61 2.89 4.10
CA ASN A 72 3.05 2.77 4.37
C ASN A 72 3.37 3.28 5.79
N ALA A 73 2.33 3.68 6.51
CA ALA A 73 2.42 4.09 7.90
C ALA A 73 2.82 2.93 8.81
N SER A 74 3.37 3.27 9.95
CA SER A 74 3.84 2.30 10.91
C SER A 74 2.65 1.47 11.45
N ILE A 75 2.95 0.30 12.00
CA ILE A 75 1.94 -0.62 12.55
C ILE A 75 1.03 0.09 13.54
N GLY A 76 1.60 0.96 14.36
CA GLY A 76 0.82 1.70 15.32
C GLY A 76 -0.22 2.58 14.64
N GLU A 77 0.18 3.24 13.58
CA GLU A 77 -0.68 4.18 12.87
C GLU A 77 -1.81 3.43 12.19
N LEU A 78 -1.47 2.29 11.63
CA LEU A 78 -2.41 1.41 10.95
C LEU A 78 -3.35 0.72 11.97
N GLU A 79 -2.85 0.49 13.16
CA GLU A 79 -3.64 -0.13 14.22
C GLU A 79 -4.63 0.89 14.73
N GLN A 80 -4.15 2.12 14.86
CA GLN A 80 -4.95 3.25 15.32
C GLN A 80 -6.17 3.49 14.45
N VAL A 81 -6.10 3.07 13.22
CA VAL A 81 -7.22 3.25 12.33
C VAL A 81 -8.01 1.97 12.10
N VAL A 82 -7.35 0.84 12.07
CA VAL A 82 -8.07 -0.40 11.88
C VAL A 82 -7.82 -1.36 13.04
N GLY A 83 -6.66 -2.01 13.04
CA GLY A 83 -6.36 -2.99 14.03
C GLY A 83 -4.95 -3.52 13.84
N GLN A 84 -4.40 -4.11 14.88
CA GLN A 84 -3.03 -4.62 14.88
C GLN A 84 -2.80 -5.73 13.86
N ALA A 85 -3.78 -6.58 13.70
CA ALA A 85 -3.67 -7.70 12.78
C ALA A 85 -3.82 -7.21 11.37
N VAL A 86 -4.65 -6.21 11.22
CA VAL A 86 -4.93 -5.61 9.95
C VAL A 86 -3.70 -4.87 9.45
N ALA A 87 -3.13 -4.14 10.36
CA ALA A 87 -1.92 -3.37 10.12
C ALA A 87 -0.85 -4.25 9.54
N GLN A 88 -0.73 -5.41 10.12
CA GLN A 88 0.23 -6.38 9.73
C GLN A 88 -0.04 -6.95 8.35
N GLN A 89 -1.29 -7.28 8.05
CA GLN A 89 -1.60 -7.86 6.74
C GLN A 89 -1.38 -6.84 5.62
N ILE A 90 -1.62 -5.58 5.93
CA ILE A 90 -1.41 -4.49 4.98
C ILE A 90 0.09 -4.22 4.84
N HIS A 91 0.76 -4.09 5.96
CA HIS A 91 2.17 -3.77 5.99
C HIS A 91 2.99 -4.90 5.37
N ALA A 92 2.70 -6.13 5.76
CA ALA A 92 3.41 -7.30 5.26
C ALA A 92 3.07 -7.61 3.81
N PHE A 93 2.06 -6.94 3.27
CA PHE A 93 1.66 -7.15 1.89
C PHE A 93 2.79 -6.68 0.97
N PHE A 94 3.32 -5.52 1.25
CA PHE A 94 4.39 -4.98 0.45
C PHE A 94 5.75 -5.24 1.09
N THR A 95 5.78 -5.30 2.42
CA THR A 95 7.03 -5.48 3.14
C THR A 95 7.54 -6.93 3.10
N GLN A 96 6.65 -7.89 3.18
CA GLN A 96 7.07 -9.28 3.23
C GLN A 96 7.08 -9.86 1.81
N PRO A 97 8.15 -10.58 1.45
CA PRO A 97 8.30 -11.24 0.14
C PRO A 97 7.11 -12.12 -0.25
N ARG A 98 6.99 -12.39 -1.51
CA ARG A 98 5.88 -13.14 -2.04
C ARG A 98 6.33 -14.50 -2.56
N SER A 24 -20.46 0.34 -23.95
CA SER A 24 -20.93 1.30 -23.01
C SER A 24 -20.80 0.71 -21.62
N LYS A 25 -19.91 1.27 -20.83
CA LYS A 25 -19.63 0.78 -19.50
C LYS A 25 -18.81 1.81 -18.74
N ASN A 26 -17.68 2.18 -19.29
CA ASN A 26 -16.76 3.08 -18.64
C ASN A 26 -17.23 4.51 -18.76
N PRO A 27 -17.26 5.26 -17.65
CA PRO A 27 -17.62 6.67 -17.68
C PRO A 27 -16.57 7.45 -18.47
N LEU A 28 -16.95 7.91 -19.63
CA LEU A 28 -16.04 8.58 -20.50
C LEU A 28 -16.74 9.72 -21.21
N LEU A 29 -16.42 10.91 -20.80
CA LEU A 29 -16.94 12.11 -21.40
C LEU A 29 -16.03 12.51 -22.54
N GLY A 30 -16.50 12.26 -23.73
CA GLY A 30 -15.75 12.52 -24.91
C GLY A 30 -16.13 11.50 -25.94
N LYS A 31 -15.22 11.17 -26.80
CA LYS A 31 -15.50 10.19 -27.81
C LYS A 31 -15.12 8.80 -27.34
N LYS A 32 -15.71 7.80 -27.97
CA LYS A 32 -15.52 6.43 -27.56
C LYS A 32 -14.17 5.91 -27.99
N ARG A 33 -13.24 5.96 -27.09
CA ARG A 33 -11.91 5.48 -27.29
C ARG A 33 -11.58 4.52 -26.18
N ALA A 34 -11.61 3.25 -26.51
CA ALA A 34 -11.32 2.24 -25.54
C ALA A 34 -9.82 2.01 -25.48
N LEU A 35 -9.21 2.57 -24.49
CA LEU A 35 -7.80 2.44 -24.29
C LEU A 35 -7.57 2.03 -22.86
N LEU A 36 -6.94 0.90 -22.69
CA LEU A 36 -6.60 0.42 -21.37
C LEU A 36 -5.46 1.24 -20.80
N LEU A 37 -5.39 1.31 -19.52
CA LEU A 37 -4.32 1.99 -18.86
C LEU A 37 -3.36 1.03 -18.27
N SER A 38 -2.18 0.97 -18.80
CA SER A 38 -1.17 0.22 -18.15
C SER A 38 -0.62 1.10 -17.04
N GLU A 39 -1.03 0.83 -15.86
CA GLU A 39 -0.59 1.59 -14.73
C GLU A 39 0.36 0.82 -13.85
N PRO A 40 1.51 1.42 -13.53
CA PRO A 40 2.42 0.92 -12.51
C PRO A 40 2.02 1.54 -11.15
N SER A 41 0.77 1.93 -11.09
CA SER A 41 0.18 2.55 -9.96
C SER A 41 -0.02 1.54 -8.83
N LEU A 42 0.83 1.62 -7.85
CA LEU A 42 0.73 0.77 -6.67
C LEU A 42 -0.10 1.40 -5.60
N LEU A 43 -0.25 2.71 -5.64
CA LEU A 43 -1.07 3.43 -4.67
C LEU A 43 -2.54 2.98 -4.73
N ARG A 44 -2.98 2.61 -5.91
CA ARG A 44 -4.33 2.11 -6.09
C ARG A 44 -4.47 0.68 -5.57
N THR A 45 -3.40 -0.08 -5.62
CA THR A 45 -3.41 -1.44 -5.14
C THR A 45 -3.25 -1.46 -3.61
N VAL A 46 -2.41 -0.58 -3.12
CA VAL A 46 -2.12 -0.47 -1.70
C VAL A 46 -3.40 -0.07 -0.91
N GLN A 47 -4.33 0.59 -1.58
CA GLN A 47 -5.57 0.98 -0.96
C GLN A 47 -6.64 -0.11 -1.12
N GLN A 48 -6.39 -1.11 -2.00
CA GLN A 48 -7.44 -2.09 -2.27
C GLN A 48 -7.33 -3.28 -1.35
N ILE A 49 -6.28 -3.27 -0.59
CA ILE A 49 -5.99 -4.34 0.35
C ILE A 49 -7.12 -4.46 1.38
N PRO A 50 -7.60 -5.68 1.66
CA PRO A 50 -8.65 -5.90 2.62
C PRO A 50 -8.20 -5.48 4.01
N GLY A 51 -8.98 -4.67 4.63
CA GLY A 51 -8.63 -4.17 5.92
C GLY A 51 -8.40 -2.69 5.88
N VAL A 52 -7.88 -2.21 4.75
CA VAL A 52 -7.65 -0.77 4.58
C VAL A 52 -9.00 -0.09 4.49
N GLY A 53 -9.81 -0.59 3.59
CA GLY A 53 -11.10 -0.05 3.40
C GLY A 53 -11.10 1.06 2.41
N LYS A 54 -11.32 0.72 1.16
CA LYS A 54 -11.32 1.70 0.09
C LYS A 54 -12.48 2.68 0.21
N VAL A 55 -13.52 2.29 0.89
CA VAL A 55 -14.68 3.15 1.07
C VAL A 55 -14.47 4.07 2.28
N LYS A 56 -13.69 3.61 3.25
CA LYS A 56 -13.41 4.41 4.45
C LYS A 56 -12.16 5.24 4.25
N ALA A 57 -11.65 5.25 3.02
CA ALA A 57 -10.47 6.03 2.66
C ALA A 57 -10.58 7.52 3.07
N PRO A 58 -11.71 8.26 2.78
CA PRO A 58 -11.87 9.68 3.21
C PRO A 58 -11.82 9.85 4.75
N LEU A 59 -12.12 8.78 5.46
CA LEU A 59 -12.09 8.74 6.90
C LEU A 59 -10.65 8.57 7.38
N LEU A 60 -9.83 8.10 6.51
CA LEU A 60 -8.47 7.87 6.83
C LEU A 60 -7.63 9.04 6.33
N LEU A 61 -8.05 9.59 5.19
CA LEU A 61 -7.38 10.74 4.53
C LEU A 61 -7.48 12.03 5.35
N GLN A 62 -8.22 11.99 6.43
CA GLN A 62 -8.24 13.09 7.36
C GLN A 62 -6.93 13.11 8.14
N LYS A 63 -6.44 11.93 8.43
CA LYS A 63 -5.20 11.76 9.15
C LYS A 63 -4.04 11.64 8.18
N PHE A 64 -4.19 10.76 7.23
CA PHE A 64 -3.14 10.47 6.27
C PHE A 64 -3.27 11.37 5.05
N PRO A 65 -2.15 11.79 4.44
CA PRO A 65 -2.19 12.73 3.32
C PRO A 65 -2.76 12.11 2.05
N SER A 66 -2.32 10.91 1.75
CA SER A 66 -2.78 10.18 0.62
C SER A 66 -2.64 8.70 0.93
N ILE A 67 -3.24 7.87 0.11
CA ILE A 67 -3.33 6.43 0.34
C ILE A 67 -2.01 5.69 0.43
N GLN A 68 -0.98 6.13 -0.28
CA GLN A 68 0.28 5.42 -0.21
C GLN A 68 0.90 5.57 1.17
N GLN A 69 0.92 6.80 1.70
CA GLN A 69 1.49 7.03 3.03
C GLN A 69 0.58 6.35 4.04
N LEU A 70 -0.71 6.33 3.73
CA LEU A 70 -1.74 5.75 4.57
C LEU A 70 -1.42 4.30 4.83
N SER A 71 -1.37 3.50 3.80
CA SER A 71 -1.09 2.09 3.97
C SER A 71 0.37 1.83 4.36
N ASN A 72 1.28 2.73 3.96
CA ASN A 72 2.72 2.58 4.23
C ASN A 72 3.05 3.03 5.66
N ALA A 73 2.04 3.52 6.36
CA ALA A 73 2.17 3.94 7.75
C ALA A 73 2.49 2.75 8.64
N SER A 74 3.10 3.01 9.76
CA SER A 74 3.54 1.96 10.66
C SER A 74 2.35 1.24 11.27
N ILE A 75 2.64 0.13 11.94
CA ILE A 75 1.63 -0.73 12.56
C ILE A 75 0.84 0.07 13.57
N GLY A 76 1.54 0.93 14.30
CA GLY A 76 0.90 1.77 15.28
C GLY A 76 -0.15 2.69 14.66
N GLU A 77 0.16 3.20 13.47
CA GLU A 77 -0.70 4.14 12.77
C GLU A 77 -1.87 3.38 12.12
N LEU A 78 -1.54 2.25 11.53
CA LEU A 78 -2.53 1.38 10.87
C LEU A 78 -3.49 0.75 11.89
N GLU A 79 -3.04 0.61 13.11
CA GLU A 79 -3.85 0.02 14.17
C GLU A 79 -4.91 1.02 14.58
N GLN A 80 -4.56 2.29 14.47
CA GLN A 80 -5.42 3.39 14.83
C GLN A 80 -6.60 3.52 13.89
N VAL A 81 -6.46 2.95 12.73
CA VAL A 81 -7.53 2.96 11.78
C VAL A 81 -8.21 1.60 11.68
N VAL A 82 -7.44 0.54 11.86
CA VAL A 82 -8.02 -0.78 11.86
C VAL A 82 -7.68 -1.54 13.14
N GLY A 83 -6.51 -2.18 13.17
CA GLY A 83 -6.11 -2.98 14.29
C GLY A 83 -4.73 -3.52 14.06
N GLN A 84 -4.14 -4.10 15.09
CA GLN A 84 -2.74 -4.60 15.07
C GLN A 84 -2.52 -5.66 14.00
N ALA A 85 -3.34 -6.68 14.01
CA ALA A 85 -3.16 -7.84 13.14
C ALA A 85 -3.42 -7.47 11.70
N VAL A 86 -4.36 -6.59 11.50
CA VAL A 86 -4.74 -6.17 10.17
C VAL A 86 -3.64 -5.30 9.62
N ALA A 87 -3.10 -4.50 10.50
CA ALA A 87 -2.01 -3.60 10.18
C ALA A 87 -0.84 -4.40 9.64
N GLN A 88 -0.54 -5.48 10.29
CA GLN A 88 0.53 -6.36 9.93
C GLN A 88 0.31 -7.00 8.56
N GLN A 89 -0.90 -7.44 8.28
CA GLN A 89 -1.18 -8.05 6.97
C GLN A 89 -1.27 -7.00 5.85
N ILE A 90 -1.59 -5.78 6.21
CA ILE A 90 -1.59 -4.66 5.27
C ILE A 90 -0.15 -4.23 5.00
N HIS A 91 0.59 -4.02 6.07
CA HIS A 91 1.97 -3.57 5.99
C HIS A 91 2.84 -4.60 5.30
N ALA A 92 2.71 -5.86 5.70
CA ALA A 92 3.51 -6.93 5.10
C ALA A 92 3.18 -7.15 3.63
N PHE A 93 2.01 -6.70 3.20
CA PHE A 93 1.54 -6.87 1.82
C PHE A 93 2.51 -6.23 0.84
N PHE A 94 2.97 -5.05 1.14
CA PHE A 94 3.89 -4.36 0.27
C PHE A 94 5.33 -4.50 0.75
N THR A 95 5.50 -4.71 2.03
CA THR A 95 6.84 -4.83 2.59
C THR A 95 7.50 -6.19 2.26
N GLN A 96 6.71 -7.24 2.21
CA GLN A 96 7.22 -8.55 1.97
C GLN A 96 6.82 -9.03 0.56
N PRO A 97 7.79 -9.32 -0.32
CA PRO A 97 7.53 -9.80 -1.68
C PRO A 97 6.91 -11.20 -1.70
N ARG A 98 6.46 -11.58 -2.85
CA ARG A 98 5.79 -12.86 -3.05
C ARG A 98 6.83 -13.92 -3.37
N SER A 24 23.18 -3.37 -49.56
CA SER A 24 21.84 -2.86 -49.51
C SER A 24 21.21 -3.21 -48.17
N LYS A 25 20.66 -2.24 -47.49
CA LYS A 25 20.03 -2.52 -46.22
C LYS A 25 18.55 -2.68 -46.44
N ASN A 26 17.95 -3.51 -45.65
CA ASN A 26 16.54 -3.78 -45.78
C ASN A 26 15.78 -2.82 -44.89
N PRO A 27 14.71 -2.18 -45.39
CA PRO A 27 13.94 -1.24 -44.60
C PRO A 27 13.04 -1.94 -43.58
N LEU A 28 13.56 -2.08 -42.38
CA LEU A 28 12.80 -2.60 -41.28
C LEU A 28 12.05 -1.47 -40.60
N LEU A 29 12.58 -0.26 -40.78
CA LEU A 29 12.01 0.96 -40.22
C LEU A 29 10.54 1.14 -40.62
N GLY A 30 9.70 1.28 -39.63
CA GLY A 30 8.30 1.49 -39.82
C GLY A 30 7.71 1.87 -38.49
N LYS A 31 6.42 1.99 -38.41
CA LYS A 31 5.80 2.33 -37.15
C LYS A 31 5.48 1.08 -36.37
N LYS A 32 6.38 0.69 -35.54
CA LYS A 32 6.19 -0.47 -34.71
C LYS A 32 5.59 -0.05 -33.41
N ARG A 33 4.36 -0.44 -33.18
CA ARG A 33 3.67 -0.11 -31.96
C ARG A 33 4.26 -0.97 -30.84
N ALA A 34 5.07 -0.37 -30.04
CA ALA A 34 5.76 -1.04 -28.98
C ALA A 34 5.13 -0.61 -27.71
N LEU A 35 4.31 -1.44 -27.20
CA LEU A 35 3.54 -1.11 -26.06
C LEU A 35 3.86 -2.03 -24.91
N LEU A 36 4.66 -1.52 -24.00
CA LEU A 36 5.05 -2.26 -22.82
C LEU A 36 4.10 -1.89 -21.71
N LEU A 37 3.53 -2.85 -21.05
CA LEU A 37 2.63 -2.53 -19.99
C LEU A 37 3.37 -2.27 -18.69
N SER A 38 3.44 -1.03 -18.34
CA SER A 38 4.01 -0.63 -17.11
C SER A 38 2.90 -0.03 -16.27
N GLU A 39 2.82 -0.40 -15.02
CA GLU A 39 1.75 0.09 -14.19
C GLU A 39 2.28 1.30 -13.38
N PRO A 40 1.85 2.52 -13.73
CA PRO A 40 2.36 3.74 -13.08
C PRO A 40 1.90 3.88 -11.63
N SER A 41 0.64 3.64 -11.39
CA SER A 41 0.10 3.81 -10.08
C SER A 41 -0.06 2.46 -9.38
N LEU A 42 0.78 2.21 -8.40
CA LEU A 42 0.67 1.03 -7.56
C LEU A 42 -0.15 1.42 -6.33
N LEU A 43 -0.07 2.71 -5.99
CA LEU A 43 -0.82 3.27 -4.85
C LEU A 43 -2.32 3.11 -5.01
N ARG A 44 -2.79 2.99 -6.24
CA ARG A 44 -4.20 2.76 -6.50
C ARG A 44 -4.62 1.40 -5.95
N THR A 45 -3.69 0.46 -5.91
CA THR A 45 -3.94 -0.87 -5.43
C THR A 45 -3.74 -0.96 -3.90
N VAL A 46 -2.84 -0.15 -3.37
CA VAL A 46 -2.50 -0.18 -1.95
C VAL A 46 -3.71 0.23 -1.07
N GLN A 47 -4.61 1.01 -1.65
CA GLN A 47 -5.82 1.44 -0.95
C GLN A 47 -6.90 0.34 -1.01
N GLN A 48 -6.68 -0.66 -1.87
CA GLN A 48 -7.65 -1.71 -2.09
C GLN A 48 -7.35 -2.92 -1.23
N ILE A 49 -6.29 -2.82 -0.44
CA ILE A 49 -5.87 -3.90 0.43
C ILE A 49 -6.93 -4.12 1.52
N PRO A 50 -7.34 -5.39 1.76
CA PRO A 50 -8.33 -5.71 2.78
C PRO A 50 -7.86 -5.25 4.16
N GLY A 51 -8.69 -4.52 4.83
CA GLY A 51 -8.35 -4.00 6.11
C GLY A 51 -8.22 -2.50 6.07
N VAL A 52 -7.82 -1.98 4.92
CA VAL A 52 -7.68 -0.55 4.75
C VAL A 52 -9.07 0.09 4.67
N GLY A 53 -9.79 -0.25 3.62
CA GLY A 53 -11.12 0.25 3.48
C GLY A 53 -11.22 1.39 2.50
N LYS A 54 -11.84 1.15 1.37
CA LYS A 54 -11.99 2.19 0.36
C LYS A 54 -13.18 3.08 0.65
N VAL A 55 -14.07 2.60 1.47
CA VAL A 55 -15.23 3.37 1.90
C VAL A 55 -14.82 4.28 3.07
N LYS A 56 -13.88 3.79 3.84
CA LYS A 56 -13.36 4.52 4.98
C LYS A 56 -12.17 5.38 4.54
N ALA A 57 -11.81 5.23 3.27
CA ALA A 57 -10.68 5.95 2.67
C ALA A 57 -10.76 7.49 2.81
N PRO A 58 -11.92 8.17 2.52
CA PRO A 58 -12.01 9.64 2.66
C PRO A 58 -11.74 10.07 4.09
N LEU A 59 -12.20 9.27 5.01
CA LEU A 59 -11.98 9.48 6.43
C LEU A 59 -10.49 9.30 6.74
N LEU A 60 -9.92 8.26 6.19
CA LEU A 60 -8.51 7.96 6.37
C LEU A 60 -7.64 9.04 5.73
N LEU A 61 -8.13 9.63 4.64
CA LEU A 61 -7.44 10.70 3.94
C LEU A 61 -7.47 12.01 4.71
N GLN A 62 -8.22 12.03 5.79
CA GLN A 62 -8.26 13.17 6.66
C GLN A 62 -7.28 12.96 7.81
N LYS A 63 -6.76 11.76 7.89
CA LYS A 63 -5.79 11.43 8.91
C LYS A 63 -4.42 11.33 8.26
N PHE A 64 -4.37 10.58 7.22
CA PHE A 64 -3.18 10.37 6.44
C PHE A 64 -3.27 11.26 5.22
N PRO A 65 -2.12 11.73 4.68
CA PRO A 65 -2.14 12.68 3.57
C PRO A 65 -2.70 12.06 2.29
N SER A 66 -2.24 10.86 1.97
CA SER A 66 -2.67 10.15 0.80
C SER A 66 -2.55 8.65 1.08
N ILE A 67 -3.14 7.84 0.22
CA ILE A 67 -3.21 6.38 0.41
C ILE A 67 -1.86 5.67 0.49
N GLN A 68 -0.84 6.18 -0.18
CA GLN A 68 0.44 5.49 -0.17
C GLN A 68 1.10 5.58 1.19
N GLN A 69 0.98 6.74 1.84
CA GLN A 69 1.54 6.93 3.16
C GLN A 69 0.64 6.22 4.14
N LEU A 70 -0.64 6.21 3.81
CA LEU A 70 -1.69 5.61 4.63
C LEU A 70 -1.36 4.15 4.88
N SER A 71 -1.28 3.38 3.84
CA SER A 71 -1.01 1.97 3.98
C SER A 71 0.45 1.72 4.45
N ASN A 72 1.38 2.58 4.03
CA ASN A 72 2.81 2.42 4.37
C ASN A 72 3.12 2.99 5.76
N ALA A 73 2.09 3.44 6.43
CA ALA A 73 2.16 3.92 7.79
C ALA A 73 2.53 2.79 8.73
N SER A 74 3.10 3.14 9.84
CA SER A 74 3.59 2.22 10.82
C SER A 74 2.43 1.38 11.38
N ILE A 75 2.75 0.23 11.95
CA ILE A 75 1.76 -0.69 12.51
C ILE A 75 0.84 0.02 13.52
N GLY A 76 1.39 0.95 14.27
CA GLY A 76 0.61 1.69 15.25
C GLY A 76 -0.38 2.64 14.60
N GLU A 77 -0.05 3.12 13.42
CA GLU A 77 -0.89 4.07 12.71
C GLU A 77 -1.98 3.31 12.00
N LEU A 78 -1.68 2.12 11.61
CA LEU A 78 -2.65 1.24 11.02
C LEU A 78 -3.53 0.59 12.12
N GLU A 79 -2.96 0.42 13.30
CA GLU A 79 -3.67 -0.20 14.43
C GLU A 79 -4.75 0.74 14.91
N GLN A 80 -4.45 2.01 14.85
CA GLN A 80 -5.34 3.05 15.33
C GLN A 80 -6.62 3.14 14.48
N VAL A 81 -6.55 2.63 13.25
CA VAL A 81 -7.69 2.64 12.36
C VAL A 81 -8.35 1.27 12.24
N VAL A 82 -7.55 0.23 12.37
CA VAL A 82 -8.07 -1.13 12.42
C VAL A 82 -7.57 -1.90 13.62
N GLY A 83 -6.40 -2.47 13.53
CA GLY A 83 -5.85 -3.29 14.56
C GLY A 83 -4.48 -3.71 14.13
N GLN A 84 -3.66 -4.19 15.03
CA GLN A 84 -2.30 -4.55 14.70
C GLN A 84 -2.23 -5.76 13.81
N ALA A 85 -3.10 -6.74 14.06
CA ALA A 85 -3.12 -7.98 13.27
C ALA A 85 -3.50 -7.68 11.82
N VAL A 86 -4.28 -6.63 11.64
CA VAL A 86 -4.70 -6.19 10.33
C VAL A 86 -3.58 -5.39 9.72
N ALA A 87 -3.01 -4.56 10.55
CA ALA A 87 -1.94 -3.64 10.17
C ALA A 87 -0.76 -4.40 9.60
N GLN A 88 -0.40 -5.46 10.27
CA GLN A 88 0.69 -6.30 9.93
C GLN A 88 0.50 -6.92 8.56
N GLN A 89 -0.68 -7.42 8.28
CA GLN A 89 -0.92 -8.06 6.99
C GLN A 89 -1.02 -7.03 5.86
N ILE A 90 -1.55 -5.85 6.17
CA ILE A 90 -1.60 -4.76 5.21
C ILE A 90 -0.19 -4.29 4.89
N HIS A 91 0.59 -4.06 5.93
CA HIS A 91 1.92 -3.56 5.77
C HIS A 91 2.81 -4.62 5.14
N ALA A 92 2.62 -5.87 5.54
CA ALA A 92 3.38 -6.98 4.95
C ALA A 92 3.05 -7.18 3.46
N PHE A 93 1.84 -6.83 3.07
CA PHE A 93 1.35 -7.03 1.69
C PHE A 93 2.28 -6.39 0.67
N PHE A 94 2.66 -5.16 0.92
CA PHE A 94 3.52 -4.43 0.00
C PHE A 94 4.99 -4.55 0.38
N THR A 95 5.26 -4.87 1.63
CA THR A 95 6.62 -5.03 2.09
C THR A 95 7.22 -6.36 1.60
N GLN A 96 6.41 -7.39 1.53
CA GLN A 96 6.84 -8.65 0.99
C GLN A 96 6.76 -8.55 -0.53
N PRO A 97 7.80 -9.01 -1.25
CA PRO A 97 7.88 -8.95 -2.72
C PRO A 97 6.64 -9.50 -3.43
N ARG A 98 6.49 -9.10 -4.65
CA ARG A 98 5.38 -9.54 -5.44
C ARG A 98 5.80 -10.69 -6.33
N SER A 24 3.19 -30.99 -17.06
CA SER A 24 2.53 -30.39 -18.17
C SER A 24 3.57 -29.97 -19.21
N LYS A 25 3.46 -30.51 -20.40
CA LYS A 25 4.39 -30.22 -21.48
C LYS A 25 3.66 -29.59 -22.65
N ASN A 26 2.44 -29.19 -22.41
CA ASN A 26 1.63 -28.53 -23.40
C ASN A 26 0.88 -27.42 -22.70
N PRO A 27 1.05 -26.15 -23.15
CA PRO A 27 0.35 -25.01 -22.57
C PRO A 27 -1.16 -25.22 -22.44
N LEU A 28 -1.59 -25.32 -21.21
CA LEU A 28 -2.98 -25.48 -20.87
C LEU A 28 -3.27 -24.57 -19.69
N LEU A 29 -2.48 -24.74 -18.66
CA LEU A 29 -2.53 -23.87 -17.50
C LEU A 29 -1.38 -22.88 -17.59
N GLY A 30 -1.35 -21.92 -16.71
CA GLY A 30 -0.28 -20.96 -16.75
C GLY A 30 -0.55 -19.81 -15.83
N LYS A 31 -0.02 -18.68 -16.17
CA LYS A 31 -0.14 -17.47 -15.38
C LYS A 31 -0.71 -16.38 -16.26
N LYS A 32 -1.56 -15.54 -15.70
CA LYS A 32 -2.13 -14.45 -16.47
C LYS A 32 -1.08 -13.40 -16.76
N ARG A 33 -1.08 -12.93 -17.96
CA ARG A 33 -0.21 -11.86 -18.34
C ARG A 33 -0.87 -10.59 -17.92
N ALA A 34 -0.49 -10.13 -16.73
CA ALA A 34 -0.99 -8.90 -16.15
C ALA A 34 -0.82 -7.79 -17.14
N LEU A 35 -1.91 -7.28 -17.62
CA LEU A 35 -1.90 -6.28 -18.63
C LEU A 35 -2.82 -5.17 -18.23
N LEU A 36 -2.27 -4.17 -17.65
CA LEU A 36 -2.96 -3.00 -17.25
C LEU A 36 -2.09 -1.84 -17.54
N LEU A 37 -2.64 -0.65 -17.53
CA LEU A 37 -1.86 0.55 -17.74
C LEU A 37 -1.00 0.73 -16.48
N SER A 38 0.17 0.19 -16.55
CA SER A 38 1.07 0.16 -15.46
C SER A 38 2.04 1.32 -15.50
N GLU A 39 1.79 2.27 -14.69
CA GLU A 39 2.69 3.35 -14.42
C GLU A 39 3.18 3.12 -13.00
N PRO A 40 4.27 3.80 -12.55
CA PRO A 40 4.69 3.68 -11.15
C PRO A 40 3.57 4.15 -10.22
N SER A 41 2.82 3.20 -9.75
CA SER A 41 1.66 3.42 -8.95
C SER A 41 1.28 2.11 -8.28
N LEU A 42 1.83 1.89 -7.12
CA LEU A 42 1.46 0.75 -6.33
C LEU A 42 0.37 1.17 -5.35
N LEU A 43 0.29 2.48 -5.13
CA LEU A 43 -0.69 3.07 -4.21
C LEU A 43 -2.12 2.77 -4.63
N ARG A 44 -2.33 2.63 -5.92
CA ARG A 44 -3.63 2.28 -6.46
C ARG A 44 -4.07 0.89 -5.95
N THR A 45 -3.11 -0.02 -5.86
CA THR A 45 -3.35 -1.37 -5.41
C THR A 45 -3.30 -1.47 -3.88
N VAL A 46 -2.47 -0.64 -3.26
CA VAL A 46 -2.25 -0.67 -1.81
C VAL A 46 -3.55 -0.32 -1.04
N GLN A 47 -4.43 0.40 -1.68
CA GLN A 47 -5.72 0.76 -1.07
C GLN A 47 -6.75 -0.35 -1.31
N GLN A 48 -6.40 -1.32 -2.14
CA GLN A 48 -7.32 -2.41 -2.49
C GLN A 48 -7.06 -3.63 -1.64
N ILE A 49 -6.08 -3.53 -0.76
CA ILE A 49 -5.70 -4.62 0.13
C ILE A 49 -6.89 -4.95 1.03
N PRO A 50 -7.27 -6.23 1.13
CA PRO A 50 -8.39 -6.63 1.97
C PRO A 50 -8.10 -6.31 3.44
N GLY A 51 -9.00 -5.62 4.05
CA GLY A 51 -8.83 -5.26 5.42
C GLY A 51 -8.72 -3.79 5.60
N VAL A 52 -8.19 -3.10 4.58
CA VAL A 52 -8.01 -1.63 4.62
C VAL A 52 -9.35 -0.93 4.85
N GLY A 53 -10.28 -1.12 3.95
CA GLY A 53 -11.56 -0.51 4.08
C GLY A 53 -11.62 0.80 3.34
N LYS A 54 -11.92 0.72 2.06
CA LYS A 54 -11.94 1.89 1.16
C LYS A 54 -13.07 2.85 1.50
N VAL A 55 -13.96 2.38 2.33
CA VAL A 55 -15.06 3.18 2.82
C VAL A 55 -14.52 4.22 3.79
N LYS A 56 -13.43 3.87 4.44
CA LYS A 56 -12.81 4.75 5.42
C LYS A 56 -11.84 5.70 4.76
N ALA A 57 -11.69 5.61 3.43
CA ALA A 57 -10.71 6.40 2.66
C ALA A 57 -10.66 7.91 3.00
N PRO A 58 -11.80 8.68 2.98
CA PRO A 58 -11.77 10.12 3.32
C PRO A 58 -11.27 10.34 4.75
N LEU A 59 -11.76 9.51 5.65
CA LEU A 59 -11.37 9.52 7.06
C LEU A 59 -9.88 9.24 7.19
N LEU A 60 -9.43 8.25 6.45
CA LEU A 60 -8.03 7.86 6.42
C LEU A 60 -7.18 9.00 5.89
N LEU A 61 -7.68 9.66 4.87
CA LEU A 61 -6.99 10.78 4.24
C LEU A 61 -6.92 12.01 5.14
N GLN A 62 -7.63 11.98 6.28
CA GLN A 62 -7.55 13.07 7.23
C GLN A 62 -6.30 12.91 8.09
N LYS A 63 -5.79 11.69 8.14
CA LYS A 63 -4.58 11.41 8.88
C LYS A 63 -3.43 11.17 7.95
N PHE A 64 -3.67 10.40 6.93
CA PHE A 64 -2.65 10.05 6.00
C PHE A 64 -2.82 10.86 4.75
N PRO A 65 -1.74 11.46 4.26
CA PRO A 65 -1.79 12.41 3.14
C PRO A 65 -2.30 11.78 1.86
N SER A 66 -1.96 10.54 1.66
CA SER A 66 -2.38 9.82 0.51
C SER A 66 -2.40 8.36 0.87
N ILE A 67 -3.12 7.57 0.10
CA ILE A 67 -3.24 6.13 0.37
C ILE A 67 -1.90 5.40 0.33
N GLN A 68 -0.93 5.98 -0.35
CA GLN A 68 0.40 5.39 -0.42
C GLN A 68 1.03 5.43 0.96
N GLN A 69 0.95 6.59 1.61
CA GLN A 69 1.54 6.77 2.93
C GLN A 69 0.64 6.11 3.95
N LEU A 70 -0.65 6.07 3.63
CA LEU A 70 -1.69 5.45 4.44
C LEU A 70 -1.32 4.03 4.80
N SER A 71 -1.21 3.18 3.83
CA SER A 71 -0.88 1.80 4.08
C SER A 71 0.58 1.64 4.57
N ASN A 72 1.41 2.62 4.21
CA ASN A 72 2.84 2.63 4.55
C ASN A 72 3.07 3.25 5.95
N ALA A 73 1.98 3.61 6.59
CA ALA A 73 1.96 4.16 7.92
C ALA A 73 2.37 3.13 8.94
N SER A 74 2.83 3.61 10.07
CA SER A 74 3.29 2.78 11.13
C SER A 74 2.10 1.94 11.66
N ILE A 75 2.42 0.79 12.23
CA ILE A 75 1.41 -0.15 12.71
C ILE A 75 0.49 0.51 13.75
N GLY A 76 1.07 1.40 14.54
CA GLY A 76 0.31 2.11 15.56
C GLY A 76 -0.79 2.94 14.96
N GLU A 77 -0.52 3.53 13.81
CA GLU A 77 -1.47 4.42 13.13
C GLU A 77 -2.51 3.59 12.43
N LEU A 78 -2.06 2.53 11.83
CA LEU A 78 -2.94 1.63 11.13
C LEU A 78 -3.87 0.90 12.09
N GLU A 79 -3.39 0.64 13.28
CA GLU A 79 -4.15 -0.09 14.30
C GLU A 79 -5.34 0.76 14.73
N GLN A 80 -5.14 2.05 14.65
CA GLN A 80 -6.15 3.04 14.98
C GLN A 80 -7.38 2.88 14.08
N VAL A 81 -7.16 2.56 12.84
CA VAL A 81 -8.26 2.49 11.91
C VAL A 81 -8.67 1.07 11.60
N VAL A 82 -7.74 0.17 11.64
CA VAL A 82 -8.06 -1.20 11.45
C VAL A 82 -7.79 -2.04 12.69
N GLY A 83 -6.59 -2.48 12.84
CA GLY A 83 -6.23 -3.31 13.92
C GLY A 83 -4.79 -3.61 13.83
N GLN A 84 -4.22 -4.13 14.87
CA GLN A 84 -2.79 -4.47 14.94
C GLN A 84 -2.48 -5.55 13.90
N ALA A 85 -3.27 -6.61 13.93
CA ALA A 85 -3.05 -7.75 13.06
C ALA A 85 -3.43 -7.43 11.62
N VAL A 86 -4.34 -6.49 11.45
CA VAL A 86 -4.77 -6.09 10.13
C VAL A 86 -3.69 -5.22 9.53
N ALA A 87 -3.19 -4.34 10.37
CA ALA A 87 -2.12 -3.40 10.03
C ALA A 87 -0.91 -4.16 9.52
N GLN A 88 -0.60 -5.24 10.21
CA GLN A 88 0.48 -6.13 9.88
C GLN A 88 0.37 -6.64 8.47
N GLN A 89 -0.77 -7.22 8.11
CA GLN A 89 -0.90 -7.82 6.78
C GLN A 89 -0.95 -6.75 5.68
N ILE A 90 -1.43 -5.58 6.03
CA ILE A 90 -1.47 -4.47 5.10
C ILE A 90 -0.07 -3.94 4.88
N HIS A 91 0.64 -3.71 5.97
CA HIS A 91 1.96 -3.14 5.89
C HIS A 91 2.94 -4.17 5.30
N ALA A 92 2.78 -5.42 5.70
CA ALA A 92 3.64 -6.49 5.19
C ALA A 92 3.42 -6.76 3.69
N PHE A 93 2.23 -6.42 3.19
CA PHE A 93 1.80 -6.69 1.80
C PHE A 93 2.80 -6.12 0.78
N PHE A 94 3.19 -4.88 0.97
CA PHE A 94 4.12 -4.22 0.06
C PHE A 94 5.57 -4.36 0.53
N THR A 95 5.75 -4.59 1.81
CA THR A 95 7.07 -4.75 2.39
C THR A 95 7.72 -6.07 1.94
N GLN A 96 6.97 -7.15 2.06
CA GLN A 96 7.47 -8.47 1.70
C GLN A 96 7.37 -8.68 0.20
N PRO A 97 8.51 -8.86 -0.49
CA PRO A 97 8.56 -9.11 -1.93
C PRO A 97 7.72 -10.28 -2.36
N ARG A 98 6.86 -10.00 -3.26
CA ARG A 98 5.94 -10.98 -3.79
C ARG A 98 6.35 -11.35 -5.18
N SER A 24 30.45 9.60 -35.98
CA SER A 24 29.60 9.36 -34.84
C SER A 24 29.94 10.37 -33.75
N LYS A 25 28.94 10.92 -33.11
CA LYS A 25 29.17 11.96 -32.13
C LYS A 25 29.41 11.38 -30.74
N ASN A 26 29.02 10.15 -30.56
CA ASN A 26 29.24 9.46 -29.31
C ASN A 26 29.63 8.04 -29.61
N PRO A 27 30.41 7.39 -28.75
CA PRO A 27 30.73 6.01 -28.93
C PRO A 27 29.59 5.14 -28.41
N LEU A 28 28.58 5.01 -29.23
CA LEU A 28 27.45 4.21 -28.90
C LEU A 28 27.76 2.79 -29.35
N LEU A 29 28.57 2.16 -28.57
CA LEU A 29 29.04 0.86 -28.85
C LEU A 29 28.37 -0.12 -27.92
N GLY A 30 28.37 -1.36 -28.31
CA GLY A 30 27.66 -2.35 -27.58
C GLY A 30 26.26 -2.49 -28.12
N LYS A 31 25.73 -3.65 -28.08
CA LYS A 31 24.42 -3.90 -28.57
C LYS A 31 23.65 -4.67 -27.51
N LYS A 32 22.86 -3.98 -26.74
CA LYS A 32 22.07 -4.63 -25.73
C LYS A 32 20.71 -3.96 -25.63
N ARG A 33 19.67 -4.72 -25.87
CA ARG A 33 18.35 -4.20 -25.74
C ARG A 33 17.83 -4.63 -24.39
N ALA A 34 17.80 -3.69 -23.48
CA ALA A 34 17.41 -3.95 -22.12
C ALA A 34 16.09 -3.30 -21.87
N LEU A 35 15.07 -4.09 -21.90
CA LEU A 35 13.73 -3.61 -21.76
C LEU A 35 13.03 -4.40 -20.68
N LEU A 36 12.98 -3.86 -19.50
CA LEU A 36 12.28 -4.48 -18.41
C LEU A 36 10.97 -3.79 -18.20
N LEU A 37 9.92 -4.54 -18.23
CA LEU A 37 8.63 -3.99 -18.02
C LEU A 37 8.24 -4.22 -16.57
N SER A 38 8.54 -3.27 -15.77
CA SER A 38 8.15 -3.27 -14.40
C SER A 38 6.78 -2.60 -14.27
N GLU A 39 5.96 -3.08 -13.38
CA GLU A 39 4.63 -2.56 -13.19
C GLU A 39 4.71 -1.34 -12.26
N PRO A 40 4.34 -0.15 -12.75
CA PRO A 40 4.42 1.08 -11.99
C PRO A 40 3.18 1.32 -11.11
N SER A 41 3.28 2.33 -10.27
CA SER A 41 2.24 2.75 -9.35
C SER A 41 1.90 1.66 -8.34
N LEU A 42 2.65 1.63 -7.28
CA LEU A 42 2.40 0.69 -6.22
C LEU A 42 1.23 1.23 -5.40
N LEU A 43 1.13 2.56 -5.35
CA LEU A 43 0.08 3.28 -4.64
C LEU A 43 -1.31 2.91 -5.15
N ARG A 44 -1.39 2.53 -6.42
CA ARG A 44 -2.66 2.19 -6.99
C ARG A 44 -3.19 0.90 -6.33
N THR A 45 -2.28 -0.01 -6.05
CA THR A 45 -2.59 -1.28 -5.45
C THR A 45 -2.62 -1.18 -3.92
N VAL A 46 -1.79 -0.29 -3.38
CA VAL A 46 -1.64 -0.10 -1.94
C VAL A 46 -2.97 0.40 -1.30
N GLN A 47 -3.77 1.06 -2.09
CA GLN A 47 -5.07 1.55 -1.64
C GLN A 47 -6.13 0.46 -1.80
N GLN A 48 -5.77 -0.62 -2.47
CA GLN A 48 -6.71 -1.70 -2.76
C GLN A 48 -6.43 -2.89 -1.85
N ILE A 49 -5.78 -2.64 -0.75
CA ILE A 49 -5.43 -3.69 0.18
C ILE A 49 -6.64 -4.06 1.02
N PRO A 50 -7.00 -5.35 1.05
CA PRO A 50 -8.09 -5.84 1.87
C PRO A 50 -7.73 -5.71 3.35
N GLY A 51 -8.62 -5.15 4.11
CA GLY A 51 -8.38 -4.91 5.49
C GLY A 51 -8.49 -3.44 5.78
N VAL A 52 -8.05 -2.63 4.80
CA VAL A 52 -8.07 -1.18 4.90
C VAL A 52 -9.52 -0.68 5.06
N GLY A 53 -10.37 -1.13 4.17
CA GLY A 53 -11.73 -0.72 4.19
C GLY A 53 -11.95 0.37 3.18
N LYS A 54 -12.48 0.00 2.04
CA LYS A 54 -12.69 0.96 0.95
C LYS A 54 -13.66 2.05 1.33
N VAL A 55 -14.58 1.72 2.21
CA VAL A 55 -15.57 2.66 2.67
C VAL A 55 -15.01 3.53 3.79
N LYS A 56 -14.04 2.99 4.51
CA LYS A 56 -13.46 3.71 5.61
C LYS A 56 -12.24 4.51 5.12
N ALA A 57 -11.87 4.30 3.87
CA ALA A 57 -10.70 4.93 3.25
C ALA A 57 -10.68 6.47 3.38
N PRO A 58 -11.80 7.21 3.04
CA PRO A 58 -11.85 8.68 3.20
C PRO A 58 -11.60 9.12 4.66
N LEU A 59 -11.99 8.26 5.60
CA LEU A 59 -11.82 8.53 7.02
C LEU A 59 -10.33 8.46 7.37
N LEU A 60 -9.64 7.50 6.78
CA LEU A 60 -8.21 7.32 7.00
C LEU A 60 -7.44 8.42 6.29
N LEU A 61 -7.97 8.87 5.17
CA LEU A 61 -7.36 9.91 4.37
C LEU A 61 -7.41 11.27 5.09
N GLN A 62 -8.12 11.33 6.19
CA GLN A 62 -8.16 12.52 7.01
C GLN A 62 -6.95 12.53 7.94
N LYS A 63 -6.41 11.34 8.20
CA LYS A 63 -5.24 11.19 9.06
C LYS A 63 -3.99 11.20 8.21
N PHE A 64 -4.01 10.39 7.18
CA PHE A 64 -2.87 10.23 6.32
C PHE A 64 -3.00 11.15 5.12
N PRO A 65 -1.87 11.73 4.63
CA PRO A 65 -1.91 12.71 3.55
C PRO A 65 -2.35 12.14 2.19
N SER A 66 -1.92 10.93 1.89
CA SER A 66 -2.29 10.25 0.65
C SER A 66 -2.13 8.76 0.85
N ILE A 67 -2.71 7.96 -0.05
CA ILE A 67 -2.71 6.49 0.06
C ILE A 67 -1.33 5.86 0.15
N GLN A 68 -0.31 6.50 -0.44
CA GLN A 68 1.03 5.96 -0.36
C GLN A 68 1.50 5.92 1.09
N GLN A 69 1.28 7.01 1.81
CA GLN A 69 1.74 7.11 3.19
C GLN A 69 0.77 6.34 4.07
N LEU A 70 -0.47 6.29 3.63
CA LEU A 70 -1.60 5.61 4.30
C LEU A 70 -1.21 4.20 4.65
N SER A 71 -1.03 3.40 3.64
CA SER A 71 -0.73 2.01 3.84
C SER A 71 0.71 1.79 4.33
N ASN A 72 1.61 2.71 4.00
CA ASN A 72 3.00 2.62 4.40
C ASN A 72 3.23 3.12 5.81
N ALA A 73 2.15 3.54 6.47
CA ALA A 73 2.21 3.93 7.85
C ALA A 73 2.57 2.74 8.73
N SER A 74 3.14 3.03 9.87
CA SER A 74 3.60 2.04 10.80
C SER A 74 2.39 1.33 11.43
N ILE A 75 2.64 0.16 12.03
CA ILE A 75 1.59 -0.66 12.65
C ILE A 75 0.76 0.16 13.63
N GLY A 76 1.43 0.99 14.41
CA GLY A 76 0.76 1.83 15.39
C GLY A 76 -0.17 2.85 14.74
N GLU A 77 0.25 3.39 13.62
CA GLU A 77 -0.52 4.42 12.91
C GLU A 77 -1.71 3.76 12.24
N LEU A 78 -1.48 2.57 11.73
CA LEU A 78 -2.52 1.79 11.10
C LEU A 78 -3.48 1.23 12.15
N GLU A 79 -2.97 0.97 13.33
CA GLU A 79 -3.76 0.43 14.42
C GLU A 79 -4.84 1.43 14.80
N GLN A 80 -4.45 2.68 14.75
CA GLN A 80 -5.32 3.81 15.02
C GLN A 80 -6.57 3.80 14.15
N VAL A 81 -6.43 3.33 12.95
CA VAL A 81 -7.53 3.36 12.03
C VAL A 81 -8.20 2.02 11.87
N VAL A 82 -7.45 0.96 11.93
CA VAL A 82 -7.99 -0.37 11.86
C VAL A 82 -7.76 -1.15 13.16
N GLY A 83 -6.61 -1.73 13.28
CA GLY A 83 -6.27 -2.53 14.40
C GLY A 83 -4.87 -2.99 14.20
N GLN A 84 -4.22 -3.46 15.24
CA GLN A 84 -2.84 -3.93 15.11
C GLN A 84 -2.76 -5.19 14.27
N ALA A 85 -3.75 -6.05 14.40
CA ALA A 85 -3.80 -7.30 13.65
C ALA A 85 -3.99 -7.02 12.16
N VAL A 86 -4.84 -6.06 11.86
CA VAL A 86 -5.19 -5.70 10.49
C VAL A 86 -4.02 -4.98 9.87
N ALA A 87 -3.42 -4.14 10.68
CA ALA A 87 -2.28 -3.31 10.30
C ALA A 87 -1.15 -4.14 9.72
N GLN A 88 -0.95 -5.28 10.33
CA GLN A 88 0.06 -6.20 9.96
C GLN A 88 -0.14 -6.72 8.57
N GLN A 89 -1.34 -7.16 8.23
CA GLN A 89 -1.58 -7.71 6.90
C GLN A 89 -1.52 -6.61 5.84
N ILE A 90 -1.95 -5.42 6.22
CA ILE A 90 -1.92 -4.28 5.33
C ILE A 90 -0.48 -3.89 5.04
N HIS A 91 0.30 -3.74 6.08
CA HIS A 91 1.67 -3.32 5.93
C HIS A 91 2.49 -4.44 5.27
N ALA A 92 2.23 -5.67 5.66
CA ALA A 92 2.94 -6.80 5.05
C ALA A 92 2.61 -6.99 3.57
N PHE A 93 1.43 -6.53 3.14
CA PHE A 93 0.93 -6.71 1.77
C PHE A 93 1.94 -6.24 0.72
N PHE A 94 2.33 -4.98 0.81
CA PHE A 94 3.25 -4.40 -0.16
C PHE A 94 4.69 -4.78 0.14
N THR A 95 4.94 -5.11 1.40
CA THR A 95 6.25 -5.53 1.82
C THR A 95 6.63 -6.85 1.14
N GLN A 96 5.66 -7.72 1.01
CA GLN A 96 5.84 -8.98 0.33
C GLN A 96 5.84 -8.73 -1.18
N PRO A 97 6.89 -9.18 -1.89
CA PRO A 97 6.95 -9.02 -3.34
C PRO A 97 6.00 -9.99 -4.02
N ARG A 98 5.60 -9.69 -5.21
CA ARG A 98 4.65 -10.54 -5.88
C ARG A 98 5.39 -11.50 -6.81
N SER A 24 27.89 -25.34 8.31
CA SER A 24 27.96 -24.05 7.71
C SER A 24 26.56 -23.51 7.45
N LYS A 25 26.26 -22.33 7.97
CA LYS A 25 24.99 -21.70 7.66
C LYS A 25 25.22 -20.68 6.56
N ASN A 26 24.19 -20.36 5.81
CA ASN A 26 24.33 -19.52 4.65
C ASN A 26 24.35 -18.03 5.01
N PRO A 27 25.03 -17.22 4.21
CA PRO A 27 25.05 -15.78 4.38
C PRO A 27 23.75 -15.17 3.88
N LEU A 28 22.98 -14.68 4.81
CA LEU A 28 21.71 -14.05 4.51
C LEU A 28 21.99 -12.65 3.99
N LEU A 29 22.96 -12.01 4.60
CA LEU A 29 23.37 -10.70 4.19
C LEU A 29 24.32 -10.82 3.03
N GLY A 30 23.83 -10.51 1.87
CA GLY A 30 24.59 -10.56 0.68
C GLY A 30 23.89 -9.78 -0.39
N LYS A 31 24.57 -9.52 -1.46
CA LYS A 31 24.04 -8.71 -2.53
C LYS A 31 23.18 -9.52 -3.46
N LYS A 32 21.89 -9.47 -3.25
CA LYS A 32 20.98 -10.10 -4.15
C LYS A 32 20.63 -9.08 -5.20
N ARG A 33 21.26 -9.19 -6.35
CA ARG A 33 21.07 -8.20 -7.40
C ARG A 33 19.71 -8.41 -8.07
N ALA A 34 18.76 -7.62 -7.66
CA ALA A 34 17.43 -7.70 -8.19
C ALA A 34 16.91 -6.31 -8.45
N LEU A 35 16.93 -5.93 -9.69
CA LEU A 35 16.48 -4.63 -10.10
C LEU A 35 15.39 -4.78 -11.12
N LEU A 36 14.28 -4.17 -10.85
CA LEU A 36 13.16 -4.22 -11.71
C LEU A 36 12.65 -2.81 -11.84
N LEU A 37 12.55 -2.33 -13.06
CA LEU A 37 12.04 -1.00 -13.33
C LEU A 37 10.55 -0.86 -13.03
N SER A 38 10.26 -0.76 -11.77
CA SER A 38 8.93 -0.75 -11.27
C SER A 38 8.28 0.61 -11.43
N GLU A 39 7.15 0.61 -12.08
CA GLU A 39 6.35 1.78 -12.17
C GLU A 39 5.69 2.01 -10.81
N PRO A 40 5.56 3.27 -10.37
CA PRO A 40 5.01 3.61 -9.04
C PRO A 40 3.49 3.45 -8.95
N SER A 41 3.00 2.36 -9.47
CA SER A 41 1.60 2.05 -9.46
C SER A 41 1.28 1.01 -8.40
N LEU A 42 1.98 1.09 -7.30
CA LEU A 42 1.76 0.16 -6.21
C LEU A 42 0.68 0.75 -5.30
N LEU A 43 0.72 2.07 -5.12
CA LEU A 43 -0.20 2.79 -4.23
C LEU A 43 -1.67 2.61 -4.66
N ARG A 44 -1.89 2.42 -5.95
CA ARG A 44 -3.24 2.25 -6.48
C ARG A 44 -3.83 0.95 -5.92
N THR A 45 -2.99 -0.04 -5.73
CA THR A 45 -3.38 -1.32 -5.23
C THR A 45 -3.38 -1.33 -3.70
N VAL A 46 -2.45 -0.58 -3.11
CA VAL A 46 -2.24 -0.57 -1.67
C VAL A 46 -3.48 -0.07 -0.91
N GLN A 47 -4.29 0.74 -1.58
CA GLN A 47 -5.49 1.28 -0.98
C GLN A 47 -6.63 0.25 -1.04
N GLN A 48 -6.43 -0.83 -1.79
CA GLN A 48 -7.48 -1.81 -2.02
C GLN A 48 -7.24 -3.06 -1.19
N ILE A 49 -6.33 -2.95 -0.25
CA ILE A 49 -5.99 -4.05 0.63
C ILE A 49 -7.06 -4.15 1.74
N PRO A 50 -7.41 -5.38 2.17
CA PRO A 50 -8.33 -5.58 3.29
C PRO A 50 -7.77 -4.95 4.59
N GLY A 51 -8.58 -4.15 5.22
CA GLY A 51 -8.17 -3.48 6.42
C GLY A 51 -8.09 -1.99 6.20
N VAL A 52 -7.76 -1.62 4.97
CA VAL A 52 -7.69 -0.22 4.60
C VAL A 52 -9.11 0.33 4.52
N GLY A 53 -9.88 -0.19 3.58
CA GLY A 53 -11.27 0.20 3.49
C GLY A 53 -11.53 1.23 2.42
N LYS A 54 -12.55 1.01 1.62
CA LYS A 54 -12.93 1.94 0.59
C LYS A 54 -13.91 2.97 1.12
N VAL A 55 -14.64 2.59 2.15
CA VAL A 55 -15.60 3.46 2.79
C VAL A 55 -14.86 4.30 3.81
N LYS A 56 -13.84 3.72 4.36
CA LYS A 56 -13.02 4.34 5.36
C LYS A 56 -12.00 5.27 4.67
N ALA A 57 -11.86 5.10 3.36
CA ALA A 57 -10.86 5.80 2.53
C ALA A 57 -10.87 7.33 2.69
N PRO A 58 -12.03 8.05 2.51
CA PRO A 58 -12.05 9.51 2.68
C PRO A 58 -11.64 9.94 4.08
N LEU A 59 -12.00 9.13 5.08
CA LEU A 59 -11.66 9.37 6.46
C LEU A 59 -10.17 9.17 6.68
N LEU A 60 -9.63 8.16 6.03
CA LEU A 60 -8.22 7.87 6.09
C LEU A 60 -7.43 9.02 5.48
N LEU A 61 -7.98 9.60 4.43
CA LEU A 61 -7.36 10.71 3.74
C LEU A 61 -7.46 12.01 4.54
N GLN A 62 -8.22 11.97 5.64
CA GLN A 62 -8.32 13.12 6.53
C GLN A 62 -7.14 13.09 7.48
N LYS A 63 -6.53 11.93 7.60
CA LYS A 63 -5.40 11.75 8.48
C LYS A 63 -4.11 11.68 7.67
N PHE A 64 -4.09 10.82 6.68
CA PHE A 64 -2.90 10.60 5.92
C PHE A 64 -3.00 11.32 4.59
N PRO A 65 -1.87 11.88 4.09
CA PRO A 65 -1.87 12.74 2.90
C PRO A 65 -2.37 12.01 1.67
N SER A 66 -1.93 10.79 1.52
CA SER A 66 -2.34 9.97 0.45
C SER A 66 -2.21 8.52 0.88
N ILE A 67 -2.74 7.63 0.08
CA ILE A 67 -2.80 6.21 0.38
C ILE A 67 -1.44 5.54 0.52
N GLN A 68 -0.41 6.14 -0.05
CA GLN A 68 0.90 5.55 -0.02
C GLN A 68 1.50 5.66 1.39
N GLN A 69 1.39 6.85 2.00
CA GLN A 69 1.91 7.01 3.37
C GLN A 69 0.91 6.40 4.34
N LEU A 70 -0.33 6.37 3.91
CA LEU A 70 -1.43 5.78 4.67
C LEU A 70 -1.13 4.33 5.00
N SER A 71 -0.87 3.56 3.98
CA SER A 71 -0.56 2.15 4.15
C SER A 71 0.84 1.94 4.74
N ASN A 72 1.74 2.86 4.42
CA ASN A 72 3.13 2.79 4.90
C ASN A 72 3.27 3.39 6.32
N ALA A 73 2.15 3.74 6.91
CA ALA A 73 2.09 4.20 8.28
C ALA A 73 2.50 3.08 9.23
N SER A 74 2.98 3.43 10.39
CA SER A 74 3.41 2.46 11.36
C SER A 74 2.24 1.59 11.82
N ILE A 75 2.54 0.39 12.32
CA ILE A 75 1.54 -0.56 12.80
C ILE A 75 0.61 0.11 13.80
N GLY A 76 1.18 0.98 14.61
CA GLY A 76 0.41 1.74 15.57
C GLY A 76 -0.68 2.59 14.92
N GLU A 77 -0.34 3.21 13.80
CA GLU A 77 -1.24 4.10 13.08
C GLU A 77 -2.25 3.29 12.31
N LEU A 78 -1.82 2.17 11.80
CA LEU A 78 -2.69 1.27 11.06
C LEU A 78 -3.62 0.52 12.02
N GLU A 79 -3.19 0.40 13.25
CA GLU A 79 -3.97 -0.27 14.27
C GLU A 79 -5.14 0.59 14.70
N GLN A 80 -4.99 1.91 14.50
CA GLN A 80 -6.01 2.86 14.92
C GLN A 80 -7.27 2.65 14.06
N VAL A 81 -7.06 2.21 12.84
CA VAL A 81 -8.14 2.08 11.88
C VAL A 81 -8.66 0.67 11.78
N VAL A 82 -7.85 -0.25 12.19
CA VAL A 82 -8.23 -1.65 12.29
C VAL A 82 -7.68 -2.34 13.55
N GLY A 83 -6.47 -2.81 13.48
CA GLY A 83 -5.88 -3.60 14.53
C GLY A 83 -4.48 -3.94 14.14
N GLN A 84 -3.72 -4.52 15.04
CA GLN A 84 -2.32 -4.84 14.78
C GLN A 84 -2.17 -5.94 13.74
N ALA A 85 -2.98 -6.98 13.85
CA ALA A 85 -2.88 -8.12 12.94
C ALA A 85 -3.28 -7.74 11.53
N VAL A 86 -4.20 -6.80 11.45
CA VAL A 86 -4.70 -6.33 10.18
C VAL A 86 -3.67 -5.40 9.59
N ALA A 87 -3.10 -4.60 10.45
CA ALA A 87 -2.03 -3.66 10.08
C ALA A 87 -0.87 -4.42 9.45
N GLN A 88 -0.58 -5.57 10.03
CA GLN A 88 0.44 -6.46 9.55
C GLN A 88 0.18 -6.92 8.13
N GLN A 89 -1.04 -7.34 7.82
CA GLN A 89 -1.32 -7.83 6.46
C GLN A 89 -1.25 -6.70 5.44
N ILE A 90 -1.54 -5.49 5.89
CA ILE A 90 -1.44 -4.32 5.06
C ILE A 90 0.01 -3.95 4.84
N HIS A 91 0.75 -3.81 5.92
CA HIS A 91 2.13 -3.36 5.82
C HIS A 91 3.00 -4.44 5.18
N ALA A 92 2.79 -5.69 5.55
CA ALA A 92 3.57 -6.78 4.98
C ALA A 92 3.17 -7.08 3.54
N PHE A 93 2.07 -6.50 3.09
CA PHE A 93 1.57 -6.70 1.72
C PHE A 93 2.62 -6.24 0.72
N PHE A 94 3.15 -5.07 0.94
CA PHE A 94 4.13 -4.50 0.04
C PHE A 94 5.56 -4.75 0.51
N THR A 95 5.73 -4.91 1.82
CA THR A 95 7.04 -5.12 2.40
C THR A 95 7.58 -6.54 2.14
N GLN A 96 6.72 -7.52 2.08
CA GLN A 96 7.13 -8.88 1.87
C GLN A 96 7.08 -9.22 0.37
N PRO A 97 8.12 -9.90 -0.17
CA PRO A 97 8.16 -10.28 -1.59
C PRO A 97 7.10 -11.32 -1.93
N ARG A 98 6.77 -11.38 -3.19
CA ARG A 98 5.75 -12.25 -3.70
C ARG A 98 5.86 -12.28 -5.21
N SER A 24 17.56 -17.81 -35.54
CA SER A 24 17.68 -18.92 -34.68
C SER A 24 17.41 -18.45 -33.24
N LYS A 25 16.31 -18.91 -32.71
CA LYS A 25 15.87 -18.54 -31.39
C LYS A 25 15.43 -19.78 -30.67
N ASN A 26 15.61 -19.79 -29.40
CA ASN A 26 15.22 -20.93 -28.59
C ASN A 26 14.47 -20.41 -27.39
N PRO A 27 13.40 -21.07 -26.95
CA PRO A 27 12.65 -20.62 -25.81
C PRO A 27 13.31 -21.05 -24.51
N LEU A 28 14.43 -20.47 -24.26
CA LEU A 28 15.20 -20.74 -23.06
C LEU A 28 14.73 -19.74 -22.02
N LEU A 29 15.04 -18.50 -22.26
CA LEU A 29 14.61 -17.43 -21.40
C LEU A 29 13.96 -16.40 -22.29
N GLY A 30 12.67 -16.34 -22.24
CA GLY A 30 11.96 -15.39 -23.05
C GLY A 30 10.51 -15.42 -22.73
N LYS A 31 9.83 -14.38 -23.10
CA LYS A 31 8.42 -14.26 -22.88
C LYS A 31 7.73 -14.30 -24.22
N LYS A 32 6.43 -14.43 -24.19
CA LYS A 32 5.63 -14.33 -25.38
C LYS A 32 5.31 -12.86 -25.59
N ARG A 33 5.11 -12.45 -26.82
CA ARG A 33 4.87 -11.04 -27.10
C ARG A 33 3.49 -10.62 -26.68
N ALA A 34 3.42 -10.03 -25.52
CA ALA A 34 2.22 -9.51 -24.94
C ALA A 34 2.60 -8.53 -23.85
N LEU A 35 2.50 -7.27 -24.15
CA LEU A 35 2.81 -6.25 -23.19
C LEU A 35 1.50 -5.63 -22.72
N LEU A 36 1.27 -5.73 -21.45
CA LEU A 36 0.07 -5.17 -20.88
C LEU A 36 0.41 -3.78 -20.38
N LEU A 37 -0.58 -2.90 -20.29
CA LEU A 37 -0.33 -1.59 -19.77
C LEU A 37 -0.35 -1.69 -18.25
N SER A 38 0.72 -2.20 -17.73
CA SER A 38 0.88 -2.34 -16.33
C SER A 38 1.43 -1.03 -15.79
N GLU A 39 0.58 -0.28 -15.17
CA GLU A 39 1.00 0.97 -14.61
C GLU A 39 1.58 0.73 -13.23
N PRO A 40 2.62 1.47 -12.85
CA PRO A 40 3.31 1.30 -11.57
C PRO A 40 2.60 2.04 -10.45
N SER A 41 1.35 2.35 -10.68
CA SER A 41 0.52 3.01 -9.74
C SER A 41 0.13 2.03 -8.64
N LEU A 42 0.89 1.97 -7.59
CA LEU A 42 0.60 1.08 -6.50
C LEU A 42 -0.21 1.74 -5.44
N LEU A 43 -0.20 3.05 -5.43
CA LEU A 43 -1.00 3.84 -4.49
C LEU A 43 -2.48 3.52 -4.64
N ARG A 44 -2.88 3.16 -5.85
CA ARG A 44 -4.26 2.83 -6.12
C ARG A 44 -4.61 1.44 -5.60
N THR A 45 -3.66 0.53 -5.63
CA THR A 45 -3.88 -0.83 -5.19
C THR A 45 -3.67 -0.96 -3.67
N VAL A 46 -2.70 -0.23 -3.15
CA VAL A 46 -2.36 -0.26 -1.73
C VAL A 46 -3.56 0.18 -0.83
N GLN A 47 -4.46 0.98 -1.36
CA GLN A 47 -5.66 1.39 -0.62
C GLN A 47 -6.80 0.35 -0.82
N GLN A 48 -6.59 -0.57 -1.74
CA GLN A 48 -7.60 -1.56 -2.09
C GLN A 48 -7.28 -2.90 -1.46
N ILE A 49 -6.23 -2.92 -0.67
CA ILE A 49 -5.80 -4.12 0.03
C ILE A 49 -6.92 -4.57 0.99
N PRO A 50 -7.25 -5.86 1.00
CA PRO A 50 -8.25 -6.40 1.92
C PRO A 50 -7.81 -6.17 3.36
N GLY A 51 -8.66 -5.58 4.14
CA GLY A 51 -8.33 -5.32 5.50
C GLY A 51 -8.23 -3.85 5.79
N VAL A 52 -7.71 -3.08 4.82
CA VAL A 52 -7.51 -1.62 4.99
C VAL A 52 -8.83 -0.93 5.29
N GLY A 53 -9.84 -1.31 4.57
CA GLY A 53 -11.10 -0.70 4.73
C GLY A 53 -11.22 0.44 3.79
N LYS A 54 -11.55 0.15 2.55
CA LYS A 54 -11.67 1.15 1.48
C LYS A 54 -12.79 2.15 1.75
N VAL A 55 -13.62 1.81 2.69
CA VAL A 55 -14.69 2.66 3.15
C VAL A 55 -14.07 3.82 3.95
N LYS A 56 -12.96 3.51 4.59
CA LYS A 56 -12.26 4.44 5.43
C LYS A 56 -11.26 5.25 4.63
N ALA A 57 -11.09 4.90 3.37
CA ALA A 57 -10.10 5.57 2.51
C ALA A 57 -10.26 7.11 2.46
N PRO A 58 -11.48 7.68 2.16
CA PRO A 58 -11.67 9.15 2.13
C PRO A 58 -11.55 9.78 3.52
N LEU A 59 -11.93 9.02 4.53
CA LEU A 59 -11.89 9.45 5.90
C LEU A 59 -10.45 9.56 6.37
N LEU A 60 -9.68 8.56 6.03
CA LEU A 60 -8.29 8.48 6.39
C LEU A 60 -7.46 9.41 5.52
N LEU A 61 -7.97 9.77 4.37
CA LEU A 61 -7.31 10.73 3.49
C LEU A 61 -7.38 12.14 4.12
N GLN A 62 -8.20 12.27 5.16
CA GLN A 62 -8.28 13.51 5.93
C GLN A 62 -7.24 13.48 7.05
N LYS A 63 -6.69 12.31 7.31
CA LYS A 63 -5.74 12.14 8.41
C LYS A 63 -4.33 12.00 7.88
N PHE A 64 -4.19 11.12 6.94
CA PHE A 64 -2.96 10.83 6.31
C PHE A 64 -2.82 11.77 5.12
N PRO A 65 -1.59 12.16 4.76
CA PRO A 65 -1.36 13.08 3.63
C PRO A 65 -1.92 12.53 2.31
N SER A 66 -1.61 11.29 2.04
CA SER A 66 -2.06 10.60 0.85
C SER A 66 -2.13 9.11 1.17
N ILE A 67 -2.80 8.34 0.31
CA ILE A 67 -2.97 6.89 0.52
C ILE A 67 -1.65 6.12 0.52
N GLN A 68 -0.64 6.64 -0.17
CA GLN A 68 0.68 6.03 -0.17
C GLN A 68 1.26 6.00 1.24
N GLN A 69 1.08 7.09 1.97
CA GLN A 69 1.60 7.15 3.33
C GLN A 69 0.66 6.39 4.23
N LEU A 70 -0.61 6.43 3.89
CA LEU A 70 -1.68 5.81 4.66
C LEU A 70 -1.38 4.35 4.92
N SER A 71 -1.27 3.57 3.88
CA SER A 71 -1.04 2.15 4.02
C SER A 71 0.41 1.84 4.44
N ASN A 72 1.33 2.76 4.16
CA ASN A 72 2.75 2.56 4.50
C ASN A 72 3.02 3.11 5.90
N ALA A 73 1.96 3.55 6.56
CA ALA A 73 2.04 4.01 7.93
C ALA A 73 2.42 2.87 8.84
N SER A 74 3.00 3.22 9.95
CA SER A 74 3.50 2.27 10.89
C SER A 74 2.33 1.45 11.47
N ILE A 75 2.62 0.28 11.98
CA ILE A 75 1.60 -0.64 12.52
C ILE A 75 0.73 0.06 13.56
N GLY A 76 1.34 0.91 14.36
CA GLY A 76 0.61 1.65 15.36
C GLY A 76 -0.42 2.60 14.76
N GLU A 77 -0.07 3.21 13.64
CA GLU A 77 -0.91 4.21 12.98
C GLU A 77 -2.08 3.49 12.30
N LEU A 78 -1.77 2.34 11.75
CA LEU A 78 -2.74 1.50 11.06
C LEU A 78 -3.66 0.81 12.08
N GLU A 79 -3.14 0.52 13.25
CA GLU A 79 -3.91 -0.13 14.31
C GLU A 79 -5.03 0.80 14.76
N GLN A 80 -4.72 2.07 14.74
CA GLN A 80 -5.64 3.12 15.11
C GLN A 80 -6.87 3.16 14.22
N VAL A 81 -6.75 2.68 13.00
CA VAL A 81 -7.88 2.66 12.12
C VAL A 81 -8.48 1.29 11.98
N VAL A 82 -7.66 0.28 11.96
CA VAL A 82 -8.14 -1.08 11.89
C VAL A 82 -7.77 -1.91 13.11
N GLY A 83 -6.57 -2.40 13.14
CA GLY A 83 -6.11 -3.22 14.22
C GLY A 83 -4.70 -3.58 13.97
N GLN A 84 -4.01 -4.11 14.95
CA GLN A 84 -2.61 -4.45 14.80
C GLN A 84 -2.45 -5.63 13.86
N ALA A 85 -3.32 -6.61 14.00
CA ALA A 85 -3.27 -7.82 13.18
C ALA A 85 -3.57 -7.47 11.73
N VAL A 86 -4.47 -6.52 11.55
CA VAL A 86 -4.86 -6.08 10.23
C VAL A 86 -3.73 -5.29 9.64
N ALA A 87 -3.17 -4.43 10.47
CA ALA A 87 -2.05 -3.57 10.09
C ALA A 87 -0.90 -4.39 9.54
N GLN A 88 -0.64 -5.50 10.20
CA GLN A 88 0.37 -6.44 9.82
C GLN A 88 0.13 -6.98 8.42
N GLN A 89 -1.07 -7.48 8.16
CA GLN A 89 -1.37 -8.06 6.85
C GLN A 89 -1.42 -7.02 5.74
N ILE A 90 -1.74 -5.79 6.11
CA ILE A 90 -1.75 -4.68 5.18
C ILE A 90 -0.31 -4.28 4.86
N HIS A 91 0.46 -4.07 5.89
CA HIS A 91 1.79 -3.56 5.74
C HIS A 91 2.70 -4.64 5.13
N ALA A 92 2.50 -5.89 5.53
CA ALA A 92 3.28 -7.00 4.97
C ALA A 92 2.84 -7.38 3.55
N PHE A 93 1.71 -6.83 3.11
CA PHE A 93 1.18 -7.12 1.78
C PHE A 93 2.08 -6.60 0.69
N PHE A 94 2.53 -5.37 0.85
CA PHE A 94 3.37 -4.75 -0.14
C PHE A 94 4.85 -4.94 0.17
N THR A 95 5.16 -5.13 1.43
CA THR A 95 6.54 -5.29 1.85
C THR A 95 7.09 -6.70 1.48
N GLN A 96 6.21 -7.66 1.36
CA GLN A 96 6.62 -9.00 1.02
C GLN A 96 6.14 -9.35 -0.38
N PRO A 97 6.83 -10.26 -1.07
CA PRO A 97 6.45 -10.68 -2.39
C PRO A 97 5.40 -11.78 -2.35
N ARG A 98 4.62 -11.87 -3.40
CA ARG A 98 3.63 -12.88 -3.54
C ARG A 98 3.74 -13.47 -4.92
N SER A 24 21.07 -4.12 -2.00
CA SER A 24 21.93 -2.96 -2.10
C SER A 24 22.41 -2.52 -0.71
N LYS A 25 23.70 -2.63 -0.47
CA LYS A 25 24.27 -2.25 0.81
C LYS A 25 24.68 -0.78 0.79
N ASN A 26 24.90 -0.29 -0.38
CA ASN A 26 25.26 1.09 -0.59
C ASN A 26 24.21 1.61 -1.56
N PRO A 27 24.10 2.95 -1.76
CA PRO A 27 23.17 3.51 -2.75
C PRO A 27 23.51 3.01 -4.16
N LEU A 28 22.80 1.98 -4.58
CA LEU A 28 23.06 1.36 -5.85
C LEU A 28 22.36 2.12 -6.95
N LEU A 29 21.17 2.56 -6.69
CA LEU A 29 20.43 3.29 -7.68
C LEU A 29 20.87 4.75 -7.64
N GLY A 30 20.37 5.51 -8.56
CA GLY A 30 20.70 6.87 -8.65
C GLY A 30 20.22 7.43 -9.93
N LYS A 31 20.80 8.52 -10.35
CA LYS A 31 20.40 9.16 -11.56
C LYS A 31 21.16 8.64 -12.76
N LYS A 32 20.49 7.84 -13.51
CA LYS A 32 21.01 7.34 -14.76
C LYS A 32 20.40 8.21 -15.84
N ARG A 33 21.06 8.35 -16.96
CA ARG A 33 20.49 9.11 -18.04
C ARG A 33 19.56 8.20 -18.81
N ALA A 34 18.32 8.25 -18.43
CA ALA A 34 17.29 7.47 -19.03
C ALA A 34 16.00 8.01 -18.52
N LEU A 35 15.35 8.79 -19.32
CA LEU A 35 14.08 9.32 -18.93
C LEU A 35 13.04 8.31 -19.29
N LEU A 36 12.68 7.54 -18.33
CA LEU A 36 11.77 6.46 -18.49
C LEU A 36 10.79 6.47 -17.36
N LEU A 37 9.55 6.42 -17.69
CA LEU A 37 8.52 6.34 -16.71
C LEU A 37 8.50 4.89 -16.22
N SER A 38 9.10 4.67 -15.08
CA SER A 38 9.02 3.39 -14.45
C SER A 38 8.66 3.61 -12.99
N GLU A 39 7.42 3.39 -12.68
CA GLU A 39 6.91 3.61 -11.37
C GLU A 39 5.87 2.52 -11.14
N PRO A 40 6.06 1.65 -10.11
CA PRO A 40 5.17 0.52 -9.85
C PRO A 40 3.70 0.91 -9.59
N SER A 41 3.51 2.09 -8.98
CA SER A 41 2.17 2.62 -8.66
C SER A 41 1.39 1.65 -7.77
N LEU A 42 2.11 0.94 -6.92
CA LEU A 42 1.56 -0.10 -6.05
C LEU A 42 0.49 0.49 -5.12
N LEU A 43 0.56 1.80 -4.90
CA LEU A 43 -0.41 2.55 -4.09
C LEU A 43 -1.84 2.32 -4.59
N ARG A 44 -1.99 2.11 -5.90
CA ARG A 44 -3.31 1.94 -6.46
C ARG A 44 -3.87 0.58 -6.04
N THR A 45 -2.96 -0.35 -5.82
CA THR A 45 -3.29 -1.68 -5.37
C THR A 45 -3.35 -1.70 -3.84
N VAL A 46 -2.59 -0.83 -3.20
CA VAL A 46 -2.46 -0.79 -1.75
C VAL A 46 -3.80 -0.38 -1.11
N GLN A 47 -4.60 0.35 -1.85
CA GLN A 47 -5.91 0.76 -1.38
C GLN A 47 -6.95 -0.36 -1.59
N GLN A 48 -6.52 -1.42 -2.27
CA GLN A 48 -7.37 -2.55 -2.54
C GLN A 48 -7.05 -3.69 -1.58
N ILE A 49 -6.30 -3.40 -0.55
CA ILE A 49 -5.93 -4.39 0.43
C ILE A 49 -7.05 -4.50 1.45
N PRO A 50 -7.50 -5.72 1.77
CA PRO A 50 -8.54 -5.91 2.78
C PRO A 50 -8.05 -5.43 4.15
N GLY A 51 -8.82 -4.58 4.76
CA GLY A 51 -8.46 -4.02 6.03
C GLY A 51 -8.19 -2.53 5.91
N VAL A 52 -7.94 -2.07 4.70
CA VAL A 52 -7.69 -0.66 4.46
C VAL A 52 -8.99 0.13 4.63
N GLY A 53 -10.02 -0.31 3.97
CA GLY A 53 -11.29 0.33 4.09
C GLY A 53 -11.56 1.33 2.98
N LYS A 54 -12.37 0.92 2.02
CA LYS A 54 -12.74 1.75 0.89
C LYS A 54 -13.60 2.93 1.34
N VAL A 55 -14.39 2.71 2.37
CA VAL A 55 -15.28 3.73 2.88
C VAL A 55 -14.53 4.62 3.86
N LYS A 56 -13.57 4.02 4.51
CA LYS A 56 -12.76 4.70 5.50
C LYS A 56 -11.68 5.52 4.84
N ALA A 57 -11.49 5.29 3.55
CA ALA A 57 -10.45 5.96 2.76
C ALA A 57 -10.45 7.51 2.91
N PRO A 58 -11.59 8.23 2.65
CA PRO A 58 -11.60 9.70 2.80
C PRO A 58 -11.33 10.15 4.25
N LEU A 59 -11.68 9.32 5.21
CA LEU A 59 -11.42 9.58 6.61
C LEU A 59 -9.93 9.39 6.88
N LEU A 60 -9.42 8.29 6.40
CA LEU A 60 -8.02 7.95 6.50
C LEU A 60 -7.14 9.00 5.84
N LEU A 61 -7.56 9.51 4.70
CA LEU A 61 -6.82 10.54 3.97
C LEU A 61 -6.80 11.89 4.68
N GLN A 62 -7.55 12.00 5.76
CA GLN A 62 -7.52 13.20 6.60
C GLN A 62 -6.35 13.10 7.57
N LYS A 63 -5.85 11.90 7.73
CA LYS A 63 -4.71 11.63 8.58
C LYS A 63 -3.48 11.41 7.73
N PHE A 64 -3.63 10.64 6.69
CA PHE A 64 -2.53 10.30 5.86
C PHE A 64 -2.70 10.95 4.52
N PRO A 65 -1.64 11.62 4.02
CA PRO A 65 -1.66 12.40 2.76
C PRO A 65 -2.27 11.65 1.59
N SER A 66 -1.99 10.39 1.51
CA SER A 66 -2.47 9.58 0.44
C SER A 66 -2.54 8.17 0.91
N ILE A 67 -3.09 7.30 0.08
CA ILE A 67 -3.13 5.88 0.40
C ILE A 67 -1.73 5.29 0.42
N GLN A 68 -0.80 5.97 -0.24
CA GLN A 68 0.59 5.56 -0.30
C GLN A 68 1.20 5.69 1.09
N GLN A 69 0.98 6.83 1.72
CA GLN A 69 1.52 7.09 3.04
C GLN A 69 0.67 6.36 4.07
N LEU A 70 -0.62 6.26 3.77
CA LEU A 70 -1.62 5.57 4.58
C LEU A 70 -1.18 4.15 4.91
N SER A 71 -0.96 3.39 3.89
CA SER A 71 -0.56 2.01 4.05
C SER A 71 0.84 1.89 4.63
N ASN A 72 1.68 2.85 4.29
CA ASN A 72 3.06 2.86 4.74
C ASN A 72 3.18 3.42 6.18
N ALA A 73 2.05 3.83 6.74
CA ALA A 73 1.97 4.33 8.09
C ALA A 73 2.27 3.24 9.10
N SER A 74 2.68 3.65 10.27
CA SER A 74 3.10 2.76 11.31
C SER A 74 1.94 1.87 11.77
N ILE A 75 2.27 0.69 12.28
CA ILE A 75 1.30 -0.31 12.72
C ILE A 75 0.34 0.29 13.73
N GLY A 76 0.84 1.17 14.58
CA GLY A 76 0.03 1.81 15.59
C GLY A 76 -1.11 2.62 15.00
N GLU A 77 -0.82 3.31 13.90
CA GLU A 77 -1.79 4.16 13.24
C GLU A 77 -2.83 3.33 12.57
N LEU A 78 -2.36 2.32 11.89
CA LEU A 78 -3.21 1.39 11.19
C LEU A 78 -4.06 0.56 12.19
N GLU A 79 -3.52 0.35 13.37
CA GLU A 79 -4.19 -0.41 14.42
C GLU A 79 -5.36 0.40 14.95
N GLN A 80 -5.17 1.69 14.95
CA GLN A 80 -6.17 2.62 15.43
C GLN A 80 -7.42 2.64 14.57
N VAL A 81 -7.30 2.22 13.34
CA VAL A 81 -8.45 2.17 12.49
C VAL A 81 -8.97 0.74 12.32
N VAL A 82 -8.06 -0.20 12.34
CA VAL A 82 -8.42 -1.61 12.32
C VAL A 82 -7.81 -2.40 13.49
N GLY A 83 -6.61 -2.85 13.33
CA GLY A 83 -5.99 -3.66 14.34
C GLY A 83 -4.59 -3.99 13.95
N GLN A 84 -3.78 -4.48 14.89
CA GLN A 84 -2.37 -4.80 14.64
C GLN A 84 -2.21 -5.82 13.53
N ALA A 85 -2.95 -6.90 13.62
CA ALA A 85 -2.85 -8.00 12.67
C ALA A 85 -3.26 -7.58 11.28
N VAL A 86 -4.20 -6.67 11.23
CA VAL A 86 -4.71 -6.17 9.98
C VAL A 86 -3.69 -5.23 9.41
N ALA A 87 -3.18 -4.40 10.28
CA ALA A 87 -2.15 -3.41 9.97
C ALA A 87 -0.93 -4.09 9.40
N GLN A 88 -0.56 -5.18 10.01
CA GLN A 88 0.56 -5.98 9.64
C GLN A 88 0.41 -6.58 8.25
N GLN A 89 -0.76 -7.13 7.92
CA GLN A 89 -0.94 -7.69 6.57
C GLN A 89 -0.98 -6.59 5.50
N ILE A 90 -1.43 -5.42 5.89
CA ILE A 90 -1.44 -4.28 5.00
C ILE A 90 -0.02 -3.77 4.80
N HIS A 91 0.67 -3.53 5.88
CA HIS A 91 1.98 -2.94 5.84
C HIS A 91 3.00 -3.94 5.25
N ALA A 92 2.84 -5.21 5.57
CA ALA A 92 3.75 -6.23 5.04
C ALA A 92 3.52 -6.51 3.56
N PHE A 93 2.30 -6.20 3.07
CA PHE A 93 1.88 -6.46 1.68
C PHE A 93 2.90 -5.92 0.66
N PHE A 94 3.17 -4.64 0.76
CA PHE A 94 4.06 -3.97 -0.17
C PHE A 94 5.52 -4.14 0.21
N THR A 95 5.77 -4.30 1.49
CA THR A 95 7.11 -4.43 2.00
C THR A 95 7.75 -5.77 1.57
N GLN A 96 7.03 -6.84 1.75
CA GLN A 96 7.53 -8.17 1.43
C GLN A 96 7.24 -8.48 -0.03
N PRO A 97 8.11 -9.24 -0.69
CA PRO A 97 7.86 -9.70 -2.05
C PRO A 97 7.05 -11.00 -2.02
N ARG A 98 6.48 -11.38 -3.13
CA ARG A 98 5.75 -12.62 -3.20
C ARG A 98 6.44 -13.61 -4.13
N SER A 24 17.90 -15.82 -6.44
CA SER A 24 17.02 -16.95 -6.58
C SER A 24 17.28 -17.63 -7.91
N LYS A 25 16.94 -18.88 -7.98
CA LYS A 25 17.02 -19.62 -9.20
C LYS A 25 15.77 -20.44 -9.34
N ASN A 26 15.35 -20.64 -10.54
CA ASN A 26 14.16 -21.41 -10.80
C ASN A 26 14.51 -22.89 -10.88
N PRO A 27 13.57 -23.79 -10.56
CA PRO A 27 13.81 -25.24 -10.63
C PRO A 27 14.15 -25.68 -12.05
N LEU A 28 14.77 -26.84 -12.17
CA LEU A 28 15.15 -27.42 -13.46
C LEU A 28 13.91 -27.55 -14.34
N LEU A 29 12.87 -28.05 -13.77
CA LEU A 29 11.62 -28.13 -14.44
C LEU A 29 10.73 -27.07 -13.83
N GLY A 30 10.37 -26.11 -14.64
CA GLY A 30 9.52 -25.05 -14.20
C GLY A 30 8.71 -24.55 -15.37
N LYS A 31 7.57 -24.02 -15.08
CA LYS A 31 6.69 -23.52 -16.11
C LYS A 31 6.53 -22.02 -15.98
N LYS A 32 6.68 -21.31 -17.06
CA LYS A 32 6.56 -19.89 -17.05
C LYS A 32 5.10 -19.49 -17.06
N ARG A 33 4.58 -19.22 -15.89
CA ARG A 33 3.23 -18.78 -15.72
C ARG A 33 3.19 -18.06 -14.39
N ALA A 34 3.06 -16.77 -14.43
CA ALA A 34 3.03 -15.97 -13.23
C ALA A 34 2.24 -14.72 -13.49
N LEU A 35 1.80 -14.09 -12.43
CA LEU A 35 1.12 -12.83 -12.52
C LEU A 35 1.71 -11.93 -11.46
N LEU A 36 2.64 -11.11 -11.88
CA LEU A 36 3.35 -10.24 -10.98
C LEU A 36 2.49 -9.12 -10.49
N LEU A 37 2.59 -8.85 -9.22
CA LEU A 37 1.79 -7.82 -8.63
C LEU A 37 2.60 -6.53 -8.65
N SER A 38 2.68 -5.97 -9.82
CA SER A 38 3.26 -4.69 -10.04
C SER A 38 2.52 -4.01 -11.18
N GLU A 39 1.67 -3.09 -10.82
CA GLU A 39 0.88 -2.34 -11.75
C GLU A 39 1.48 -0.93 -11.82
N PRO A 40 1.20 -0.14 -12.88
CA PRO A 40 1.69 1.23 -12.99
C PRO A 40 1.13 2.09 -11.86
N SER A 41 2.02 2.50 -10.95
CA SER A 41 1.72 3.22 -9.74
C SER A 41 1.16 2.28 -8.67
N LEU A 42 2.06 1.63 -7.94
CA LEU A 42 1.73 0.60 -6.95
C LEU A 42 0.77 1.14 -5.88
N LEU A 43 0.84 2.45 -5.60
CA LEU A 43 -0.05 3.10 -4.65
C LEU A 43 -1.53 2.93 -5.00
N ARG A 44 -1.80 2.66 -6.28
CA ARG A 44 -3.17 2.42 -6.71
C ARG A 44 -3.65 1.10 -6.13
N THR A 45 -2.73 0.17 -5.97
CA THR A 45 -3.03 -1.12 -5.43
C THR A 45 -2.96 -1.09 -3.89
N VAL A 46 -2.05 -0.28 -3.37
CA VAL A 46 -1.81 -0.20 -1.94
C VAL A 46 -3.06 0.33 -1.20
N GLN A 47 -3.87 1.10 -1.90
CA GLN A 47 -5.11 1.62 -1.34
C GLN A 47 -6.24 0.59 -1.43
N GLN A 48 -6.00 -0.52 -2.12
CA GLN A 48 -7.05 -1.53 -2.32
C GLN A 48 -6.76 -2.78 -1.49
N ILE A 49 -5.84 -2.66 -0.56
CA ILE A 49 -5.46 -3.77 0.31
C ILE A 49 -6.59 -4.05 1.32
N PRO A 50 -6.90 -5.34 1.58
CA PRO A 50 -7.90 -5.70 2.59
C PRO A 50 -7.46 -5.22 3.98
N GLY A 51 -8.35 -4.53 4.64
CA GLY A 51 -8.05 -3.99 5.95
C GLY A 51 -8.04 -2.48 5.92
N VAL A 52 -7.61 -1.94 4.78
CA VAL A 52 -7.56 -0.49 4.57
C VAL A 52 -8.98 0.07 4.63
N GLY A 53 -9.84 -0.44 3.78
CA GLY A 53 -11.22 -0.06 3.82
C GLY A 53 -11.58 0.98 2.80
N LYS A 54 -12.60 0.70 2.02
CA LYS A 54 -13.08 1.64 1.01
C LYS A 54 -14.07 2.63 1.62
N VAL A 55 -14.71 2.23 2.68
CA VAL A 55 -15.70 3.07 3.34
C VAL A 55 -14.99 4.02 4.29
N LYS A 56 -13.86 3.57 4.77
CA LYS A 56 -13.02 4.37 5.65
C LYS A 56 -12.08 5.24 4.87
N ALA A 57 -12.14 5.13 3.54
CA ALA A 57 -11.26 5.89 2.65
C ALA A 57 -11.25 7.41 2.94
N PRO A 58 -12.44 8.11 3.08
CA PRO A 58 -12.45 9.54 3.37
C PRO A 58 -11.81 9.82 4.73
N LEU A 59 -12.14 8.98 5.71
CA LEU A 59 -11.60 9.07 7.05
C LEU A 59 -10.08 8.94 7.01
N LEU A 60 -9.61 7.93 6.31
CA LEU A 60 -8.19 7.68 6.14
C LEU A 60 -7.51 8.85 5.46
N LEU A 61 -8.16 9.42 4.48
CA LEU A 61 -7.61 10.54 3.73
C LEU A 61 -7.58 11.83 4.56
N GLN A 62 -8.27 11.86 5.68
CA GLN A 62 -8.20 12.99 6.57
C GLN A 62 -7.15 12.77 7.64
N LYS A 63 -6.69 11.54 7.74
CA LYS A 63 -5.68 11.17 8.70
C LYS A 63 -4.32 11.16 8.03
N PHE A 64 -4.27 10.49 6.93
CA PHE A 64 -3.08 10.33 6.15
C PHE A 64 -3.12 11.30 4.98
N PRO A 65 -1.96 11.82 4.55
CA PRO A 65 -1.90 12.80 3.45
C PRO A 65 -2.20 12.16 2.09
N SER A 66 -1.89 10.90 1.96
CA SER A 66 -2.08 10.19 0.74
C SER A 66 -2.25 8.73 1.05
N ILE A 67 -2.72 7.96 0.08
CA ILE A 67 -2.85 6.53 0.25
C ILE A 67 -1.48 5.87 0.29
N GLN A 68 -0.50 6.58 -0.28
CA GLN A 68 0.86 6.14 -0.33
C GLN A 68 1.39 6.01 1.08
N GLN A 69 1.24 7.08 1.87
CA GLN A 69 1.72 7.07 3.24
C GLN A 69 0.77 6.27 4.11
N LEU A 70 -0.50 6.26 3.71
CA LEU A 70 -1.57 5.57 4.43
C LEU A 70 -1.22 4.13 4.67
N SER A 71 -1.10 3.38 3.60
CA SER A 71 -0.85 1.98 3.70
C SER A 71 0.60 1.68 4.08
N ASN A 72 1.47 2.63 3.79
CA ASN A 72 2.90 2.47 4.10
C ASN A 72 3.18 2.90 5.55
N ALA A 73 2.14 3.38 6.22
CA ALA A 73 2.25 3.78 7.59
C ALA A 73 2.54 2.59 8.48
N SER A 74 3.15 2.85 9.60
CA SER A 74 3.53 1.80 10.47
C SER A 74 2.29 1.22 11.18
N ILE A 75 2.48 0.09 11.86
CA ILE A 75 1.42 -0.65 12.54
C ILE A 75 0.62 0.26 13.46
N GLY A 76 1.32 1.16 14.14
CA GLY A 76 0.69 2.07 15.07
C GLY A 76 -0.38 2.97 14.44
N GLU A 77 -0.19 3.31 13.18
CA GLU A 77 -1.12 4.18 12.47
C GLU A 77 -2.27 3.37 11.94
N LEU A 78 -1.96 2.20 11.44
CA LEU A 78 -2.96 1.31 10.87
C LEU A 78 -3.83 0.68 11.99
N GLU A 79 -3.27 0.60 13.17
CA GLU A 79 -3.94 0.05 14.33
C GLU A 79 -5.04 1.03 14.78
N GLN A 80 -4.82 2.29 14.47
CA GLN A 80 -5.75 3.38 14.77
C GLN A 80 -7.09 3.18 14.09
N VAL A 81 -7.09 2.53 12.96
CA VAL A 81 -8.29 2.32 12.22
C VAL A 81 -8.81 0.91 12.36
N VAL A 82 -7.93 -0.04 12.42
CA VAL A 82 -8.31 -1.41 12.59
C VAL A 82 -7.70 -2.08 13.82
N GLY A 83 -6.50 -2.56 13.68
CA GLY A 83 -5.88 -3.28 14.75
C GLY A 83 -4.50 -3.67 14.34
N GLN A 84 -3.72 -4.20 15.25
CA GLN A 84 -2.33 -4.56 15.01
C GLN A 84 -2.21 -5.67 13.98
N ALA A 85 -3.00 -6.71 14.11
CA ALA A 85 -2.94 -7.86 13.23
C ALA A 85 -3.46 -7.52 11.84
N VAL A 86 -4.38 -6.59 11.80
CA VAL A 86 -4.98 -6.15 10.54
C VAL A 86 -4.01 -5.20 9.88
N ALA A 87 -3.32 -4.47 10.72
CA ALA A 87 -2.27 -3.56 10.26
C ALA A 87 -1.16 -4.37 9.62
N GLN A 88 -0.88 -5.52 10.20
CA GLN A 88 0.13 -6.42 9.73
C GLN A 88 -0.13 -6.91 8.32
N GLN A 89 -1.37 -7.24 7.99
CA GLN A 89 -1.69 -7.74 6.64
C GLN A 89 -1.50 -6.63 5.60
N ILE A 90 -1.71 -5.41 6.02
CA ILE A 90 -1.54 -4.25 5.16
C ILE A 90 -0.05 -3.91 5.03
N HIS A 91 0.59 -3.77 6.16
CA HIS A 91 1.99 -3.37 6.24
C HIS A 91 2.90 -4.43 5.61
N ALA A 92 2.59 -5.68 5.85
CA ALA A 92 3.40 -6.75 5.31
C ALA A 92 3.08 -7.05 3.84
N PHE A 93 1.96 -6.52 3.35
CA PHE A 93 1.47 -6.77 1.98
C PHE A 93 2.54 -6.42 0.95
N PHE A 94 3.04 -5.21 1.02
CA PHE A 94 4.04 -4.72 0.08
C PHE A 94 5.45 -5.13 0.50
N THR A 95 5.64 -5.30 1.79
CA THR A 95 6.94 -5.67 2.34
C THR A 95 7.30 -7.15 2.01
N GLN A 96 6.29 -7.97 1.82
CA GLN A 96 6.50 -9.35 1.49
C GLN A 96 6.58 -9.49 -0.03
N PRO A 97 7.74 -9.91 -0.56
CA PRO A 97 7.87 -10.16 -1.97
C PRO A 97 7.16 -11.45 -2.33
N ARG A 98 6.81 -11.60 -3.56
CA ARG A 98 6.05 -12.71 -3.97
C ARG A 98 6.38 -13.03 -5.40
N SER A 24 40.16 -5.49 14.39
CA SER A 24 40.15 -4.07 14.16
C SER A 24 40.00 -3.85 12.67
N LYS A 25 38.86 -3.31 12.29
CA LYS A 25 38.53 -3.12 10.90
C LYS A 25 37.74 -1.84 10.77
N ASN A 26 37.93 -1.13 9.69
CA ASN A 26 37.24 0.12 9.46
C ASN A 26 35.81 -0.15 8.99
N PRO A 27 34.80 0.29 9.74
CA PRO A 27 33.41 0.10 9.36
C PRO A 27 33.04 0.97 8.17
N LEU A 28 32.42 0.38 7.21
CA LEU A 28 32.01 1.08 6.04
C LEU A 28 30.56 1.44 6.17
N LEU A 29 30.30 2.53 6.84
CA LEU A 29 28.96 2.99 7.04
C LEU A 29 28.85 4.41 6.52
N GLY A 30 28.23 4.54 5.39
CA GLY A 30 28.09 5.82 4.79
C GLY A 30 26.82 5.95 4.01
N LYS A 31 26.83 6.84 3.08
CA LYS A 31 25.69 7.16 2.28
C LYS A 31 25.63 6.24 1.08
N LYS A 32 24.80 5.27 1.16
CA LYS A 32 24.56 4.38 0.06
C LYS A 32 23.15 4.62 -0.42
N ARG A 33 23.05 5.28 -1.54
CA ARG A 33 21.77 5.62 -2.08
C ARG A 33 21.61 5.01 -3.44
N ALA A 34 20.71 4.07 -3.51
CA ALA A 34 20.38 3.39 -4.73
C ALA A 34 19.31 4.20 -5.41
N LEU A 35 19.70 4.91 -6.41
CA LEU A 35 18.80 5.79 -7.07
C LEU A 35 18.20 5.12 -8.29
N LEU A 36 17.06 4.53 -8.07
CA LEU A 36 16.31 3.85 -9.09
C LEU A 36 15.07 4.68 -9.31
N LEU A 37 14.69 4.90 -10.56
CA LEU A 37 13.49 5.66 -10.89
C LEU A 37 12.23 4.98 -10.33
N SER A 38 11.84 5.41 -9.16
CA SER A 38 10.76 4.81 -8.46
C SER A 38 9.48 5.57 -8.64
N GLU A 39 8.58 4.99 -9.37
CA GLU A 39 7.25 5.51 -9.49
C GLU A 39 6.37 4.60 -8.68
N PRO A 40 6.02 4.97 -7.45
CA PRO A 40 5.16 4.18 -6.63
C PRO A 40 3.73 4.35 -7.04
N SER A 41 3.31 3.61 -8.05
CA SER A 41 1.94 3.61 -8.49
C SER A 41 1.21 2.57 -7.66
N LEU A 42 2.01 1.85 -6.88
CA LEU A 42 1.56 0.81 -5.96
C LEU A 42 0.52 1.35 -4.98
N LEU A 43 0.43 2.67 -4.83
CA LEU A 43 -0.57 3.29 -3.97
C LEU A 43 -1.99 2.95 -4.46
N ARG A 44 -2.10 2.70 -5.77
CA ARG A 44 -3.36 2.35 -6.39
C ARG A 44 -3.78 0.96 -5.88
N THR A 45 -2.79 0.11 -5.67
CA THR A 45 -2.99 -1.23 -5.22
C THR A 45 -3.07 -1.28 -3.70
N VAL A 46 -2.33 -0.41 -3.06
CA VAL A 46 -2.22 -0.38 -1.60
C VAL A 46 -3.57 -0.03 -0.96
N GLN A 47 -4.40 0.68 -1.71
CA GLN A 47 -5.73 1.04 -1.24
C GLN A 47 -6.72 -0.10 -1.53
N GLN A 48 -6.26 -1.10 -2.26
CA GLN A 48 -7.11 -2.24 -2.65
C GLN A 48 -6.84 -3.41 -1.73
N ILE A 49 -6.02 -3.19 -0.73
CA ILE A 49 -5.66 -4.23 0.20
C ILE A 49 -6.86 -4.51 1.12
N PRO A 50 -7.22 -5.78 1.30
CA PRO A 50 -8.28 -6.19 2.20
C PRO A 50 -7.94 -5.79 3.64
N GLY A 51 -8.87 -5.17 4.29
CA GLY A 51 -8.65 -4.74 5.63
C GLY A 51 -8.66 -3.25 5.73
N VAL A 52 -8.11 -2.59 4.70
CA VAL A 52 -8.01 -1.12 4.66
C VAL A 52 -9.39 -0.49 4.83
N GLY A 53 -10.35 -0.99 4.09
CA GLY A 53 -11.68 -0.46 4.18
C GLY A 53 -11.83 0.73 3.26
N LYS A 54 -12.32 0.49 2.08
CA LYS A 54 -12.43 1.51 1.07
C LYS A 54 -13.50 2.56 1.39
N VAL A 55 -14.40 2.22 2.27
CA VAL A 55 -15.44 3.13 2.68
C VAL A 55 -14.92 4.06 3.76
N LYS A 56 -13.98 3.58 4.55
CA LYS A 56 -13.41 4.39 5.62
C LYS A 56 -12.15 5.08 5.13
N ALA A 57 -11.78 4.76 3.91
CA ALA A 57 -10.59 5.30 3.27
C ALA A 57 -10.61 6.84 3.12
N PRO A 58 -11.75 7.49 2.67
CA PRO A 58 -11.84 8.97 2.60
C PRO A 58 -11.52 9.64 3.95
N LEU A 59 -11.94 8.99 5.02
CA LEU A 59 -11.71 9.45 6.37
C LEU A 59 -10.23 9.35 6.69
N LEU A 60 -9.64 8.27 6.29
CA LEU A 60 -8.23 8.03 6.53
C LEU A 60 -7.40 8.97 5.67
N LEU A 61 -7.93 9.31 4.51
CA LEU A 61 -7.29 10.22 3.56
C LEU A 61 -7.34 11.67 4.07
N GLN A 62 -8.10 11.89 5.12
CA GLN A 62 -8.14 13.18 5.78
C GLN A 62 -6.99 13.29 6.75
N LYS A 63 -6.46 12.15 7.14
CA LYS A 63 -5.42 12.14 8.14
C LYS A 63 -4.08 11.91 7.51
N PHE A 64 -4.00 10.89 6.72
CA PHE A 64 -2.80 10.57 6.03
C PHE A 64 -2.82 11.26 4.69
N PRO A 65 -1.64 11.80 4.24
CA PRO A 65 -1.50 12.58 2.99
C PRO A 65 -2.20 11.91 1.81
N SER A 66 -1.94 10.64 1.66
CA SER A 66 -2.50 9.86 0.63
C SER A 66 -2.54 8.44 1.13
N ILE A 67 -3.23 7.59 0.39
CA ILE A 67 -3.31 6.16 0.71
C ILE A 67 -1.91 5.54 0.69
N GLN A 68 -1.03 6.15 -0.11
CA GLN A 68 0.35 5.74 -0.21
C GLN A 68 1.01 5.78 1.17
N GLN A 69 0.85 6.91 1.86
CA GLN A 69 1.47 7.08 3.15
C GLN A 69 0.66 6.35 4.20
N LEU A 70 -0.65 6.34 3.98
CA LEU A 70 -1.62 5.69 4.85
C LEU A 70 -1.23 4.25 5.14
N SER A 71 -1.17 3.46 4.11
CA SER A 71 -0.83 2.06 4.26
C SER A 71 0.66 1.85 4.60
N ASN A 72 1.48 2.84 4.25
CA ASN A 72 2.93 2.76 4.49
C ASN A 72 3.28 3.20 5.93
N ALA A 73 2.26 3.62 6.66
CA ALA A 73 2.39 3.98 8.06
C ALA A 73 2.74 2.77 8.91
N SER A 74 3.36 3.02 10.05
CA SER A 74 3.82 1.98 10.94
C SER A 74 2.62 1.20 11.51
N ILE A 75 2.86 0.00 12.05
CA ILE A 75 1.80 -0.85 12.60
C ILE A 75 0.97 -0.11 13.63
N GLY A 76 1.62 0.70 14.45
CA GLY A 76 0.93 1.49 15.46
C GLY A 76 -0.03 2.50 14.86
N GLU A 77 0.35 3.04 13.72
CA GLU A 77 -0.43 4.08 13.03
C GLU A 77 -1.54 3.41 12.25
N LEU A 78 -1.30 2.21 11.82
CA LEU A 78 -2.32 1.43 11.13
C LEU A 78 -3.31 0.82 12.13
N GLU A 79 -2.84 0.48 13.30
CA GLU A 79 -3.66 -0.15 14.31
C GLU A 79 -4.70 0.85 14.80
N GLN A 80 -4.32 2.10 14.79
CA GLN A 80 -5.17 3.15 15.27
C GLN A 80 -6.38 3.34 14.36
N VAL A 81 -6.21 3.00 13.10
CA VAL A 81 -7.26 3.18 12.14
C VAL A 81 -8.01 1.90 11.87
N VAL A 82 -7.31 0.79 11.90
CA VAL A 82 -7.92 -0.50 11.74
C VAL A 82 -7.70 -1.42 12.95
N GLY A 83 -6.58 -2.07 13.01
CA GLY A 83 -6.30 -3.00 14.06
C GLY A 83 -4.92 -3.54 13.89
N GLN A 84 -4.40 -4.18 14.91
CA GLN A 84 -3.02 -4.72 14.90
C GLN A 84 -2.89 -5.79 13.80
N ALA A 85 -3.84 -6.70 13.74
CA ALA A 85 -3.78 -7.81 12.79
C ALA A 85 -4.02 -7.33 11.38
N VAL A 86 -4.79 -6.27 11.25
CA VAL A 86 -5.12 -5.71 9.96
C VAL A 86 -3.91 -4.96 9.47
N ALA A 87 -3.29 -4.25 10.38
CA ALA A 87 -2.09 -3.48 10.12
C ALA A 87 -1.03 -4.37 9.54
N GLN A 88 -0.87 -5.52 10.15
CA GLN A 88 0.07 -6.52 9.73
C GLN A 88 -0.16 -6.99 8.29
N GLN A 89 -1.40 -7.29 7.92
CA GLN A 89 -1.68 -7.76 6.56
C GLN A 89 -1.44 -6.66 5.53
N ILE A 90 -1.71 -5.43 5.92
CA ILE A 90 -1.53 -4.28 5.05
C ILE A 90 -0.05 -3.95 4.91
N HIS A 91 0.62 -3.85 6.01
CA HIS A 91 2.01 -3.44 6.04
C HIS A 91 2.89 -4.53 5.43
N ALA A 92 2.63 -5.79 5.80
CA ALA A 92 3.41 -6.92 5.28
C ALA A 92 3.09 -7.22 3.80
N PHE A 93 2.05 -6.60 3.27
CA PHE A 93 1.62 -6.80 1.87
C PHE A 93 2.73 -6.33 0.92
N PHE A 94 3.24 -5.15 1.18
CA PHE A 94 4.28 -4.58 0.35
C PHE A 94 5.67 -4.79 0.92
N THR A 95 5.75 -4.97 2.23
CA THR A 95 7.04 -5.15 2.88
C THR A 95 7.59 -6.57 2.69
N GLN A 96 6.72 -7.55 2.73
CA GLN A 96 7.16 -8.92 2.63
C GLN A 96 6.75 -9.48 1.28
N PRO A 97 7.72 -9.83 0.43
CA PRO A 97 7.45 -10.35 -0.90
C PRO A 97 6.89 -11.79 -0.86
N ARG A 98 6.39 -12.24 -1.97
CA ARG A 98 5.86 -13.56 -2.09
C ARG A 98 6.80 -14.39 -2.93
N SER A 24 16.62 -10.36 -49.43
CA SER A 24 16.18 -9.78 -48.20
C SER A 24 17.41 -9.68 -47.32
N LYS A 25 17.83 -8.48 -47.05
CA LYS A 25 19.06 -8.27 -46.34
C LYS A 25 18.86 -7.59 -44.99
N ASN A 26 17.84 -6.78 -44.90
CA ASN A 26 17.54 -6.09 -43.67
C ASN A 26 16.06 -6.04 -43.41
N PRO A 27 15.62 -6.40 -42.20
CA PRO A 27 14.23 -6.27 -41.82
C PRO A 27 13.92 -4.81 -41.49
N LEU A 28 13.60 -4.08 -42.51
CA LEU A 28 13.30 -2.68 -42.38
C LEU A 28 11.81 -2.48 -42.33
N LEU A 29 11.10 -3.29 -43.08
CA LEU A 29 9.67 -3.20 -43.14
C LEU A 29 9.08 -4.25 -42.23
N GLY A 30 8.41 -3.80 -41.21
CA GLY A 30 7.86 -4.70 -40.25
C GLY A 30 6.60 -4.15 -39.67
N LYS A 31 6.21 -4.67 -38.56
CA LYS A 31 5.03 -4.22 -37.88
C LYS A 31 5.43 -3.83 -36.49
N LYS A 32 4.91 -2.73 -36.00
CA LYS A 32 5.22 -2.32 -34.66
C LYS A 32 4.38 -3.13 -33.69
N ARG A 33 4.96 -3.48 -32.59
CA ARG A 33 4.25 -4.21 -31.54
C ARG A 33 3.45 -3.20 -30.73
N ALA A 34 2.35 -3.62 -30.19
CA ALA A 34 1.56 -2.73 -29.39
C ALA A 34 2.10 -2.72 -27.98
N LEU A 35 2.83 -1.69 -27.65
CA LEU A 35 3.42 -1.57 -26.36
C LEU A 35 2.77 -0.40 -25.65
N LEU A 36 2.03 -0.70 -24.63
CA LEU A 36 1.34 0.30 -23.86
C LEU A 36 2.20 0.71 -22.68
N LEU A 37 2.25 1.99 -22.40
CA LEU A 37 2.97 2.49 -21.26
C LEU A 37 2.29 1.99 -19.98
N SER A 38 2.93 1.08 -19.34
CA SER A 38 2.44 0.53 -18.12
C SER A 38 3.24 1.08 -16.95
N GLU A 39 2.62 1.90 -16.14
CA GLU A 39 3.27 2.42 -14.94
C GLU A 39 3.28 1.36 -13.84
N PRO A 40 4.37 1.24 -13.07
CA PRO A 40 4.40 0.38 -11.92
C PRO A 40 3.85 1.14 -10.71
N SER A 41 2.58 1.42 -10.77
CA SER A 41 1.92 2.17 -9.74
C SER A 41 1.46 1.23 -8.62
N LEU A 42 2.09 1.35 -7.48
CA LEU A 42 1.78 0.51 -6.36
C LEU A 42 0.76 1.17 -5.46
N LEU A 43 0.76 2.49 -5.43
CA LEU A 43 -0.17 3.27 -4.58
C LEU A 43 -1.63 2.99 -4.93
N ARG A 44 -1.87 2.59 -6.17
CA ARG A 44 -3.21 2.24 -6.60
C ARG A 44 -3.63 0.90 -6.01
N THR A 45 -2.69 0.01 -5.84
CA THR A 45 -2.95 -1.30 -5.33
C THR A 45 -2.95 -1.30 -3.80
N VAL A 46 -2.09 -0.46 -3.25
CA VAL A 46 -1.88 -0.36 -1.82
C VAL A 46 -3.17 0.12 -1.09
N GLN A 47 -4.00 0.84 -1.82
CA GLN A 47 -5.27 1.33 -1.29
C GLN A 47 -6.38 0.28 -1.50
N GLN A 48 -6.06 -0.78 -2.23
CA GLN A 48 -7.01 -1.83 -2.53
C GLN A 48 -6.73 -3.05 -1.66
N ILE A 49 -5.89 -2.86 -0.68
CA ILE A 49 -5.55 -3.91 0.25
C ILE A 49 -6.73 -4.18 1.17
N PRO A 50 -7.19 -5.43 1.25
CA PRO A 50 -8.27 -5.77 2.14
C PRO A 50 -7.80 -5.58 3.59
N GLY A 51 -8.57 -4.87 4.34
CA GLY A 51 -8.21 -4.57 5.69
C GLY A 51 -8.01 -3.08 5.88
N VAL A 52 -7.60 -2.40 4.82
CA VAL A 52 -7.36 -0.95 4.87
C VAL A 52 -8.68 -0.21 5.13
N GLY A 53 -9.66 -0.51 4.32
CA GLY A 53 -10.92 0.14 4.45
C GLY A 53 -11.10 1.21 3.42
N LYS A 54 -11.37 0.80 2.20
CA LYS A 54 -11.51 1.73 1.07
C LYS A 54 -12.82 2.49 1.14
N VAL A 55 -13.73 2.01 1.95
CA VAL A 55 -15.00 2.69 2.17
C VAL A 55 -14.81 3.72 3.30
N LYS A 56 -13.81 3.46 4.11
CA LYS A 56 -13.44 4.27 5.26
C LYS A 56 -12.31 5.23 4.82
N ALA A 57 -12.06 5.24 3.52
CA ALA A 57 -11.01 6.03 2.88
C ALA A 57 -11.11 7.55 3.15
N PRO A 58 -12.30 8.22 3.03
CA PRO A 58 -12.40 9.66 3.31
C PRO A 58 -11.93 9.98 4.71
N LEU A 59 -12.32 9.13 5.64
CA LEU A 59 -11.92 9.22 7.03
C LEU A 59 -10.40 9.00 7.15
N LEU A 60 -9.87 8.03 6.44
CA LEU A 60 -8.45 7.76 6.44
C LEU A 60 -7.67 8.94 5.87
N LEU A 61 -8.20 9.54 4.83
CA LEU A 61 -7.59 10.72 4.18
C LEU A 61 -7.65 11.96 5.07
N GLN A 62 -8.33 11.88 6.19
CA GLN A 62 -8.36 12.97 7.15
C GLN A 62 -7.14 12.89 8.07
N LYS A 63 -6.50 11.75 8.07
CA LYS A 63 -5.32 11.53 8.89
C LYS A 63 -4.10 11.38 7.99
N PHE A 64 -4.21 10.52 7.04
CA PHE A 64 -3.13 10.20 6.14
C PHE A 64 -3.18 11.16 4.95
N PRO A 65 -2.01 11.65 4.49
CA PRO A 65 -1.94 12.62 3.39
C PRO A 65 -2.46 12.04 2.08
N SER A 66 -1.99 10.87 1.75
CA SER A 66 -2.39 10.18 0.57
C SER A 66 -2.32 8.70 0.87
N ILE A 67 -2.89 7.88 0.01
CA ILE A 67 -2.91 6.42 0.19
C ILE A 67 -1.51 5.81 0.24
N GLN A 68 -0.55 6.49 -0.37
CA GLN A 68 0.81 6.01 -0.45
C GLN A 68 1.41 5.88 0.96
N GLN A 69 1.31 6.93 1.76
CA GLN A 69 1.82 6.88 3.13
C GLN A 69 0.83 6.15 4.00
N LEU A 70 -0.45 6.20 3.62
CA LEU A 70 -1.54 5.58 4.38
C LEU A 70 -1.23 4.13 4.68
N SER A 71 -1.09 3.35 3.66
CA SER A 71 -0.85 1.94 3.83
C SER A 71 0.59 1.65 4.32
N ASN A 72 1.50 2.59 4.05
CA ASN A 72 2.90 2.47 4.46
C ASN A 72 3.13 3.07 5.83
N ALA A 73 2.07 3.47 6.47
CA ALA A 73 2.11 3.99 7.81
C ALA A 73 2.54 2.94 8.81
N SER A 74 3.04 3.41 9.92
CA SER A 74 3.51 2.57 10.98
C SER A 74 2.33 1.76 11.53
N ILE A 75 2.65 0.64 12.18
CA ILE A 75 1.65 -0.27 12.73
C ILE A 75 0.70 0.43 13.67
N GLY A 76 1.20 1.40 14.42
CA GLY A 76 0.36 2.15 15.33
C GLY A 76 -0.72 2.95 14.59
N GLU A 77 -0.38 3.46 13.42
CA GLU A 77 -1.29 4.29 12.63
C GLU A 77 -2.32 3.40 11.95
N LEU A 78 -1.88 2.25 11.55
CA LEU A 78 -2.77 1.30 10.91
C LEU A 78 -3.63 0.57 11.95
N GLU A 79 -3.15 0.53 13.18
CA GLU A 79 -3.85 -0.14 14.24
C GLU A 79 -4.92 0.76 14.78
N GLN A 80 -4.62 2.04 14.85
CA GLN A 80 -5.53 3.02 15.37
C GLN A 80 -6.77 3.18 14.48
N VAL A 81 -6.63 2.81 13.22
CA VAL A 81 -7.73 2.92 12.30
C VAL A 81 -8.45 1.61 12.09
N VAL A 82 -7.73 0.52 12.25
CA VAL A 82 -8.36 -0.79 12.15
C VAL A 82 -7.97 -1.66 13.34
N GLY A 83 -6.79 -2.25 13.28
CA GLY A 83 -6.33 -3.14 14.31
C GLY A 83 -4.92 -3.60 14.02
N GLN A 84 -4.25 -4.17 15.02
CA GLN A 84 -2.86 -4.62 14.88
C GLN A 84 -2.71 -5.79 13.90
N ALA A 85 -3.64 -6.72 13.94
CA ALA A 85 -3.60 -7.91 13.08
C ALA A 85 -3.82 -7.50 11.64
N VAL A 86 -4.47 -6.40 11.49
CA VAL A 86 -4.77 -5.85 10.19
C VAL A 86 -3.56 -5.07 9.72
N ALA A 87 -3.06 -4.26 10.60
CA ALA A 87 -1.91 -3.39 10.36
C ALA A 87 -0.73 -4.19 9.83
N GLN A 88 -0.50 -5.31 10.45
CA GLN A 88 0.55 -6.21 10.11
C GLN A 88 0.35 -6.79 8.72
N GLN A 89 -0.84 -7.26 8.41
CA GLN A 89 -1.09 -7.87 7.10
C GLN A 89 -1.09 -6.83 5.98
N ILE A 90 -1.48 -5.61 6.31
CA ILE A 90 -1.45 -4.49 5.37
C ILE A 90 -0.01 -4.09 5.08
N HIS A 91 0.75 -3.88 6.14
CA HIS A 91 2.12 -3.44 6.01
C HIS A 91 2.97 -4.59 5.43
N ALA A 92 2.59 -5.81 5.73
CA ALA A 92 3.28 -6.96 5.16
C ALA A 92 2.82 -7.27 3.73
N PHE A 93 1.72 -6.68 3.30
CA PHE A 93 1.13 -6.96 1.98
C PHE A 93 2.07 -6.56 0.86
N PHE A 94 2.67 -5.42 0.99
CA PHE A 94 3.59 -4.94 -0.01
C PHE A 94 5.02 -5.38 0.30
N THR A 95 5.29 -5.67 1.55
CA THR A 95 6.60 -6.14 1.95
C THR A 95 6.82 -7.62 1.55
N GLN A 96 5.81 -8.44 1.72
CA GLN A 96 5.85 -9.84 1.36
C GLN A 96 5.35 -9.98 -0.06
N PRO A 97 6.13 -10.64 -0.95
CA PRO A 97 5.71 -10.91 -2.33
C PRO A 97 4.32 -11.50 -2.43
N ARG A 98 3.62 -11.08 -3.42
CA ARG A 98 2.28 -11.49 -3.62
C ARG A 98 2.05 -11.64 -5.12
N SER A 24 -11.23 1.12 -52.90
CA SER A 24 -10.45 0.66 -51.79
C SER A 24 -9.60 1.83 -51.29
N LYS A 25 -9.90 2.30 -50.12
CA LYS A 25 -9.21 3.45 -49.60
C LYS A 25 -8.92 3.32 -48.10
N ASN A 26 -9.76 2.58 -47.41
CA ASN A 26 -9.63 2.44 -45.97
C ASN A 26 -9.94 1.02 -45.55
N PRO A 27 -9.30 0.52 -44.50
CA PRO A 27 -9.62 -0.76 -43.94
C PRO A 27 -10.74 -0.59 -42.89
N LEU A 28 -11.08 -1.65 -42.21
CA LEU A 28 -12.10 -1.56 -41.21
C LEU A 28 -11.40 -1.41 -39.86
N LEU A 29 -10.73 -2.46 -39.45
CA LEU A 29 -9.96 -2.44 -38.22
C LEU A 29 -8.54 -2.92 -38.49
N GLY A 30 -7.71 -2.86 -37.48
CA GLY A 30 -6.37 -3.32 -37.60
C GLY A 30 -5.68 -3.19 -36.30
N LYS A 31 -4.47 -3.67 -36.22
CA LYS A 31 -3.69 -3.55 -35.02
C LYS A 31 -3.08 -2.17 -35.00
N LYS A 32 -3.57 -1.35 -34.12
CA LYS A 32 -3.12 0.00 -34.00
C LYS A 32 -1.94 0.04 -33.03
N ARG A 33 -1.01 0.91 -33.28
CA ARG A 33 0.15 1.04 -32.41
C ARG A 33 -0.15 2.02 -31.28
N ALA A 34 -0.13 1.53 -30.07
CA ALA A 34 -0.39 2.33 -28.90
C ALA A 34 0.42 1.80 -27.73
N LEU A 35 1.44 2.50 -27.38
CA LEU A 35 2.32 2.12 -26.31
C LEU A 35 2.43 3.26 -25.30
N LEU A 36 1.85 3.07 -24.16
CA LEU A 36 1.89 4.08 -23.12
C LEU A 36 2.84 3.61 -22.05
N LEU A 37 3.56 4.52 -21.45
CA LEU A 37 4.51 4.16 -20.44
C LEU A 37 3.77 4.17 -19.09
N SER A 38 3.02 3.13 -18.86
CA SER A 38 2.26 2.97 -17.66
C SER A 38 3.16 2.41 -16.56
N GLU A 39 3.57 3.28 -15.66
CA GLU A 39 4.46 2.93 -14.58
C GLU A 39 3.69 2.23 -13.47
N PRO A 40 4.28 1.18 -12.86
CA PRO A 40 3.66 0.47 -11.75
C PRO A 40 3.44 1.39 -10.56
N SER A 41 2.23 1.82 -10.39
CA SER A 41 1.89 2.67 -9.31
C SER A 41 1.29 1.82 -8.20
N LEU A 42 2.17 1.33 -7.33
CA LEU A 42 1.80 0.39 -6.28
C LEU A 42 0.84 1.03 -5.28
N LEU A 43 0.94 2.35 -5.10
CA LEU A 43 0.05 3.08 -4.18
C LEU A 43 -1.43 2.90 -4.56
N ARG A 44 -1.70 2.63 -5.84
CA ARG A 44 -3.06 2.48 -6.27
C ARG A 44 -3.57 1.10 -5.86
N THR A 45 -2.65 0.17 -5.72
CA THR A 45 -2.92 -1.17 -5.28
C THR A 45 -2.90 -1.27 -3.74
N VAL A 46 -2.06 -0.45 -3.11
CA VAL A 46 -1.87 -0.45 -1.67
C VAL A 46 -3.17 -0.02 -0.94
N GLN A 47 -3.98 0.77 -1.62
CA GLN A 47 -5.27 1.19 -1.07
C GLN A 47 -6.32 0.10 -1.32
N GLN A 48 -5.99 -0.83 -2.21
CA GLN A 48 -6.91 -1.88 -2.61
C GLN A 48 -6.60 -3.16 -1.87
N ILE A 49 -5.92 -3.03 -0.77
CA ILE A 49 -5.63 -4.15 0.07
C ILE A 49 -6.87 -4.44 0.91
N PRO A 50 -7.33 -5.69 0.94
CA PRO A 50 -8.47 -6.07 1.75
C PRO A 50 -8.16 -5.88 3.23
N GLY A 51 -9.02 -5.19 3.92
CA GLY A 51 -8.79 -4.93 5.30
C GLY A 51 -8.62 -3.46 5.57
N VAL A 52 -8.11 -2.74 4.59
CA VAL A 52 -7.94 -1.28 4.72
C VAL A 52 -9.31 -0.64 4.88
N GLY A 53 -10.11 -0.75 3.86
CA GLY A 53 -11.43 -0.21 3.91
C GLY A 53 -11.62 0.94 2.97
N LYS A 54 -12.21 0.65 1.83
CA LYS A 54 -12.45 1.64 0.80
C LYS A 54 -13.51 2.67 1.23
N VAL A 55 -14.39 2.25 2.11
CA VAL A 55 -15.48 3.09 2.51
C VAL A 55 -15.03 4.03 3.63
N LYS A 56 -14.08 3.57 4.42
CA LYS A 56 -13.55 4.39 5.49
C LYS A 56 -12.34 5.17 5.01
N ALA A 57 -12.01 4.98 3.74
CA ALA A 57 -10.88 5.64 3.11
C ALA A 57 -10.96 7.19 3.20
N PRO A 58 -12.11 7.85 2.83
CA PRO A 58 -12.24 9.31 2.95
C PRO A 58 -12.05 9.81 4.40
N LEU A 59 -12.30 8.94 5.34
CA LEU A 59 -12.12 9.23 6.74
C LEU A 59 -10.62 9.14 7.07
N LEU A 60 -9.97 8.16 6.48
CA LEU A 60 -8.55 7.93 6.68
C LEU A 60 -7.72 9.00 5.98
N LEU A 61 -8.20 9.49 4.84
CA LEU A 61 -7.51 10.57 4.11
C LEU A 61 -7.57 11.91 4.87
N GLN A 62 -8.30 11.93 5.96
CA GLN A 62 -8.36 13.10 6.83
C GLN A 62 -7.31 12.96 7.95
N LYS A 63 -6.64 11.82 7.96
CA LYS A 63 -5.55 11.54 8.90
C LYS A 63 -4.25 11.44 8.13
N PHE A 64 -4.28 10.64 7.10
CA PHE A 64 -3.14 10.39 6.26
C PHE A 64 -3.24 11.30 5.04
N PRO A 65 -2.12 11.87 4.56
CA PRO A 65 -2.13 12.80 3.43
C PRO A 65 -2.52 12.13 2.11
N SER A 66 -2.09 10.90 1.94
CA SER A 66 -2.36 10.19 0.73
C SER A 66 -2.47 8.71 1.04
N ILE A 67 -3.00 7.94 0.11
CA ILE A 67 -3.09 6.50 0.27
C ILE A 67 -1.70 5.87 0.32
N GLN A 68 -0.75 6.55 -0.31
CA GLN A 68 0.61 6.10 -0.35
C GLN A 68 1.19 6.09 1.05
N GLN A 69 0.92 7.13 1.82
CA GLN A 69 1.44 7.19 3.17
C GLN A 69 0.58 6.32 4.06
N LEU A 70 -0.71 6.30 3.75
CA LEU A 70 -1.73 5.60 4.53
C LEU A 70 -1.35 4.14 4.75
N SER A 71 -1.31 3.38 3.71
CA SER A 71 -1.05 1.96 3.84
C SER A 71 0.42 1.67 4.12
N ASN A 72 1.28 2.61 3.78
CA ASN A 72 2.72 2.44 3.98
C ASN A 72 3.12 2.89 5.38
N ALA A 73 2.14 3.41 6.12
CA ALA A 73 2.34 3.87 7.47
C ALA A 73 2.71 2.74 8.40
N SER A 74 3.38 3.08 9.46
CA SER A 74 3.87 2.12 10.41
C SER A 74 2.70 1.42 11.15
N ILE A 75 3.00 0.29 11.78
CA ILE A 75 2.00 -0.53 12.49
C ILE A 75 1.24 0.31 13.50
N GLY A 76 1.96 1.18 14.19
CA GLY A 76 1.36 2.03 15.18
C GLY A 76 0.32 2.98 14.62
N GLU A 77 0.48 3.36 13.37
CA GLU A 77 -0.43 4.29 12.73
C GLU A 77 -1.64 3.54 12.21
N LEU A 78 -1.37 2.38 11.65
CA LEU A 78 -2.38 1.54 11.08
C LEU A 78 -3.28 0.94 12.15
N GLU A 79 -2.70 0.56 13.27
CA GLU A 79 -3.46 -0.10 14.34
C GLU A 79 -4.49 0.87 14.89
N GLN A 80 -4.11 2.12 14.92
CA GLN A 80 -4.95 3.21 15.37
C GLN A 80 -6.22 3.37 14.55
N VAL A 81 -6.16 3.01 13.29
CA VAL A 81 -7.29 3.19 12.42
C VAL A 81 -8.02 1.88 12.15
N VAL A 82 -7.27 0.82 11.98
CA VAL A 82 -7.86 -0.46 11.76
C VAL A 82 -7.69 -1.36 12.97
N GLY A 83 -6.59 -2.02 13.08
CA GLY A 83 -6.34 -2.91 14.14
C GLY A 83 -4.98 -3.46 14.00
N GLN A 84 -4.47 -4.11 15.02
CA GLN A 84 -3.13 -4.70 15.00
C GLN A 84 -2.96 -5.73 13.86
N ALA A 85 -3.88 -6.68 13.79
CA ALA A 85 -3.80 -7.75 12.81
C ALA A 85 -3.99 -7.23 11.41
N VAL A 86 -4.82 -6.22 11.29
CA VAL A 86 -5.12 -5.61 10.01
C VAL A 86 -3.89 -4.85 9.57
N ALA A 87 -3.29 -4.15 10.51
CA ALA A 87 -2.08 -3.38 10.27
C ALA A 87 -1.01 -4.28 9.71
N GLN A 88 -0.86 -5.42 10.33
CA GLN A 88 0.09 -6.41 9.94
C GLN A 88 -0.16 -6.95 8.54
N GLN A 89 -1.41 -7.29 8.21
CA GLN A 89 -1.70 -7.85 6.88
C GLN A 89 -1.45 -6.82 5.77
N ILE A 90 -1.74 -5.56 6.08
CA ILE A 90 -1.52 -4.45 5.15
C ILE A 90 -0.03 -4.16 5.03
N HIS A 91 0.63 -4.02 6.16
CA HIS A 91 2.04 -3.68 6.20
C HIS A 91 2.90 -4.81 5.60
N ALA A 92 2.59 -6.04 5.97
CA ALA A 92 3.34 -7.19 5.46
C ALA A 92 3.06 -7.45 3.98
N PHE A 93 2.00 -6.85 3.45
CA PHE A 93 1.61 -7.02 2.06
C PHE A 93 2.72 -6.55 1.12
N PHE A 94 3.28 -5.43 1.43
CA PHE A 94 4.36 -4.89 0.64
C PHE A 94 5.71 -5.25 1.24
N THR A 95 5.76 -5.37 2.57
CA THR A 95 7.01 -5.66 3.26
C THR A 95 7.51 -7.08 2.95
N GLN A 96 6.61 -8.03 2.88
CA GLN A 96 6.97 -9.39 2.57
C GLN A 96 6.80 -9.59 1.07
N PRO A 97 7.90 -9.78 0.33
CA PRO A 97 7.87 -9.94 -1.11
C PRO A 97 7.78 -11.40 -1.54
N ARG A 98 7.50 -11.60 -2.79
CA ARG A 98 7.45 -12.89 -3.36
C ARG A 98 7.79 -12.70 -4.83
N SER A 24 9.92 -38.07 -33.80
CA SER A 24 8.52 -37.82 -33.77
C SER A 24 8.17 -36.99 -32.55
N LYS A 25 7.61 -35.83 -32.78
CA LYS A 25 7.29 -34.93 -31.72
C LYS A 25 6.27 -33.91 -32.20
N ASN A 26 5.28 -33.66 -31.38
CA ASN A 26 4.30 -32.63 -31.62
C ASN A 26 4.01 -31.97 -30.29
N PRO A 27 3.91 -30.62 -30.26
CA PRO A 27 3.64 -29.87 -29.02
C PRO A 27 2.35 -30.33 -28.33
N LEU A 28 1.28 -30.38 -29.11
CA LEU A 28 -0.07 -30.79 -28.66
C LEU A 28 -0.66 -29.78 -27.68
N LEU A 29 -0.15 -29.72 -26.49
CA LEU A 29 -0.64 -28.84 -25.45
C LEU A 29 0.52 -28.04 -24.87
N GLY A 30 0.20 -26.94 -24.24
CA GLY A 30 1.20 -26.14 -23.61
C GLY A 30 0.83 -24.68 -23.52
N LYS A 31 1.28 -24.04 -22.50
CA LYS A 31 1.01 -22.63 -22.28
C LYS A 31 2.33 -21.95 -21.98
N LYS A 32 2.48 -20.73 -22.39
CA LYS A 32 3.70 -20.01 -22.11
C LYS A 32 3.49 -18.52 -22.21
N ARG A 33 3.33 -17.89 -21.09
CA ARG A 33 3.27 -16.47 -21.06
C ARG A 33 4.02 -16.00 -19.84
N ALA A 34 5.27 -15.69 -20.02
CA ALA A 34 6.09 -15.23 -18.95
C ALA A 34 6.13 -13.73 -18.97
N LEU A 35 5.37 -13.15 -18.08
CA LEU A 35 5.30 -11.73 -17.95
C LEU A 35 5.45 -11.37 -16.50
N LEU A 36 5.80 -10.16 -16.25
CA LEU A 36 5.84 -9.63 -14.93
C LEU A 36 4.99 -8.40 -14.92
N LEU A 37 3.97 -8.43 -14.13
CA LEU A 37 3.06 -7.32 -14.08
C LEU A 37 3.30 -6.60 -12.78
N SER A 38 4.18 -5.67 -12.82
CA SER A 38 4.51 -4.87 -11.69
C SER A 38 4.79 -3.48 -12.15
N GLU A 39 3.86 -2.63 -11.94
CA GLU A 39 3.96 -1.26 -12.36
C GLU A 39 4.50 -0.42 -11.21
N PRO A 40 5.15 0.72 -11.51
CA PRO A 40 5.67 1.61 -10.47
C PRO A 40 4.57 2.14 -9.55
N SER A 41 3.39 2.26 -10.11
CA SER A 41 2.22 2.67 -9.41
C SER A 41 1.67 1.53 -8.54
N LEU A 42 2.22 1.40 -7.36
CA LEU A 42 1.78 0.39 -6.44
C LEU A 42 0.75 0.97 -5.50
N LEU A 43 0.80 2.28 -5.30
CA LEU A 43 -0.12 2.99 -4.40
C LEU A 43 -1.59 2.74 -4.77
N ARG A 44 -1.84 2.61 -6.05
CA ARG A 44 -3.18 2.30 -6.56
C ARG A 44 -3.64 0.91 -6.11
N THR A 45 -2.70 0.01 -5.98
CA THR A 45 -2.99 -1.33 -5.53
C THR A 45 -2.98 -1.41 -3.99
N VAL A 46 -2.15 -0.58 -3.37
CA VAL A 46 -1.97 -0.56 -1.92
C VAL A 46 -3.28 -0.13 -1.21
N GLN A 47 -4.09 0.63 -1.93
CA GLN A 47 -5.40 1.05 -1.43
C GLN A 47 -6.47 -0.03 -1.68
N GLN A 48 -6.10 -1.08 -2.39
CA GLN A 48 -7.01 -2.17 -2.69
C GLN A 48 -6.76 -3.35 -1.74
N ILE A 49 -5.92 -3.13 -0.75
CA ILE A 49 -5.62 -4.16 0.24
C ILE A 49 -6.80 -4.26 1.19
N PRO A 50 -7.32 -5.48 1.43
CA PRO A 50 -8.45 -5.68 2.33
C PRO A 50 -8.07 -5.33 3.78
N GLY A 51 -8.88 -4.51 4.40
CA GLY A 51 -8.61 -4.11 5.76
C GLY A 51 -8.38 -2.62 5.85
N VAL A 52 -7.87 -2.07 4.76
CA VAL A 52 -7.64 -0.64 4.67
C VAL A 52 -8.98 0.10 4.82
N GLY A 53 -9.87 -0.15 3.91
CA GLY A 53 -11.18 0.41 4.00
C GLY A 53 -11.45 1.45 2.95
N LYS A 54 -12.17 1.06 1.91
CA LYS A 54 -12.54 1.98 0.84
C LYS A 54 -13.64 2.91 1.33
N VAL A 55 -14.40 2.46 2.28
CA VAL A 55 -15.46 3.27 2.87
C VAL A 55 -14.85 4.19 3.93
N LYS A 56 -13.73 3.76 4.45
CA LYS A 56 -12.97 4.48 5.46
C LYS A 56 -12.04 5.47 4.80
N ALA A 57 -12.05 5.49 3.47
CA ALA A 57 -11.19 6.36 2.66
C ALA A 57 -11.18 7.83 3.13
N PRO A 58 -12.35 8.51 3.33
CA PRO A 58 -12.37 9.90 3.83
C PRO A 58 -11.66 10.02 5.20
N LEU A 59 -11.92 9.08 6.09
CA LEU A 59 -11.33 9.05 7.42
C LEU A 59 -9.82 8.86 7.31
N LEU A 60 -9.44 7.93 6.46
CA LEU A 60 -8.05 7.62 6.22
C LEU A 60 -7.36 8.76 5.48
N LEU A 61 -8.11 9.52 4.74
CA LEU A 61 -7.61 10.64 4.00
C LEU A 61 -7.31 11.79 4.96
N GLN A 62 -8.06 11.86 6.04
CA GLN A 62 -7.87 12.92 7.03
C GLN A 62 -6.66 12.62 7.87
N LYS A 63 -6.39 11.35 8.05
CA LYS A 63 -5.27 10.90 8.81
C LYS A 63 -4.02 10.88 7.96
N PHE A 64 -4.10 10.26 6.80
CA PHE A 64 -2.95 10.04 5.98
C PHE A 64 -3.01 10.87 4.70
N PRO A 65 -1.88 11.51 4.33
CA PRO A 65 -1.80 12.42 3.15
C PRO A 65 -2.27 11.80 1.84
N SER A 66 -1.98 10.55 1.66
CA SER A 66 -2.36 9.83 0.48
C SER A 66 -2.34 8.38 0.83
N ILE A 67 -2.89 7.55 -0.02
CA ILE A 67 -2.91 6.12 0.16
C ILE A 67 -1.50 5.55 0.19
N GLN A 68 -0.59 6.26 -0.47
CA GLN A 68 0.79 5.87 -0.51
C GLN A 68 1.40 5.92 0.89
N GLN A 69 1.05 6.95 1.65
CA GLN A 69 1.54 7.06 3.01
C GLN A 69 0.69 6.15 3.89
N LEU A 70 -0.60 6.12 3.58
CA LEU A 70 -1.64 5.38 4.29
C LEU A 70 -1.25 3.96 4.62
N SER A 71 -1.08 3.15 3.62
CA SER A 71 -0.76 1.75 3.83
C SER A 71 0.68 1.54 4.32
N ASN A 72 1.53 2.53 4.06
CA ASN A 72 2.93 2.48 4.46
C ASN A 72 3.14 3.12 5.85
N ALA A 73 2.05 3.51 6.47
CA ALA A 73 2.02 4.11 7.80
C ALA A 73 2.45 3.14 8.89
N SER A 74 2.89 3.69 10.00
CA SER A 74 3.32 2.93 11.13
C SER A 74 2.16 2.09 11.68
N ILE A 75 2.49 0.96 12.29
CA ILE A 75 1.50 0.02 12.81
C ILE A 75 0.55 0.73 13.77
N GLY A 76 1.07 1.68 14.53
CA GLY A 76 0.25 2.41 15.48
C GLY A 76 -0.87 3.20 14.81
N GLU A 77 -0.64 3.63 13.59
CA GLU A 77 -1.62 4.39 12.84
C GLU A 77 -2.59 3.46 12.16
N LEU A 78 -2.08 2.36 11.70
CA LEU A 78 -2.91 1.37 11.02
C LEU A 78 -3.77 0.56 12.02
N GLU A 79 -3.30 0.50 13.25
CA GLU A 79 -3.97 -0.25 14.27
C GLU A 79 -5.14 0.56 14.79
N GLN A 80 -4.93 1.85 14.88
CA GLN A 80 -5.90 2.76 15.42
C GLN A 80 -7.11 2.92 14.51
N VAL A 81 -6.96 2.57 13.26
CA VAL A 81 -8.06 2.65 12.33
C VAL A 81 -8.67 1.28 12.06
N VAL A 82 -7.88 0.25 12.21
CA VAL A 82 -8.38 -1.11 12.06
C VAL A 82 -8.01 -1.98 13.27
N GLY A 83 -6.78 -2.50 13.28
CA GLY A 83 -6.32 -3.38 14.31
C GLY A 83 -4.88 -3.73 14.05
N GLN A 84 -4.17 -4.22 15.04
CA GLN A 84 -2.74 -4.50 14.91
C GLN A 84 -2.46 -5.63 13.93
N ALA A 85 -3.28 -6.68 13.96
CA ALA A 85 -3.10 -7.82 13.07
C ALA A 85 -3.32 -7.40 11.64
N VAL A 86 -4.29 -6.53 11.45
CA VAL A 86 -4.65 -6.02 10.15
C VAL A 86 -3.53 -5.13 9.66
N ALA A 87 -3.07 -4.30 10.56
CA ALA A 87 -2.01 -3.34 10.29
C ALA A 87 -0.79 -4.04 9.75
N GLN A 88 -0.45 -5.12 10.40
CA GLN A 88 0.69 -5.89 10.07
C GLN A 88 0.52 -6.66 8.78
N GLN A 89 -0.69 -7.08 8.44
CA GLN A 89 -0.88 -7.79 7.17
C GLN A 89 -0.91 -6.82 5.99
N ILE A 90 -1.44 -5.62 6.23
CA ILE A 90 -1.41 -4.55 5.23
C ILE A 90 0.03 -4.13 5.01
N HIS A 91 0.74 -3.95 6.11
CA HIS A 91 2.12 -3.51 6.09
C HIS A 91 3.01 -4.63 5.50
N ALA A 92 2.68 -5.88 5.79
CA ALA A 92 3.45 -7.02 5.25
C ALA A 92 3.19 -7.23 3.76
N PHE A 93 2.02 -6.79 3.29
CA PHE A 93 1.56 -7.00 1.90
C PHE A 93 2.59 -6.56 0.87
N PHE A 94 3.04 -5.34 0.98
CA PHE A 94 3.99 -4.79 0.00
C PHE A 94 5.42 -5.20 0.29
N THR A 95 5.70 -5.54 1.53
CA THR A 95 7.03 -5.96 1.91
C THR A 95 7.32 -7.40 1.45
N GLN A 96 6.32 -8.25 1.54
CA GLN A 96 6.47 -9.64 1.18
C GLN A 96 5.97 -9.84 -0.25
N PRO A 97 6.84 -10.26 -1.16
CA PRO A 97 6.48 -10.49 -2.56
C PRO A 97 5.68 -11.78 -2.73
N ARG A 98 5.28 -12.03 -3.94
CA ARG A 98 4.49 -13.19 -4.25
C ARG A 98 5.40 -14.21 -4.88
N SER A 24 9.98 12.44 5.31
CA SER A 24 9.85 13.60 4.46
C SER A 24 11.21 14.23 4.19
N LYS A 25 11.66 14.13 2.96
CA LYS A 25 12.88 14.75 2.53
C LYS A 25 12.56 15.84 1.54
N ASN A 26 11.46 15.67 0.87
CA ASN A 26 10.91 16.69 0.02
C ASN A 26 9.73 17.30 0.75
N PRO A 27 9.83 18.54 1.18
CA PRO A 27 8.76 19.19 1.90
C PRO A 27 7.58 19.51 0.98
N LEU A 28 6.41 19.08 1.40
CA LEU A 28 5.19 19.36 0.66
C LEU A 28 4.93 20.85 0.64
N LEU A 29 5.16 21.48 1.76
CA LEU A 29 5.01 22.91 1.88
C LEU A 29 6.38 23.55 1.95
N GLY A 30 6.49 24.73 1.44
CA GLY A 30 7.74 25.41 1.43
C GLY A 30 7.96 26.07 0.11
N LYS A 31 9.20 26.18 -0.26
CA LYS A 31 9.63 26.83 -1.48
C LYS A 31 9.21 26.01 -2.69
N LYS A 32 9.33 26.60 -3.86
CA LYS A 32 9.07 25.91 -5.11
C LYS A 32 10.03 24.74 -5.26
N ARG A 33 9.54 23.57 -4.99
CA ARG A 33 10.32 22.38 -5.06
C ARG A 33 10.04 21.57 -6.31
N ALA A 34 10.92 21.72 -7.27
CA ALA A 34 10.82 21.00 -8.51
C ALA A 34 11.30 19.57 -8.31
N LEU A 35 10.35 18.68 -8.35
CA LEU A 35 10.58 17.28 -8.25
C LEU A 35 9.53 16.62 -9.09
N LEU A 36 9.89 15.58 -9.77
CA LEU A 36 8.92 14.87 -10.57
C LEU A 36 7.95 14.16 -9.67
N LEU A 37 6.70 14.32 -9.97
CA LEU A 37 5.71 13.68 -9.20
C LEU A 37 5.47 12.26 -9.66
N SER A 38 6.31 11.43 -9.22
CA SER A 38 6.23 10.07 -9.51
C SER A 38 6.41 9.29 -8.25
N GLU A 39 5.31 8.83 -7.74
CA GLU A 39 5.28 7.97 -6.60
C GLU A 39 5.22 6.56 -7.17
N PRO A 40 5.96 5.58 -6.62
CA PRO A 40 5.91 4.20 -7.10
C PRO A 40 4.46 3.71 -7.22
N SER A 41 4.10 3.16 -8.39
CA SER A 41 2.74 2.70 -8.72
C SER A 41 2.25 1.50 -7.90
N LEU A 42 2.65 1.44 -6.69
CA LEU A 42 2.22 0.44 -5.78
C LEU A 42 1.00 1.03 -5.06
N LEU A 43 0.93 2.37 -5.05
CA LEU A 43 -0.15 3.11 -4.37
C LEU A 43 -1.53 2.80 -4.96
N ARG A 44 -1.54 2.36 -6.20
CA ARG A 44 -2.75 2.03 -6.90
C ARG A 44 -3.36 0.74 -6.31
N THR A 45 -2.51 -0.19 -5.97
CA THR A 45 -2.92 -1.46 -5.39
C THR A 45 -3.06 -1.35 -3.87
N VAL A 46 -2.22 -0.52 -3.27
CA VAL A 46 -2.14 -0.37 -1.82
C VAL A 46 -3.46 0.15 -1.19
N GLN A 47 -4.23 0.85 -1.99
CA GLN A 47 -5.51 1.39 -1.55
C GLN A 47 -6.61 0.33 -1.60
N GLN A 48 -6.29 -0.81 -2.22
CA GLN A 48 -7.27 -1.86 -2.40
C GLN A 48 -7.04 -3.00 -1.42
N ILE A 49 -6.20 -2.76 -0.45
CA ILE A 49 -5.89 -3.76 0.54
C ILE A 49 -7.02 -3.82 1.59
N PRO A 50 -7.47 -5.03 1.94
CA PRO A 50 -8.46 -5.22 3.00
C PRO A 50 -7.90 -4.71 4.33
N GLY A 51 -8.65 -3.88 4.98
CA GLY A 51 -8.20 -3.28 6.19
C GLY A 51 -8.10 -1.79 5.99
N VAL A 52 -7.59 -1.44 4.81
CA VAL A 52 -7.51 -0.05 4.40
C VAL A 52 -8.94 0.37 4.12
N GLY A 53 -9.57 -0.35 3.24
CA GLY A 53 -10.95 -0.15 3.03
C GLY A 53 -11.28 0.83 1.94
N LYS A 54 -12.37 0.56 1.29
CA LYS A 54 -12.89 1.39 0.24
C LYS A 54 -13.84 2.46 0.80
N VAL A 55 -14.58 2.09 1.82
CA VAL A 55 -15.59 2.96 2.39
C VAL A 55 -14.99 3.88 3.45
N LYS A 56 -14.08 3.34 4.21
CA LYS A 56 -13.44 4.10 5.29
C LYS A 56 -12.25 4.93 4.77
N ALA A 57 -12.01 4.88 3.48
CA ALA A 57 -10.91 5.61 2.84
C ALA A 57 -10.94 7.15 3.14
N PRO A 58 -12.08 7.89 2.91
CA PRO A 58 -12.16 9.33 3.23
C PRO A 58 -11.98 9.60 4.73
N LEU A 59 -12.25 8.60 5.53
CA LEU A 59 -12.07 8.65 6.95
C LEU A 59 -10.58 8.56 7.28
N LEU A 60 -9.87 7.79 6.48
CA LEU A 60 -8.45 7.59 6.67
C LEU A 60 -7.68 8.78 6.14
N LEU A 61 -8.26 9.45 5.14
CA LEU A 61 -7.66 10.65 4.55
C LEU A 61 -7.68 11.83 5.52
N GLN A 62 -8.32 11.63 6.65
CA GLN A 62 -8.32 12.63 7.72
C GLN A 62 -7.07 12.43 8.60
N LYS A 63 -6.51 11.24 8.52
CA LYS A 63 -5.34 10.85 9.29
C LYS A 63 -4.10 10.90 8.41
N PHE A 64 -4.21 10.34 7.25
CA PHE A 64 -3.11 10.21 6.33
C PHE A 64 -3.28 11.18 5.16
N PRO A 65 -2.16 11.66 4.59
CA PRO A 65 -2.17 12.60 3.46
C PRO A 65 -2.73 11.98 2.17
N SER A 66 -2.20 10.84 1.82
CA SER A 66 -2.60 10.12 0.65
C SER A 66 -2.39 8.63 0.89
N ILE A 67 -3.00 7.81 0.05
CA ILE A 67 -3.02 6.35 0.21
C ILE A 67 -1.65 5.67 0.28
N GLN A 68 -0.63 6.23 -0.38
CA GLN A 68 0.66 5.55 -0.39
C GLN A 68 1.25 5.60 1.00
N GLN A 69 1.23 6.77 1.63
CA GLN A 69 1.80 6.91 2.97
C GLN A 69 0.85 6.23 3.94
N LEU A 70 -0.42 6.23 3.59
CA LEU A 70 -1.49 5.66 4.41
C LEU A 70 -1.19 4.21 4.72
N SER A 71 -1.16 3.40 3.70
CA SER A 71 -0.96 1.99 3.90
C SER A 71 0.51 1.66 4.25
N ASN A 72 1.42 2.52 3.82
CA ASN A 72 2.87 2.33 4.06
C ASN A 72 3.27 2.89 5.43
N ALA A 73 2.31 3.44 6.15
CA ALA A 73 2.55 3.92 7.50
C ALA A 73 2.86 2.76 8.44
N SER A 74 3.55 3.06 9.51
CA SER A 74 3.93 2.06 10.48
C SER A 74 2.69 1.45 11.15
N ILE A 75 2.88 0.25 11.74
CA ILE A 75 1.81 -0.50 12.42
C ILE A 75 1.04 0.38 13.41
N GLY A 76 1.76 1.25 14.10
CA GLY A 76 1.14 2.15 15.07
C GLY A 76 0.05 3.04 14.46
N GLU A 77 0.29 3.51 13.25
CA GLU A 77 -0.63 4.41 12.58
C GLU A 77 -1.80 3.61 12.03
N LEU A 78 -1.48 2.46 11.48
CA LEU A 78 -2.48 1.57 10.89
C LEU A 78 -3.36 0.93 11.97
N GLU A 79 -2.83 0.81 13.16
CA GLU A 79 -3.55 0.23 14.28
C GLU A 79 -4.59 1.23 14.73
N GLN A 80 -4.24 2.51 14.63
CA GLN A 80 -5.13 3.61 14.98
C GLN A 80 -6.37 3.64 14.12
N VAL A 81 -6.26 3.18 12.90
CA VAL A 81 -7.38 3.24 11.99
C VAL A 81 -8.05 1.91 11.80
N VAL A 82 -7.34 0.85 12.03
CA VAL A 82 -7.91 -0.45 11.94
C VAL A 82 -7.63 -1.27 13.21
N GLY A 83 -6.49 -1.91 13.23
CA GLY A 83 -6.13 -2.77 14.32
C GLY A 83 -4.78 -3.33 14.07
N GLN A 84 -4.08 -3.77 15.10
CA GLN A 84 -2.71 -4.29 14.99
C GLN A 84 -2.57 -5.47 14.00
N ALA A 85 -3.47 -6.43 14.09
CA ALA A 85 -3.37 -7.64 13.28
C ALA A 85 -3.67 -7.33 11.83
N VAL A 86 -4.56 -6.39 11.63
CA VAL A 86 -4.98 -6.00 10.32
C VAL A 86 -3.90 -5.16 9.70
N ALA A 87 -3.31 -4.33 10.53
CA ALA A 87 -2.22 -3.44 10.15
C ALA A 87 -1.07 -4.24 9.58
N GLN A 88 -0.80 -5.35 10.22
CA GLN A 88 0.24 -6.24 9.85
C GLN A 88 0.00 -6.87 8.49
N GLN A 89 -1.24 -7.24 8.17
CA GLN A 89 -1.51 -7.84 6.86
C GLN A 89 -1.44 -6.78 5.77
N ILE A 90 -1.79 -5.56 6.13
CA ILE A 90 -1.70 -4.43 5.21
C ILE A 90 -0.24 -4.15 4.94
N HIS A 91 0.50 -3.98 6.00
CA HIS A 91 1.90 -3.66 5.97
C HIS A 91 2.70 -4.77 5.28
N ALA A 92 2.38 -6.01 5.62
CA ALA A 92 3.07 -7.17 5.02
C ALA A 92 2.69 -7.36 3.56
N PHE A 93 1.51 -6.91 3.17
CA PHE A 93 0.98 -7.09 1.80
C PHE A 93 1.96 -6.59 0.75
N PHE A 94 2.47 -5.40 0.94
CA PHE A 94 3.38 -4.79 -0.01
C PHE A 94 4.84 -5.07 0.35
N THR A 95 5.10 -5.27 1.62
CA THR A 95 6.46 -5.53 2.07
C THR A 95 6.89 -6.99 1.72
N GLN A 96 5.98 -7.91 1.84
CA GLN A 96 6.23 -9.29 1.50
C GLN A 96 5.79 -9.51 0.05
N PRO A 97 6.70 -9.92 -0.82
CA PRO A 97 6.41 -10.11 -2.23
C PRO A 97 5.53 -11.35 -2.48
N ARG A 98 4.89 -11.34 -3.62
CA ARG A 98 4.07 -12.42 -4.04
C ARG A 98 4.60 -12.91 -5.36
N SER A 24 23.48 2.98 -39.59
CA SER A 24 23.11 4.20 -38.95
C SER A 24 24.37 4.80 -38.33
N LYS A 25 24.50 6.10 -38.43
CA LYS A 25 25.66 6.81 -37.90
C LYS A 25 25.25 7.68 -36.72
N ASN A 26 24.36 8.59 -36.98
CA ASN A 26 23.92 9.57 -36.01
C ASN A 26 23.03 8.92 -34.97
N PRO A 27 23.32 9.11 -33.68
CA PRO A 27 22.46 8.65 -32.61
C PRO A 27 21.22 9.54 -32.55
N LEU A 28 20.17 9.07 -33.16
CA LEU A 28 18.95 9.83 -33.26
C LEU A 28 17.78 9.06 -32.63
N LEU A 29 17.98 7.77 -32.46
CA LEU A 29 17.00 6.89 -31.86
C LEU A 29 17.61 6.32 -30.59
N GLY A 30 16.77 5.92 -29.68
CA GLY A 30 17.24 5.35 -28.47
C GLY A 30 16.87 6.20 -27.32
N LYS A 31 17.67 6.17 -26.32
CA LYS A 31 17.45 6.95 -25.13
C LYS A 31 18.51 8.01 -25.09
N LYS A 32 18.20 9.15 -24.56
CA LYS A 32 19.20 10.15 -24.40
C LYS A 32 19.36 10.36 -22.92
N ARG A 33 20.59 10.25 -22.45
CA ARG A 33 20.91 10.15 -21.03
C ARG A 33 20.22 11.18 -20.14
N ALA A 34 19.24 10.69 -19.43
CA ALA A 34 18.46 11.43 -18.48
C ALA A 34 17.95 10.41 -17.50
N LEU A 35 17.62 10.82 -16.32
CA LEU A 35 17.17 9.89 -15.32
C LEU A 35 15.73 10.15 -14.92
N LEU A 36 15.02 9.09 -14.66
CA LEU A 36 13.65 9.13 -14.26
C LEU A 36 13.40 7.97 -13.33
N LEU A 37 12.78 8.22 -12.20
CA LEU A 37 12.45 7.16 -11.29
C LEU A 37 11.20 6.44 -11.77
N SER A 38 11.38 5.27 -12.29
CA SER A 38 10.29 4.50 -12.75
C SER A 38 9.74 3.69 -11.59
N GLU A 39 8.55 3.99 -11.24
CA GLU A 39 7.88 3.40 -10.10
C GLU A 39 6.79 2.48 -10.65
N PRO A 40 6.63 1.27 -10.07
CA PRO A 40 5.65 0.24 -10.53
C PRO A 40 4.17 0.61 -10.29
N SER A 41 3.93 1.84 -9.89
CA SER A 41 2.60 2.39 -9.62
C SER A 41 1.94 1.63 -8.46
N LEU A 42 2.79 1.24 -7.51
CA LEU A 42 2.42 0.42 -6.36
C LEU A 42 1.30 1.05 -5.52
N LEU A 43 1.19 2.37 -5.57
CA LEU A 43 0.16 3.07 -4.81
C LEU A 43 -1.25 2.70 -5.29
N ARG A 44 -1.37 2.24 -6.54
CA ARG A 44 -2.66 1.86 -7.07
C ARG A 44 -3.11 0.55 -6.41
N THR A 45 -2.15 -0.30 -6.08
CA THR A 45 -2.43 -1.56 -5.47
C THR A 45 -2.53 -1.42 -3.94
N VAL A 46 -1.71 -0.54 -3.39
CA VAL A 46 -1.62 -0.30 -1.96
C VAL A 46 -2.96 0.21 -1.38
N GLN A 47 -3.76 0.84 -2.21
CA GLN A 47 -5.05 1.32 -1.78
C GLN A 47 -6.13 0.24 -1.88
N GLN A 48 -5.78 -0.90 -2.50
CA GLN A 48 -6.74 -1.99 -2.72
C GLN A 48 -6.62 -3.05 -1.65
N ILE A 49 -6.01 -2.70 -0.55
CA ILE A 49 -5.77 -3.63 0.52
C ILE A 49 -7.01 -3.74 1.42
N PRO A 50 -7.57 -4.94 1.54
CA PRO A 50 -8.68 -5.17 2.43
C PRO A 50 -8.17 -5.11 3.86
N GLY A 51 -8.81 -4.34 4.67
CA GLY A 51 -8.32 -4.07 5.99
C GLY A 51 -8.20 -2.60 6.15
N VAL A 52 -7.88 -1.94 5.05
CA VAL A 52 -7.83 -0.49 5.00
C VAL A 52 -9.26 0.03 5.15
N GLY A 53 -10.16 -0.61 4.45
CA GLY A 53 -11.54 -0.29 4.56
C GLY A 53 -12.05 0.43 3.35
N LYS A 54 -13.25 0.10 2.96
CA LYS A 54 -13.89 0.73 1.84
C LYS A 54 -14.67 1.96 2.29
N VAL A 55 -15.27 1.87 3.47
CA VAL A 55 -16.04 2.97 4.03
C VAL A 55 -15.13 3.87 4.84
N LYS A 56 -14.14 3.26 5.43
CA LYS A 56 -13.18 3.97 6.26
C LYS A 56 -12.16 4.73 5.39
N ALA A 57 -12.15 4.38 4.11
CA ALA A 57 -11.20 4.93 3.13
C ALA A 57 -11.18 6.49 3.09
N PRO A 58 -12.33 7.20 2.91
CA PRO A 58 -12.34 8.68 2.89
C PRO A 58 -11.85 9.28 4.22
N LEU A 59 -12.12 8.60 5.32
CA LEU A 59 -11.72 9.04 6.64
C LEU A 59 -10.22 8.94 6.79
N LEU A 60 -9.66 7.88 6.27
CA LEU A 60 -8.23 7.67 6.31
C LEU A 60 -7.53 8.68 5.42
N LEU A 61 -8.23 9.12 4.38
CA LEU A 61 -7.70 10.11 3.47
C LEU A 61 -7.71 11.52 4.12
N GLN A 62 -8.35 11.62 5.28
CA GLN A 62 -8.35 12.85 6.06
C GLN A 62 -7.18 12.83 7.03
N LYS A 63 -6.82 11.64 7.45
CA LYS A 63 -5.73 11.46 8.38
C LYS A 63 -4.41 11.44 7.67
N PHE A 64 -4.34 10.62 6.67
CA PHE A 64 -3.15 10.43 5.89
C PHE A 64 -3.20 11.28 4.63
N PRO A 65 -2.05 11.76 4.12
CA PRO A 65 -2.02 12.62 2.96
C PRO A 65 -2.43 11.90 1.68
N SER A 66 -1.96 10.69 1.51
CA SER A 66 -2.25 9.94 0.33
C SER A 66 -2.30 8.48 0.68
N ILE A 67 -2.82 7.68 -0.23
CA ILE A 67 -2.90 6.23 -0.04
C ILE A 67 -1.52 5.61 0.10
N GLN A 68 -0.53 6.23 -0.53
CA GLN A 68 0.83 5.76 -0.51
C GLN A 68 1.35 5.80 0.92
N GLN A 69 1.11 6.90 1.60
CA GLN A 69 1.58 7.06 2.96
C GLN A 69 0.63 6.30 3.88
N LEU A 70 -0.64 6.27 3.51
CA LEU A 70 -1.71 5.65 4.30
C LEU A 70 -1.36 4.22 4.67
N SER A 71 -1.24 3.39 3.66
CA SER A 71 -0.95 1.99 3.88
C SER A 71 0.50 1.78 4.37
N ASN A 72 1.35 2.75 4.12
CA ASN A 72 2.76 2.69 4.50
C ASN A 72 2.98 3.26 5.92
N ALA A 73 1.87 3.62 6.57
CA ALA A 73 1.91 4.06 7.95
C ALA A 73 2.34 2.90 8.84
N SER A 74 2.89 3.24 9.99
CA SER A 74 3.42 2.26 10.88
C SER A 74 2.27 1.50 11.56
N ILE A 75 2.61 0.42 12.22
CA ILE A 75 1.62 -0.47 12.84
C ILE A 75 0.78 0.30 13.87
N GLY A 76 1.42 1.20 14.59
CA GLY A 76 0.74 2.01 15.58
C GLY A 76 -0.37 2.87 14.97
N GLU A 77 -0.17 3.28 13.74
CA GLU A 77 -1.11 4.14 13.05
C GLU A 77 -2.22 3.29 12.44
N LEU A 78 -1.86 2.14 11.97
CA LEU A 78 -2.81 1.24 11.34
C LEU A 78 -3.65 0.48 12.40
N GLU A 79 -3.12 0.36 13.60
CA GLU A 79 -3.83 -0.35 14.66
C GLU A 79 -4.84 0.60 15.24
N GLN A 80 -4.45 1.86 15.33
CA GLN A 80 -5.30 2.88 15.91
C GLN A 80 -6.53 3.16 15.05
N VAL A 81 -6.51 2.69 13.82
CA VAL A 81 -7.66 2.80 12.96
C VAL A 81 -8.39 1.48 12.84
N VAL A 82 -7.66 0.38 12.84
CA VAL A 82 -8.31 -0.92 12.78
C VAL A 82 -7.81 -1.85 13.89
N GLY A 83 -6.65 -2.44 13.69
CA GLY A 83 -6.13 -3.38 14.64
C GLY A 83 -4.77 -3.89 14.23
N GLN A 84 -4.09 -4.54 15.17
CA GLN A 84 -2.76 -5.10 14.97
C GLN A 84 -2.71 -6.09 13.82
N ALA A 85 -3.65 -7.03 13.82
CA ALA A 85 -3.69 -8.11 12.83
C ALA A 85 -3.94 -7.57 11.44
N VAL A 86 -4.61 -6.46 11.40
CA VAL A 86 -4.94 -5.79 10.19
C VAL A 86 -3.74 -5.00 9.71
N ALA A 87 -3.18 -4.24 10.61
CA ALA A 87 -2.03 -3.37 10.39
C ALA A 87 -0.88 -4.15 9.77
N GLN A 88 -0.64 -5.29 10.34
CA GLN A 88 0.38 -6.19 9.93
C GLN A 88 0.17 -6.66 8.51
N GLN A 89 -1.06 -7.06 8.17
CA GLN A 89 -1.32 -7.54 6.82
C GLN A 89 -1.36 -6.41 5.80
N ILE A 90 -1.72 -5.22 6.23
CA ILE A 90 -1.68 -4.04 5.37
C ILE A 90 -0.24 -3.65 5.08
N HIS A 91 0.54 -3.54 6.12
CA HIS A 91 1.90 -3.08 5.98
C HIS A 91 2.76 -4.17 5.32
N ALA A 92 2.51 -5.43 5.66
CA ALA A 92 3.26 -6.52 5.04
C ALA A 92 2.84 -6.77 3.58
N PHE A 93 1.68 -6.23 3.20
CA PHE A 93 1.11 -6.41 1.86
C PHE A 93 2.09 -5.99 0.77
N PHE A 94 2.54 -4.77 0.84
CA PHE A 94 3.46 -4.23 -0.17
C PHE A 94 4.89 -4.67 0.09
N THR A 95 5.18 -4.94 1.36
CA THR A 95 6.50 -5.37 1.76
C THR A 95 6.84 -6.73 1.14
N GLN A 96 5.86 -7.62 1.07
CA GLN A 96 6.05 -8.89 0.41
C GLN A 96 5.27 -8.90 -0.89
N PRO A 97 5.96 -8.89 -2.03
CA PRO A 97 5.32 -8.89 -3.32
C PRO A 97 5.07 -10.29 -3.86
N ARG A 98 4.12 -10.40 -4.73
CA ARG A 98 3.75 -11.63 -5.38
C ARG A 98 3.39 -11.31 -6.80
N SER A 24 19.04 -31.03 -14.75
CA SER A 24 17.72 -30.61 -14.37
C SER A 24 17.77 -30.21 -12.90
N LYS A 25 17.59 -28.93 -12.63
CA LYS A 25 17.70 -28.41 -11.27
C LYS A 25 16.42 -27.77 -10.77
N ASN A 26 15.34 -28.00 -11.47
CA ASN A 26 14.06 -27.45 -11.07
C ASN A 26 13.07 -28.59 -10.99
N PRO A 27 12.06 -28.50 -10.13
CA PRO A 27 11.02 -29.52 -10.05
C PRO A 27 10.25 -29.57 -11.34
N LEU A 28 10.37 -30.69 -12.01
CA LEU A 28 9.83 -30.88 -13.32
C LEU A 28 8.31 -31.08 -13.32
N LEU A 29 7.72 -31.19 -12.15
CA LEU A 29 6.29 -31.17 -12.07
C LEU A 29 5.89 -29.71 -12.07
N GLY A 30 5.39 -29.25 -13.19
CA GLY A 30 5.13 -27.89 -13.35
C GLY A 30 6.36 -27.21 -13.89
N LYS A 31 6.32 -25.95 -13.95
CA LYS A 31 7.45 -25.18 -14.42
C LYS A 31 8.01 -24.39 -13.28
N LYS A 32 9.18 -23.83 -13.48
CA LYS A 32 9.79 -22.99 -12.49
C LYS A 32 9.04 -21.67 -12.52
N ARG A 33 8.35 -21.36 -11.45
CA ARG A 33 7.60 -20.16 -11.41
C ARG A 33 8.50 -18.97 -11.14
N ALA A 34 8.92 -18.36 -12.21
CA ALA A 34 9.63 -17.12 -12.15
C ALA A 34 8.60 -16.06 -12.30
N LEU A 35 8.33 -15.36 -11.23
CA LEU A 35 7.26 -14.40 -11.24
C LEU A 35 7.74 -13.07 -10.74
N LEU A 36 7.61 -12.09 -11.57
CA LEU A 36 7.94 -10.75 -11.20
C LEU A 36 6.66 -9.94 -11.19
N LEU A 37 6.43 -9.24 -10.12
CA LEU A 37 5.26 -8.42 -10.00
C LEU A 37 5.75 -7.00 -9.78
N SER A 38 5.82 -6.26 -10.83
CA SER A 38 6.35 -4.93 -10.78
C SER A 38 5.24 -3.87 -10.77
N GLU A 39 5.00 -3.32 -9.61
CA GLU A 39 4.07 -2.21 -9.44
C GLU A 39 4.85 -0.91 -9.25
N PRO A 40 5.06 -0.12 -10.31
CA PRO A 40 5.71 1.19 -10.19
C PRO A 40 4.72 2.20 -9.59
N SER A 41 3.47 1.90 -9.80
CA SER A 41 2.36 2.66 -9.36
C SER A 41 1.68 1.96 -8.19
N LEU A 42 2.51 1.29 -7.37
CA LEU A 42 2.12 0.42 -6.23
C LEU A 42 0.99 1.01 -5.37
N LEU A 43 0.98 2.33 -5.20
CA LEU A 43 -0.06 3.01 -4.40
C LEU A 43 -1.49 2.74 -4.93
N ARG A 44 -1.60 2.38 -6.20
CA ARG A 44 -2.89 2.02 -6.79
C ARG A 44 -3.38 0.71 -6.17
N THR A 45 -2.45 -0.20 -5.96
CA THR A 45 -2.74 -1.49 -5.42
C THR A 45 -2.74 -1.48 -3.88
N VAL A 46 -1.93 -0.62 -3.30
CA VAL A 46 -1.79 -0.53 -1.84
C VAL A 46 -3.10 -0.06 -1.17
N GLN A 47 -3.90 0.68 -1.93
CA GLN A 47 -5.18 1.16 -1.45
C GLN A 47 -6.28 0.11 -1.69
N GLN A 48 -5.92 -0.96 -2.42
CA GLN A 48 -6.86 -2.02 -2.75
C GLN A 48 -6.60 -3.24 -1.90
N ILE A 49 -5.87 -3.06 -0.84
CA ILE A 49 -5.59 -4.15 0.06
C ILE A 49 -6.82 -4.38 0.94
N PRO A 50 -7.32 -5.62 1.00
CA PRO A 50 -8.45 -5.94 1.85
C PRO A 50 -8.06 -5.79 3.31
N GLY A 51 -8.84 -5.07 4.03
CA GLY A 51 -8.53 -4.82 5.40
C GLY A 51 -8.38 -3.35 5.65
N VAL A 52 -7.87 -2.63 4.65
CA VAL A 52 -7.66 -1.17 4.74
C VAL A 52 -8.98 -0.45 5.02
N GLY A 53 -9.92 -0.61 4.12
CA GLY A 53 -11.19 0.01 4.31
C GLY A 53 -11.47 1.07 3.30
N LYS A 54 -12.15 0.69 2.25
CA LYS A 54 -12.46 1.61 1.16
C LYS A 54 -13.59 2.56 1.55
N VAL A 55 -14.34 2.16 2.54
CA VAL A 55 -15.45 2.96 3.06
C VAL A 55 -14.89 3.98 4.06
N LYS A 56 -13.81 3.60 4.72
CA LYS A 56 -13.16 4.42 5.72
C LYS A 56 -12.21 5.42 5.02
N ALA A 57 -12.05 5.25 3.71
CA ALA A 57 -11.13 6.04 2.89
C ALA A 57 -11.25 7.57 3.07
N PRO A 58 -12.47 8.21 3.01
CA PRO A 58 -12.61 9.66 3.23
C PRO A 58 -12.07 10.10 4.60
N LEU A 59 -12.28 9.26 5.60
CA LEU A 59 -11.80 9.52 6.95
C LEU A 59 -10.30 9.35 6.97
N LEU A 60 -9.81 8.34 6.27
CA LEU A 60 -8.39 8.07 6.19
C LEU A 60 -7.67 9.18 5.46
N LEU A 61 -8.33 9.76 4.48
CA LEU A 61 -7.77 10.85 3.69
C LEU A 61 -7.64 12.14 4.54
N GLN A 62 -8.31 12.15 5.67
CA GLN A 62 -8.22 13.27 6.59
C GLN A 62 -7.07 13.04 7.55
N LYS A 63 -6.85 11.80 7.92
CA LYS A 63 -5.79 11.44 8.84
C LYS A 63 -4.46 11.35 8.13
N PHE A 64 -4.46 10.67 7.03
CA PHE A 64 -3.28 10.44 6.27
C PHE A 64 -3.27 11.39 5.07
N PRO A 65 -2.08 11.85 4.67
CA PRO A 65 -1.93 12.73 3.50
C PRO A 65 -2.50 12.09 2.24
N SER A 66 -2.15 10.85 2.01
CA SER A 66 -2.58 10.14 0.85
C SER A 66 -2.60 8.65 1.18
N ILE A 67 -3.13 7.84 0.27
CA ILE A 67 -3.14 6.38 0.42
C ILE A 67 -1.71 5.84 0.43
N GLN A 68 -0.83 6.61 -0.20
CA GLN A 68 0.56 6.28 -0.34
C GLN A 68 1.24 6.27 1.02
N GLN A 69 0.98 7.27 1.84
CA GLN A 69 1.55 7.29 3.18
C GLN A 69 0.72 6.36 4.06
N LEU A 70 -0.59 6.36 3.80
CA LEU A 70 -1.62 5.62 4.57
C LEU A 70 -1.21 4.18 4.79
N SER A 71 -1.15 3.41 3.73
CA SER A 71 -0.87 2.02 3.84
C SER A 71 0.59 1.74 4.24
N ASN A 72 1.45 2.71 4.02
CA ASN A 72 2.86 2.58 4.35
C ASN A 72 3.16 3.06 5.76
N ALA A 73 2.15 3.50 6.46
CA ALA A 73 2.26 3.90 7.84
C ALA A 73 2.61 2.72 8.72
N SER A 74 3.22 3.00 9.83
CA SER A 74 3.65 1.96 10.75
C SER A 74 2.44 1.24 11.38
N ILE A 75 2.70 0.09 11.99
CA ILE A 75 1.65 -0.70 12.65
C ILE A 75 0.93 0.16 13.68
N GLY A 76 1.70 1.00 14.35
CA GLY A 76 1.18 1.92 15.34
C GLY A 76 0.12 2.87 14.78
N GLU A 77 0.31 3.31 13.56
CA GLU A 77 -0.59 4.27 12.92
C GLU A 77 -1.79 3.54 12.32
N LEU A 78 -1.50 2.37 11.79
CA LEU A 78 -2.52 1.53 11.16
C LEU A 78 -3.45 0.89 12.21
N GLU A 79 -2.93 0.62 13.39
CA GLU A 79 -3.74 0.01 14.46
C GLU A 79 -4.79 0.98 14.92
N GLN A 80 -4.46 2.25 14.83
CA GLN A 80 -5.34 3.33 15.21
C GLN A 80 -6.59 3.42 14.33
N VAL A 81 -6.49 2.93 13.13
CA VAL A 81 -7.63 2.97 12.23
C VAL A 81 -8.32 1.63 12.09
N VAL A 82 -7.54 0.57 12.05
CA VAL A 82 -8.10 -0.77 11.96
C VAL A 82 -7.79 -1.63 13.17
N GLY A 83 -6.61 -2.19 13.21
CA GLY A 83 -6.22 -3.04 14.26
C GLY A 83 -4.82 -3.46 14.04
N GLN A 84 -4.19 -4.04 15.02
CA GLN A 84 -2.79 -4.45 14.88
C GLN A 84 -2.68 -5.62 13.92
N ALA A 85 -3.58 -6.57 14.04
CA ALA A 85 -3.55 -7.76 13.17
C ALA A 85 -3.83 -7.37 11.72
N VAL A 86 -4.65 -6.36 11.54
CA VAL A 86 -5.01 -5.90 10.21
C VAL A 86 -3.84 -5.13 9.65
N ALA A 87 -3.24 -4.34 10.51
CA ALA A 87 -2.10 -3.50 10.17
C ALA A 87 -0.97 -4.34 9.62
N GLN A 88 -0.73 -5.44 10.29
CA GLN A 88 0.31 -6.37 9.95
C GLN A 88 0.10 -6.95 8.58
N GLN A 89 -1.09 -7.40 8.27
CA GLN A 89 -1.35 -7.99 6.96
C GLN A 89 -1.30 -6.94 5.84
N ILE A 90 -1.72 -5.72 6.17
CA ILE A 90 -1.65 -4.61 5.21
C ILE A 90 -0.20 -4.22 4.97
N HIS A 91 0.53 -4.02 6.04
CA HIS A 91 1.91 -3.59 5.96
C HIS A 91 2.78 -4.70 5.35
N ALA A 92 2.50 -5.94 5.73
CA ALA A 92 3.27 -7.07 5.20
C ALA A 92 2.94 -7.37 3.75
N PHE A 93 1.81 -6.87 3.26
CA PHE A 93 1.37 -7.11 1.88
C PHE A 93 2.44 -6.68 0.89
N PHE A 94 2.91 -5.47 1.05
CA PHE A 94 3.93 -4.91 0.18
C PHE A 94 5.34 -5.22 0.68
N THR A 95 5.49 -5.39 1.98
CA THR A 95 6.80 -5.64 2.57
C THR A 95 7.28 -7.08 2.30
N GLN A 96 6.42 -8.03 2.50
CA GLN A 96 6.76 -9.42 2.37
C GLN A 96 6.65 -9.83 0.91
N PRO A 97 7.62 -10.60 0.40
CA PRO A 97 7.59 -11.12 -0.98
C PRO A 97 6.30 -11.83 -1.30
N ARG A 98 5.89 -11.67 -2.51
CA ARG A 98 4.63 -12.21 -2.95
C ARG A 98 4.88 -13.58 -3.54
N SER A 24 10.11 -25.42 9.74
CA SER A 24 10.91 -25.48 8.56
C SER A 24 11.10 -24.10 7.95
N LYS A 25 12.31 -23.62 8.00
CA LYS A 25 12.65 -22.33 7.47
C LYS A 25 13.39 -22.52 6.16
N ASN A 26 13.41 -21.51 5.37
CA ASN A 26 14.08 -21.53 4.09
C ASN A 26 15.20 -20.52 4.15
N PRO A 27 16.13 -20.51 3.18
CA PRO A 27 17.13 -19.46 3.10
C PRO A 27 16.46 -18.14 2.76
N LEU A 28 16.18 -17.35 3.79
CA LEU A 28 15.55 -16.08 3.63
C LEU A 28 16.53 -15.14 2.95
N LEU A 29 17.77 -15.29 3.35
CA LEU A 29 18.85 -14.59 2.76
C LEU A 29 19.43 -15.49 1.69
N GLY A 30 19.26 -15.10 0.47
CA GLY A 30 19.70 -15.89 -0.64
C GLY A 30 19.09 -15.39 -1.89
N LYS A 31 18.85 -16.23 -2.84
CA LYS A 31 18.24 -15.79 -4.05
C LYS A 31 16.93 -16.48 -4.30
N LYS A 32 15.88 -15.70 -4.26
CA LYS A 32 14.57 -16.13 -4.61
C LYS A 32 13.91 -14.97 -5.31
N ARG A 33 13.95 -14.99 -6.59
CA ARG A 33 13.48 -13.87 -7.34
C ARG A 33 12.03 -14.03 -7.71
N ALA A 34 11.20 -13.24 -7.08
CA ALA A 34 9.82 -13.20 -7.39
C ALA A 34 9.65 -12.16 -8.46
N LEU A 35 9.48 -12.61 -9.66
CA LEU A 35 9.37 -11.74 -10.78
C LEU A 35 7.92 -11.57 -11.15
N LEU A 36 7.46 -10.36 -11.07
CA LEU A 36 6.10 -10.01 -11.34
C LEU A 36 6.17 -8.57 -11.82
N LEU A 37 5.11 -8.04 -12.40
CA LEU A 37 5.09 -6.66 -12.87
C LEU A 37 5.30 -5.65 -11.74
N SER A 38 6.52 -5.20 -11.64
CA SER A 38 6.89 -4.23 -10.67
C SER A 38 6.58 -2.86 -11.21
N GLU A 39 5.57 -2.26 -10.67
CA GLU A 39 5.21 -0.95 -11.06
C GLU A 39 5.45 -0.04 -9.89
N PRO A 40 6.07 1.12 -10.11
CA PRO A 40 6.31 2.10 -9.06
C PRO A 40 5.00 2.70 -8.55
N SER A 41 3.95 2.48 -9.31
CA SER A 41 2.65 2.92 -8.98
C SER A 41 2.06 1.96 -7.92
N LEU A 42 2.44 2.16 -6.68
CA LEU A 42 1.99 1.32 -5.61
C LEU A 42 0.73 1.87 -4.99
N LEU A 43 0.63 3.20 -4.97
CA LEU A 43 -0.50 3.93 -4.38
C LEU A 43 -1.86 3.40 -4.87
N ARG A 44 -1.94 3.09 -6.14
CA ARG A 44 -3.15 2.55 -6.75
C ARG A 44 -3.58 1.21 -6.11
N THR A 45 -2.64 0.32 -5.93
CA THR A 45 -2.92 -1.00 -5.43
C THR A 45 -2.91 -1.04 -3.89
N VAL A 46 -2.13 -0.18 -3.29
CA VAL A 46 -1.94 -0.16 -1.85
C VAL A 46 -3.24 0.28 -1.12
N GLN A 47 -4.08 1.00 -1.82
CA GLN A 47 -5.37 1.41 -1.27
C GLN A 47 -6.43 0.30 -1.41
N GLN A 48 -6.08 -0.77 -2.14
CA GLN A 48 -7.02 -1.87 -2.38
C GLN A 48 -6.71 -3.05 -1.47
N ILE A 49 -6.04 -2.77 -0.40
CA ILE A 49 -5.68 -3.79 0.56
C ILE A 49 -6.79 -3.94 1.59
N PRO A 50 -7.19 -5.19 1.89
CA PRO A 50 -8.18 -5.43 2.94
C PRO A 50 -7.63 -4.99 4.29
N GLY A 51 -8.39 -4.21 4.99
CA GLY A 51 -7.93 -3.64 6.22
C GLY A 51 -7.92 -2.15 6.11
N VAL A 52 -7.67 -1.68 4.89
CA VAL A 52 -7.70 -0.27 4.61
C VAL A 52 -9.16 0.18 4.58
N GLY A 53 -9.94 -0.42 3.69
CA GLY A 53 -11.36 -0.17 3.66
C GLY A 53 -11.79 0.71 2.52
N LYS A 54 -12.99 0.46 2.04
CA LYS A 54 -13.60 1.27 0.99
C LYS A 54 -14.41 2.43 1.59
N VAL A 55 -15.17 2.13 2.64
CA VAL A 55 -16.08 3.10 3.23
C VAL A 55 -15.32 4.01 4.15
N LYS A 56 -14.31 3.47 4.78
CA LYS A 56 -13.51 4.23 5.71
C LYS A 56 -12.33 4.88 5.01
N ALA A 57 -12.30 4.76 3.68
CA ALA A 57 -11.23 5.32 2.85
C ALA A 57 -11.20 6.88 2.85
N PRO A 58 -12.38 7.59 2.66
CA PRO A 58 -12.40 9.07 2.69
C PRO A 58 -11.94 9.58 4.05
N LEU A 59 -12.34 8.86 5.07
CA LEU A 59 -11.96 9.13 6.45
C LEU A 59 -10.44 9.00 6.60
N LEU A 60 -9.88 7.93 6.06
CA LEU A 60 -8.44 7.69 6.10
C LEU A 60 -7.69 8.79 5.38
N LEU A 61 -8.26 9.26 4.29
CA LEU A 61 -7.68 10.36 3.51
C LEU A 61 -7.68 11.66 4.30
N GLN A 62 -8.48 11.72 5.34
CA GLN A 62 -8.52 12.87 6.21
C GLN A 62 -7.56 12.70 7.36
N LYS A 63 -6.99 11.53 7.48
CA LYS A 63 -6.04 11.24 8.55
C LYS A 63 -4.65 11.27 7.97
N PHE A 64 -4.48 10.54 6.91
CA PHE A 64 -3.24 10.43 6.20
C PHE A 64 -3.31 11.37 5.02
N PRO A 65 -2.18 11.93 4.57
CA PRO A 65 -2.20 12.93 3.49
C PRO A 65 -2.72 12.36 2.18
N SER A 66 -2.27 11.17 1.86
CA SER A 66 -2.66 10.48 0.66
C SER A 66 -2.48 8.98 0.90
N ILE A 67 -2.94 8.17 -0.03
CA ILE A 67 -2.93 6.72 0.13
C ILE A 67 -1.52 6.10 0.18
N GLN A 68 -0.55 6.72 -0.48
CA GLN A 68 0.80 6.16 -0.52
C GLN A 68 1.45 6.17 0.87
N GLN A 69 1.17 7.20 1.67
CA GLN A 69 1.69 7.22 3.02
C GLN A 69 0.80 6.34 3.88
N LEU A 70 -0.49 6.39 3.58
CA LEU A 70 -1.56 5.72 4.36
C LEU A 70 -1.25 4.26 4.63
N SER A 71 -1.25 3.47 3.60
CA SER A 71 -1.09 2.04 3.76
C SER A 71 0.34 1.66 4.13
N ASN A 72 1.27 2.52 3.79
CA ASN A 72 2.68 2.30 4.06
C ASN A 72 3.08 2.81 5.44
N ALA A 73 2.12 3.35 6.17
CA ALA A 73 2.35 3.80 7.52
C ALA A 73 2.71 2.62 8.44
N SER A 74 3.40 2.92 9.51
CA SER A 74 3.86 1.92 10.45
C SER A 74 2.68 1.19 11.13
N ILE A 75 2.96 0.01 11.70
CA ILE A 75 1.94 -0.80 12.40
C ILE A 75 1.17 0.04 13.43
N GLY A 76 1.89 0.91 14.14
CA GLY A 76 1.29 1.76 15.14
C GLY A 76 0.25 2.72 14.57
N GLU A 77 0.42 3.13 13.33
CA GLU A 77 -0.50 4.04 12.70
C GLU A 77 -1.68 3.26 12.16
N LEU A 78 -1.36 2.15 11.51
CA LEU A 78 -2.37 1.26 10.91
C LEU A 78 -3.25 0.62 12.00
N GLU A 79 -2.69 0.46 13.17
CA GLU A 79 -3.41 -0.13 14.30
C GLU A 79 -4.46 0.85 14.77
N GLN A 80 -4.13 2.13 14.70
CA GLN A 80 -4.99 3.20 15.13
C GLN A 80 -6.28 3.28 14.32
N VAL A 81 -6.25 2.80 13.12
CA VAL A 81 -7.42 2.88 12.26
C VAL A 81 -8.17 1.56 12.20
N VAL A 82 -7.47 0.49 12.42
CA VAL A 82 -8.08 -0.83 12.49
C VAL A 82 -7.62 -1.63 13.72
N GLY A 83 -6.48 -2.25 13.61
CA GLY A 83 -5.98 -3.07 14.67
C GLY A 83 -4.64 -3.58 14.27
N GLN A 84 -3.89 -4.11 15.21
CA GLN A 84 -2.55 -4.60 14.94
C GLN A 84 -2.54 -5.79 14.00
N ALA A 85 -3.49 -6.69 14.15
CA ALA A 85 -3.56 -7.88 13.31
C ALA A 85 -3.86 -7.50 11.88
N VAL A 86 -4.69 -6.48 11.72
CA VAL A 86 -5.09 -6.01 10.41
C VAL A 86 -3.95 -5.21 9.82
N ALA A 87 -3.31 -4.44 10.67
CA ALA A 87 -2.15 -3.62 10.31
C ALA A 87 -1.07 -4.50 9.72
N GLN A 88 -0.87 -5.64 10.33
CA GLN A 88 0.10 -6.60 9.92
C GLN A 88 -0.17 -7.13 8.54
N GLN A 89 -1.42 -7.40 8.20
CA GLN A 89 -1.72 -7.92 6.87
C GLN A 89 -1.55 -6.84 5.80
N ILE A 90 -1.88 -5.60 6.16
CA ILE A 90 -1.69 -4.46 5.27
C ILE A 90 -0.19 -4.25 5.04
N HIS A 91 0.55 -4.24 6.13
CA HIS A 91 1.97 -4.03 6.09
C HIS A 91 2.67 -5.21 5.39
N ALA A 92 2.21 -6.43 5.68
CA ALA A 92 2.76 -7.63 5.06
C ALA A 92 2.53 -7.66 3.55
N PHE A 93 1.48 -6.97 3.11
CA PHE A 93 1.08 -6.93 1.70
C PHE A 93 2.22 -6.43 0.83
N PHE A 94 2.88 -5.41 1.27
CA PHE A 94 4.01 -4.89 0.52
C PHE A 94 5.33 -5.45 1.03
N THR A 95 5.38 -5.80 2.30
CA THR A 95 6.62 -6.34 2.89
C THR A 95 6.99 -7.70 2.26
N GLN A 96 6.02 -8.54 2.04
CA GLN A 96 6.26 -9.83 1.43
C GLN A 96 5.81 -9.78 -0.03
N PRO A 97 6.68 -10.12 -0.97
CA PRO A 97 6.30 -10.22 -2.37
C PRO A 97 5.61 -11.55 -2.64
N ARG A 98 4.84 -11.61 -3.68
CA ARG A 98 4.16 -12.83 -4.05
C ARG A 98 4.87 -13.44 -5.24
N SER A 24 18.70 -7.86 -48.19
CA SER A 24 19.58 -7.76 -47.06
C SER A 24 19.43 -9.01 -46.18
N LYS A 25 20.47 -9.81 -46.13
CA LYS A 25 20.47 -11.01 -45.31
C LYS A 25 21.32 -10.77 -44.06
N ASN A 26 20.74 -10.98 -42.91
CA ASN A 26 21.40 -10.67 -41.65
C ASN A 26 22.17 -11.85 -41.09
N PRO A 27 23.48 -11.67 -40.82
CA PRO A 27 24.36 -12.71 -40.27
C PRO A 27 24.35 -12.71 -38.77
N LEU A 28 23.27 -12.30 -38.23
CA LEU A 28 23.13 -12.17 -36.83
C LEU A 28 21.69 -12.40 -36.43
N LEU A 29 21.43 -13.56 -35.92
CA LEU A 29 20.10 -13.93 -35.50
C LEU A 29 20.04 -13.92 -33.99
N GLY A 30 19.36 -12.95 -33.44
CA GLY A 30 19.25 -12.85 -32.03
C GLY A 30 18.08 -12.01 -31.63
N LYS A 31 17.47 -12.37 -30.54
CA LYS A 31 16.34 -11.64 -30.01
C LYS A 31 16.87 -10.74 -28.88
N LYS A 32 16.06 -9.83 -28.41
CA LYS A 32 16.42 -8.97 -27.34
C LYS A 32 15.25 -8.90 -26.39
N ARG A 33 15.52 -8.71 -25.15
CA ARG A 33 14.49 -8.59 -24.16
C ARG A 33 14.47 -7.17 -23.64
N ALA A 34 13.61 -6.38 -24.19
CA ALA A 34 13.48 -5.01 -23.80
C ALA A 34 12.38 -4.89 -22.79
N LEU A 35 12.75 -4.80 -21.56
CA LEU A 35 11.79 -4.65 -20.51
C LEU A 35 11.75 -3.20 -20.14
N LEU A 36 10.68 -2.55 -20.50
CA LEU A 36 10.54 -1.12 -20.31
C LEU A 36 10.16 -0.82 -18.89
N LEU A 37 10.43 0.38 -18.47
CA LEU A 37 10.10 0.79 -17.14
C LEU A 37 8.61 1.07 -16.97
N SER A 38 7.88 0.03 -16.73
CA SER A 38 6.49 0.14 -16.42
C SER A 38 6.38 0.35 -14.93
N GLU A 39 6.07 1.54 -14.54
CA GLU A 39 6.00 1.92 -13.16
C GLU A 39 4.79 1.35 -12.49
N PRO A 40 4.96 0.42 -11.54
CA PRO A 40 3.87 -0.12 -10.81
C PRO A 40 3.42 0.88 -9.79
N SER A 41 2.33 1.53 -10.07
CA SER A 41 1.77 2.48 -9.20
C SER A 41 1.10 1.75 -8.03
N LEU A 42 1.92 1.30 -7.12
CA LEU A 42 1.48 0.51 -6.00
C LEU A 42 0.55 1.22 -5.07
N LEU A 43 0.57 2.54 -5.09
CA LEU A 43 -0.36 3.29 -4.28
C LEU A 43 -1.83 3.00 -4.67
N ARG A 44 -2.07 2.66 -5.93
CA ARG A 44 -3.43 2.37 -6.37
C ARG A 44 -3.82 0.97 -5.95
N THR A 45 -2.83 0.12 -5.77
CA THR A 45 -3.06 -1.23 -5.33
C THR A 45 -3.14 -1.29 -3.80
N VAL A 46 -2.25 -0.55 -3.17
CA VAL A 46 -2.10 -0.51 -1.73
C VAL A 46 -3.40 -0.02 -1.04
N GLN A 47 -4.20 0.75 -1.76
CA GLN A 47 -5.48 1.23 -1.25
C GLN A 47 -6.56 0.17 -1.45
N GLN A 48 -6.30 -0.82 -2.29
CA GLN A 48 -7.31 -1.82 -2.62
C GLN A 48 -6.99 -3.13 -1.94
N ILE A 49 -6.09 -3.05 -0.97
CA ILE A 49 -5.74 -4.21 -0.17
C ILE A 49 -6.90 -4.53 0.76
N PRO A 50 -7.30 -5.81 0.82
CA PRO A 50 -8.34 -6.23 1.74
C PRO A 50 -7.89 -6.01 3.19
N GLY A 51 -8.71 -5.35 3.95
CA GLY A 51 -8.37 -5.03 5.30
C GLY A 51 -8.29 -3.54 5.51
N VAL A 52 -7.88 -2.81 4.47
CA VAL A 52 -7.76 -1.35 4.56
C VAL A 52 -9.16 -0.73 4.71
N GLY A 53 -9.92 -0.78 3.64
CA GLY A 53 -11.26 -0.27 3.71
C GLY A 53 -11.46 0.95 2.85
N LYS A 54 -12.19 0.79 1.78
CA LYS A 54 -12.45 1.88 0.85
C LYS A 54 -13.54 2.78 1.43
N VAL A 55 -14.22 2.26 2.42
CA VAL A 55 -15.27 2.98 3.09
C VAL A 55 -14.69 3.95 4.08
N LYS A 56 -13.61 3.56 4.73
CA LYS A 56 -12.97 4.42 5.69
C LYS A 56 -11.91 5.28 5.00
N ALA A 57 -11.67 5.01 3.72
CA ALA A 57 -10.65 5.70 2.93
C ALA A 57 -10.77 7.25 2.98
N PRO A 58 -11.96 7.87 2.74
CA PRO A 58 -12.12 9.33 2.86
C PRO A 58 -11.84 9.85 4.28
N LEU A 59 -12.00 9.00 5.26
CA LEU A 59 -11.69 9.33 6.63
C LEU A 59 -10.18 9.27 6.82
N LEU A 60 -9.58 8.28 6.21
CA LEU A 60 -8.15 8.06 6.30
C LEU A 60 -7.38 9.15 5.57
N LEU A 61 -7.96 9.67 4.50
CA LEU A 61 -7.37 10.76 3.72
C LEU A 61 -7.34 12.08 4.54
N GLN A 62 -8.07 12.08 5.63
CA GLN A 62 -8.12 13.22 6.54
C GLN A 62 -7.11 13.04 7.67
N LYS A 63 -6.43 11.92 7.68
CA LYS A 63 -5.38 11.63 8.67
C LYS A 63 -4.04 11.44 7.99
N PHE A 64 -4.04 10.70 6.93
CA PHE A 64 -2.86 10.39 6.17
C PHE A 64 -2.86 11.26 4.93
N PRO A 65 -1.68 11.72 4.45
CA PRO A 65 -1.62 12.64 3.32
C PRO A 65 -2.06 11.97 2.02
N SER A 66 -1.77 10.70 1.89
CA SER A 66 -2.11 9.95 0.71
C SER A 66 -2.30 8.51 1.10
N ILE A 67 -2.89 7.71 0.21
CA ILE A 67 -3.03 6.28 0.44
C ILE A 67 -1.67 5.59 0.46
N GLN A 68 -0.70 6.21 -0.21
CA GLN A 68 0.63 5.68 -0.28
C GLN A 68 1.25 5.71 1.11
N GLN A 69 1.11 6.84 1.80
CA GLN A 69 1.66 6.99 3.13
C GLN A 69 0.80 6.18 4.08
N LEU A 70 -0.50 6.17 3.81
CA LEU A 70 -1.52 5.51 4.62
C LEU A 70 -1.10 4.08 4.94
N SER A 71 -1.02 3.25 3.93
CA SER A 71 -0.67 1.86 4.12
C SER A 71 0.81 1.67 4.55
N ASN A 72 1.65 2.64 4.23
CA ASN A 72 3.08 2.60 4.62
C ASN A 72 3.31 3.14 6.02
N ALA A 73 2.25 3.59 6.64
CA ALA A 73 2.31 4.10 7.99
C ALA A 73 2.64 3.00 8.98
N SER A 74 3.18 3.38 10.10
CA SER A 74 3.58 2.47 11.13
C SER A 74 2.37 1.72 11.68
N ILE A 75 2.63 0.51 12.19
CA ILE A 75 1.60 -0.39 12.70
C ILE A 75 0.69 0.30 13.69
N GLY A 76 1.26 1.19 14.49
CA GLY A 76 0.50 1.95 15.46
C GLY A 76 -0.60 2.77 14.82
N GLU A 77 -0.28 3.46 13.74
CA GLU A 77 -1.22 4.34 13.03
C GLU A 77 -2.30 3.52 12.39
N LEU A 78 -1.88 2.42 11.84
CA LEU A 78 -2.80 1.50 11.20
C LEU A 78 -3.67 0.78 12.25
N GLU A 79 -3.12 0.57 13.43
CA GLU A 79 -3.85 -0.08 14.51
C GLU A 79 -4.95 0.84 14.99
N GLN A 80 -4.65 2.12 14.96
CA GLN A 80 -5.57 3.19 15.32
C GLN A 80 -6.83 3.14 14.46
N VAL A 81 -6.68 2.73 13.23
CA VAL A 81 -7.79 2.74 12.29
C VAL A 81 -8.39 1.36 12.04
N VAL A 82 -7.57 0.35 12.04
CA VAL A 82 -8.06 -1.01 11.89
C VAL A 82 -7.75 -1.90 13.08
N GLY A 83 -6.54 -2.36 13.17
CA GLY A 83 -6.16 -3.24 14.22
C GLY A 83 -4.72 -3.54 14.05
N GLN A 84 -4.10 -4.08 15.06
CA GLN A 84 -2.69 -4.43 15.00
C GLN A 84 -2.46 -5.53 13.97
N ALA A 85 -3.31 -6.56 14.02
CA ALA A 85 -3.19 -7.71 13.11
C ALA A 85 -3.50 -7.29 11.68
N VAL A 86 -4.42 -6.35 11.54
CA VAL A 86 -4.84 -5.88 10.24
C VAL A 86 -3.74 -5.03 9.67
N ALA A 87 -3.17 -4.23 10.53
CA ALA A 87 -2.05 -3.35 10.20
C ALA A 87 -0.90 -4.18 9.61
N GLN A 88 -0.63 -5.28 10.26
CA GLN A 88 0.39 -6.22 9.87
C GLN A 88 0.14 -6.76 8.48
N GLN A 89 -1.06 -7.25 8.22
CA GLN A 89 -1.37 -7.86 6.92
C GLN A 89 -1.34 -6.83 5.79
N ILE A 90 -1.69 -5.59 6.12
CA ILE A 90 -1.65 -4.48 5.17
C ILE A 90 -0.21 -4.05 4.92
N HIS A 91 0.53 -3.79 5.99
CA HIS A 91 1.87 -3.27 5.87
C HIS A 91 2.81 -4.34 5.31
N ALA A 92 2.60 -5.57 5.71
CA ALA A 92 3.44 -6.66 5.23
C ALA A 92 3.06 -7.12 3.82
N PHE A 93 1.93 -6.63 3.31
CA PHE A 93 1.45 -6.98 1.96
C PHE A 93 2.47 -6.56 0.90
N PHE A 94 2.89 -5.32 0.98
CA PHE A 94 3.84 -4.78 0.03
C PHE A 94 5.26 -5.05 0.47
N THR A 95 5.46 -5.18 1.77
CA THR A 95 6.78 -5.42 2.31
C THR A 95 7.24 -6.86 2.04
N GLN A 96 6.37 -7.81 2.23
CA GLN A 96 6.70 -9.20 2.01
C GLN A 96 5.88 -9.72 0.85
N PRO A 97 6.55 -10.18 -0.22
CA PRO A 97 5.89 -10.76 -1.41
C PRO A 97 4.78 -11.75 -1.09
N ARG A 98 3.67 -11.50 -1.70
CA ARG A 98 2.49 -12.29 -1.52
C ARG A 98 1.95 -12.68 -2.87
N SER A 24 15.62 37.27 -7.65
CA SER A 24 14.76 38.43 -7.54
C SER A 24 13.50 38.27 -8.37
N LYS A 25 12.34 38.35 -7.68
CA LYS A 25 10.99 38.28 -8.28
C LYS A 25 10.66 36.87 -8.79
N ASN A 26 11.42 36.40 -9.73
CA ASN A 26 11.24 35.11 -10.34
C ASN A 26 12.21 34.16 -9.69
N PRO A 27 11.86 32.86 -9.57
CA PRO A 27 12.75 31.86 -8.99
C PRO A 27 13.83 31.37 -9.99
N LEU A 28 13.81 31.99 -11.17
CA LEU A 28 14.70 31.69 -12.29
C LEU A 28 14.49 30.27 -12.79
N LEU A 29 13.80 30.13 -13.88
CA LEU A 29 13.53 28.83 -14.43
C LEU A 29 14.76 28.31 -15.16
N GLY A 30 15.39 27.32 -14.59
CA GLY A 30 16.57 26.75 -15.14
C GLY A 30 16.70 25.33 -14.70
N LYS A 31 17.91 24.84 -14.59
CA LYS A 31 18.11 23.49 -14.17
C LYS A 31 18.11 23.38 -12.65
N LYS A 32 17.59 22.28 -12.17
CA LYS A 32 17.56 22.00 -10.76
C LYS A 32 17.61 20.49 -10.60
N ARG A 33 18.10 20.01 -9.50
CA ARG A 33 18.18 18.59 -9.29
C ARG A 33 17.39 18.15 -8.08
N ALA A 34 16.25 17.57 -8.35
CA ALA A 34 15.35 17.08 -7.36
C ALA A 34 14.86 15.73 -7.82
N LEU A 35 14.57 14.86 -6.90
CA LEU A 35 14.10 13.56 -7.25
C LEU A 35 12.75 13.32 -6.62
N LEU A 36 11.76 13.14 -7.45
CA LEU A 36 10.42 12.87 -7.01
C LEU A 36 10.24 11.36 -6.84
N LEU A 37 9.28 10.97 -6.04
CA LEU A 37 9.04 9.57 -5.82
C LEU A 37 8.10 9.04 -6.89
N SER A 38 8.64 8.81 -8.04
CA SER A 38 7.92 8.27 -9.14
C SER A 38 8.11 6.76 -9.20
N GLU A 39 7.05 6.03 -9.00
CA GLU A 39 7.12 4.59 -9.03
C GLU A 39 6.00 4.04 -9.93
N PRO A 40 6.17 2.81 -10.47
CA PRO A 40 5.23 2.18 -11.41
C PRO A 40 3.73 2.18 -11.00
N SER A 41 3.36 1.54 -9.88
CA SER A 41 1.94 1.34 -9.56
C SER A 41 1.71 0.74 -8.17
N LEU A 42 2.61 0.97 -7.26
CA LEU A 42 2.48 0.39 -5.94
C LEU A 42 1.38 1.09 -5.17
N LEU A 43 1.33 2.42 -5.25
CA LEU A 43 0.32 3.20 -4.52
C LEU A 43 -1.11 2.83 -4.94
N ARG A 44 -1.29 2.46 -6.21
CA ARG A 44 -2.62 2.13 -6.71
C ARG A 44 -3.02 0.74 -6.21
N THR A 45 -2.04 -0.07 -5.94
CA THR A 45 -2.28 -1.42 -5.46
C THR A 45 -2.44 -1.42 -3.94
N VAL A 46 -1.68 -0.55 -3.30
CA VAL A 46 -1.63 -0.45 -1.86
C VAL A 46 -2.98 0.00 -1.27
N GLN A 47 -3.77 0.68 -2.09
CA GLN A 47 -5.10 1.09 -1.67
C GLN A 47 -6.12 -0.04 -1.89
N GLN A 48 -5.71 -1.08 -2.60
CA GLN A 48 -6.61 -2.18 -2.93
C GLN A 48 -6.32 -3.38 -2.05
N ILE A 49 -5.75 -3.11 -0.90
CA ILE A 49 -5.44 -4.15 0.05
C ILE A 49 -6.68 -4.41 0.88
N PRO A 50 -7.10 -5.67 1.02
CA PRO A 50 -8.24 -6.01 1.84
C PRO A 50 -7.94 -5.76 3.31
N GLY A 51 -8.80 -5.05 3.97
CA GLY A 51 -8.62 -4.77 5.36
C GLY A 51 -8.38 -3.32 5.62
N VAL A 52 -8.02 -2.59 4.57
CA VAL A 52 -7.76 -1.14 4.67
C VAL A 52 -9.03 -0.38 5.12
N GLY A 53 -10.16 -0.76 4.56
CA GLY A 53 -11.39 -0.14 4.95
C GLY A 53 -11.94 0.78 3.87
N LYS A 54 -12.73 0.21 2.96
CA LYS A 54 -13.31 0.95 1.84
C LYS A 54 -14.21 2.10 2.30
N VAL A 55 -14.90 1.90 3.41
CA VAL A 55 -15.84 2.90 3.90
C VAL A 55 -15.10 3.96 4.70
N LYS A 56 -13.95 3.60 5.22
CA LYS A 56 -13.19 4.50 6.06
C LYS A 56 -12.33 5.40 5.23
N ALA A 57 -12.35 5.21 3.91
CA ALA A 57 -11.49 5.97 2.97
C ALA A 57 -11.39 7.50 3.25
N PRO A 58 -12.52 8.26 3.41
CA PRO A 58 -12.45 9.70 3.72
C PRO A 58 -11.92 9.94 5.13
N LEU A 59 -12.33 9.11 6.06
CA LEU A 59 -11.87 9.17 7.42
C LEU A 59 -10.36 8.89 7.50
N LEU A 60 -9.92 7.92 6.72
CA LEU A 60 -8.51 7.62 6.58
C LEU A 60 -7.73 8.84 6.10
N LEU A 61 -8.34 9.62 5.20
CA LEU A 61 -7.71 10.84 4.68
C LEU A 61 -7.62 11.96 5.74
N GLN A 62 -8.32 11.77 6.83
CA GLN A 62 -8.24 12.70 7.96
C GLN A 62 -7.10 12.28 8.89
N LYS A 63 -6.50 11.15 8.58
CA LYS A 63 -5.39 10.62 9.34
C LYS A 63 -4.14 10.64 8.48
N PHE A 64 -4.29 10.10 7.30
CA PHE A 64 -3.25 9.97 6.35
C PHE A 64 -3.50 10.91 5.18
N PRO A 65 -2.46 11.55 4.64
CA PRO A 65 -2.58 12.46 3.49
C PRO A 65 -3.20 11.79 2.25
N SER A 66 -2.64 10.67 1.86
CA SER A 66 -3.11 9.92 0.71
C SER A 66 -2.72 8.46 0.88
N ILE A 67 -3.20 7.61 -0.01
CA ILE A 67 -2.99 6.15 0.04
C ILE A 67 -1.52 5.73 0.15
N GLN A 68 -0.63 6.50 -0.45
CA GLN A 68 0.79 6.17 -0.45
C GLN A 68 1.37 6.22 0.96
N GLN A 69 1.01 7.21 1.71
CA GLN A 69 1.46 7.30 3.09
C GLN A 69 0.60 6.36 3.93
N LEU A 70 -0.68 6.28 3.57
CA LEU A 70 -1.71 5.55 4.31
C LEU A 70 -1.30 4.12 4.60
N SER A 71 -1.19 3.32 3.59
CA SER A 71 -0.91 1.91 3.77
C SER A 71 0.55 1.65 4.14
N ASN A 72 1.40 2.61 3.87
CA ASN A 72 2.83 2.49 4.15
C ASN A 72 3.15 3.08 5.54
N ALA A 73 2.11 3.58 6.21
CA ALA A 73 2.22 4.11 7.58
C ALA A 73 2.56 3.00 8.53
N SER A 74 3.15 3.37 9.64
CA SER A 74 3.60 2.42 10.62
C SER A 74 2.40 1.67 11.24
N ILE A 75 2.69 0.50 11.81
CA ILE A 75 1.65 -0.37 12.41
C ILE A 75 0.79 0.42 13.39
N GLY A 76 1.43 1.29 14.15
CA GLY A 76 0.72 2.12 15.11
C GLY A 76 -0.34 3.02 14.48
N GLU A 77 -0.04 3.55 13.30
CA GLU A 77 -0.94 4.47 12.62
C GLU A 77 -2.10 3.67 12.03
N LEU A 78 -1.77 2.53 11.47
CA LEU A 78 -2.74 1.64 10.88
C LEU A 78 -3.65 1.01 11.94
N GLU A 79 -3.09 0.75 13.11
CA GLU A 79 -3.81 0.14 14.22
C GLU A 79 -4.88 1.09 14.71
N GLN A 80 -4.57 2.36 14.63
CA GLN A 80 -5.45 3.42 15.02
C GLN A 80 -6.73 3.46 14.23
N VAL A 81 -6.69 3.04 13.00
CA VAL A 81 -7.86 3.06 12.19
C VAL A 81 -8.51 1.71 12.11
N VAL A 82 -7.71 0.68 12.07
CA VAL A 82 -8.22 -0.66 12.07
C VAL A 82 -7.80 -1.43 13.31
N GLY A 83 -6.64 -2.02 13.27
CA GLY A 83 -6.18 -2.85 14.32
C GLY A 83 -4.82 -3.30 14.00
N GLN A 84 -4.11 -3.82 14.95
CA GLN A 84 -2.72 -4.20 14.77
C GLN A 84 -2.56 -5.36 13.81
N ALA A 85 -3.41 -6.35 13.93
CA ALA A 85 -3.33 -7.52 13.05
C ALA A 85 -3.66 -7.13 11.61
N VAL A 86 -4.58 -6.20 11.46
CA VAL A 86 -5.00 -5.74 10.15
C VAL A 86 -3.88 -4.91 9.58
N ALA A 87 -3.30 -4.12 10.44
CA ALA A 87 -2.17 -3.26 10.11
C ALA A 87 -1.03 -4.09 9.55
N GLN A 88 -0.78 -5.20 10.19
CA GLN A 88 0.25 -6.12 9.82
C GLN A 88 0.04 -6.68 8.42
N GLN A 89 -1.18 -7.10 8.09
CA GLN A 89 -1.43 -7.69 6.78
C GLN A 89 -1.31 -6.63 5.68
N ILE A 90 -1.64 -5.40 6.03
CA ILE A 90 -1.56 -4.27 5.12
C ILE A 90 -0.10 -3.86 4.92
N HIS A 91 0.61 -3.70 6.00
CA HIS A 91 1.99 -3.26 5.95
C HIS A 91 2.87 -4.37 5.37
N ALA A 92 2.62 -5.62 5.75
CA ALA A 92 3.40 -6.74 5.23
C ALA A 92 3.04 -7.07 3.78
N PHE A 93 1.95 -6.49 3.29
CA PHE A 93 1.48 -6.72 1.93
C PHE A 93 2.54 -6.34 0.92
N PHE A 94 3.05 -5.14 1.04
CA PHE A 94 4.07 -4.68 0.12
C PHE A 94 5.44 -5.21 0.48
N THR A 95 5.62 -5.53 1.75
CA THR A 95 6.85 -6.15 2.21
C THR A 95 7.08 -7.51 1.53
N GLN A 96 6.06 -8.33 1.50
CA GLN A 96 6.13 -9.66 0.92
C GLN A 96 6.14 -9.57 -0.61
N PRO A 97 7.18 -10.08 -1.27
CA PRO A 97 7.28 -10.04 -2.71
C PRO A 97 6.46 -11.14 -3.39
N ARG A 98 5.97 -10.81 -4.53
CA ARG A 98 5.18 -11.68 -5.33
C ARG A 98 5.36 -11.21 -6.75
#